data_2LSY
#
_entry.id   2LSY
#
_entity_poly.entity_id   1
_entity_poly.type   'polypeptide(L)'
_entity_poly.pdbx_seq_one_letter_code
;GNLAGAVEFNDVKTLLREWITTISDPMEEDILQVVKYCTDLIEEKDLEKLDLVIKYMKRLMQQSVESVWNMAFDFILDNV
QVVLQQTYGSTLKVT
;
_entity_poly.pdbx_strand_id   A
#
# COMPACT_ATOMS: atom_id res chain seq x y z
N GLY A 1 2.54 8.12 -7.55
CA GLY A 1 3.02 6.93 -8.28
C GLY A 1 4.43 6.51 -7.86
N ASN A 2 5.35 7.49 -7.79
CA ASN A 2 6.75 7.26 -7.34
C ASN A 2 6.79 7.26 -5.79
N LEU A 3 6.83 6.05 -5.20
CA LEU A 3 6.79 5.88 -3.73
C LEU A 3 8.12 5.28 -3.26
N ALA A 4 8.78 5.97 -2.29
CA ALA A 4 10.08 5.56 -1.70
C ALA A 4 11.19 5.47 -2.77
N GLY A 5 11.03 6.24 -3.86
CA GLY A 5 11.95 6.22 -5.01
C GLY A 5 11.50 5.26 -6.11
N ALA A 6 10.75 4.22 -5.72
CA ALA A 6 10.33 3.13 -6.61
C ALA A 6 9.16 3.58 -7.52
N VAL A 7 9.32 3.35 -8.85
CA VAL A 7 8.37 3.83 -9.87
C VAL A 7 7.65 2.64 -10.55
N GLU A 8 8.42 1.62 -11.01
CA GLU A 8 7.87 0.44 -11.72
C GLU A 8 7.21 -0.56 -10.74
N PHE A 9 6.46 -1.53 -11.28
CA PHE A 9 5.58 -2.44 -10.49
C PHE A 9 6.41 -3.31 -9.51
N ASN A 10 7.32 -4.10 -10.08
CA ASN A 10 8.21 -5.02 -9.33
C ASN A 10 9.30 -4.23 -8.58
N ASP A 11 9.63 -3.03 -9.09
CA ASP A 11 10.56 -2.08 -8.44
C ASP A 11 9.95 -1.59 -7.10
N VAL A 12 8.62 -1.35 -7.12
CA VAL A 12 7.84 -1.00 -5.92
C VAL A 12 7.82 -2.19 -4.93
N LYS A 13 7.56 -3.40 -5.44
CA LYS A 13 7.54 -4.61 -4.59
C LYS A 13 8.89 -4.79 -3.85
N THR A 14 10.00 -4.68 -4.60
CA THR A 14 11.36 -4.87 -4.08
C THR A 14 11.71 -3.81 -3.02
N LEU A 15 11.68 -2.53 -3.44
CA LEU A 15 12.17 -1.41 -2.60
C LEU A 15 11.27 -1.14 -1.39
N LEU A 16 9.94 -1.31 -1.55
CA LEU A 16 8.97 -1.13 -0.45
C LEU A 16 8.99 -2.33 0.51
N ARG A 17 9.40 -3.53 0.01
CA ARG A 17 9.66 -4.70 0.89
C ARG A 17 10.83 -4.41 1.83
N GLU A 18 11.96 -4.03 1.22
CA GLU A 18 13.20 -3.69 1.93
C GLU A 18 12.96 -2.52 2.91
N TRP A 19 12.07 -1.60 2.49
CA TRP A 19 11.64 -0.44 3.29
C TRP A 19 10.92 -0.91 4.59
N ILE A 20 9.87 -1.74 4.43
CA ILE A 20 9.03 -2.21 5.55
C ILE A 20 9.80 -3.12 6.53
N THR A 21 10.79 -3.88 6.00
CA THR A 21 11.59 -4.82 6.80
C THR A 21 12.73 -4.12 7.58
N THR A 22 13.26 -3.00 7.04
CA THR A 22 14.34 -2.23 7.72
C THR A 22 13.74 -1.24 8.75
N ILE A 23 12.80 -0.41 8.27
CA ILE A 23 12.07 0.55 9.10
C ILE A 23 11.17 -0.23 10.08
N SER A 24 11.40 -0.05 11.40
CA SER A 24 10.62 -0.74 12.45
C SER A 24 9.42 0.12 12.91
N ASP A 25 9.35 1.37 12.42
CA ASP A 25 8.33 2.36 12.83
C ASP A 25 8.02 3.31 11.65
N PRO A 26 6.86 3.13 10.95
CA PRO A 26 6.40 4.12 9.96
C PRO A 26 5.83 5.37 10.66
N MET A 27 6.31 6.55 10.24
CA MET A 27 5.76 7.83 10.68
C MET A 27 4.46 8.09 9.92
N GLU A 28 3.63 9.04 10.39
CA GLU A 28 2.33 9.35 9.76
C GLU A 28 2.52 9.76 8.28
N GLU A 29 3.61 10.50 7.99
CA GLU A 29 3.97 10.89 6.62
C GLU A 29 4.16 9.67 5.70
N ASP A 30 4.82 8.62 6.23
CA ASP A 30 5.08 7.35 5.49
C ASP A 30 3.75 6.64 5.19
N ILE A 31 2.85 6.64 6.19
CA ILE A 31 1.51 6.04 6.08
C ILE A 31 0.68 6.76 4.98
N LEU A 32 0.69 8.11 5.04
CA LEU A 32 -0.07 8.98 4.12
C LEU A 32 0.47 8.87 2.69
N GLN A 33 1.79 8.64 2.55
CA GLN A 33 2.45 8.40 1.25
C GLN A 33 1.85 7.17 0.55
N VAL A 34 1.75 6.06 1.29
CA VAL A 34 1.26 4.78 0.75
C VAL A 34 -0.27 4.82 0.49
N VAL A 35 -1.02 5.60 1.30
CA VAL A 35 -2.45 5.88 1.04
C VAL A 35 -2.59 6.61 -0.31
N LYS A 36 -1.82 7.69 -0.47
CA LYS A 36 -1.79 8.53 -1.70
C LYS A 36 -1.38 7.72 -2.92
N TYR A 37 -0.43 6.77 -2.73
CA TYR A 37 0.07 5.88 -3.79
C TYR A 37 -1.05 4.98 -4.31
N CYS A 38 -1.68 4.27 -3.37
CA CYS A 38 -2.75 3.33 -3.65
C CYS A 38 -4.04 4.04 -4.12
N THR A 39 -4.12 5.36 -3.87
CA THR A 39 -5.18 6.24 -4.43
C THR A 39 -4.80 6.72 -5.85
N ASP A 40 -3.49 6.99 -6.08
CA ASP A 40 -2.96 7.49 -7.36
C ASP A 40 -3.23 6.50 -8.48
N LEU A 41 -2.91 5.22 -8.23
CA LEU A 41 -3.08 4.14 -9.21
C LEU A 41 -4.58 3.85 -9.49
N ILE A 42 -5.46 4.22 -8.54
CA ILE A 42 -6.93 4.19 -8.74
C ILE A 42 -7.34 5.28 -9.75
N GLU A 43 -6.70 6.47 -9.62
CA GLU A 43 -6.92 7.61 -10.53
C GLU A 43 -6.24 7.38 -11.90
N GLU A 44 -5.18 6.56 -11.91
CA GLU A 44 -4.48 6.13 -13.14
C GLU A 44 -5.12 4.85 -13.70
N LYS A 45 -6.18 4.36 -12.99
CA LYS A 45 -7.04 3.24 -13.42
C LYS A 45 -6.30 1.89 -13.50
N ASP A 46 -5.08 1.83 -12.92
CA ASP A 46 -4.28 0.61 -12.90
C ASP A 46 -4.68 -0.20 -11.66
N LEU A 47 -5.73 -1.02 -11.82
CA LEU A 47 -6.26 -1.90 -10.76
C LEU A 47 -5.40 -3.15 -10.60
N GLU A 48 -4.47 -3.38 -11.56
CA GLU A 48 -3.44 -4.42 -11.45
C GLU A 48 -2.49 -4.04 -10.30
N LYS A 49 -2.17 -2.74 -10.26
CA LYS A 49 -1.35 -2.12 -9.20
C LYS A 49 -2.05 -2.20 -7.84
N LEU A 50 -3.38 -2.02 -7.82
CA LEU A 50 -4.19 -2.10 -6.60
C LEU A 50 -4.12 -3.53 -6.03
N ASP A 51 -4.36 -4.50 -6.92
CA ASP A 51 -4.26 -5.94 -6.62
C ASP A 51 -2.91 -6.28 -5.93
N LEU A 52 -1.80 -5.90 -6.63
CA LEU A 52 -0.42 -6.07 -6.16
C LEU A 52 -0.20 -5.44 -4.79
N VAL A 53 -0.41 -4.11 -4.69
CA VAL A 53 0.00 -3.33 -3.51
C VAL A 53 -0.77 -3.77 -2.25
N ILE A 54 -2.08 -4.11 -2.39
CA ILE A 54 -2.91 -4.54 -1.24
C ILE A 54 -2.42 -5.89 -0.67
N LYS A 55 -2.38 -6.94 -1.54
CA LYS A 55 -2.04 -8.30 -1.08
C LYS A 55 -0.57 -8.36 -0.58
N TYR A 56 0.31 -7.66 -1.31
CA TYR A 56 1.76 -7.71 -1.06
C TYR A 56 2.10 -6.87 0.17
N MET A 57 1.39 -5.72 0.39
CA MET A 57 1.56 -4.91 1.61
C MET A 57 1.28 -5.77 2.83
N LYS A 58 0.11 -6.46 2.83
CA LYS A 58 -0.29 -7.35 3.93
C LYS A 58 0.84 -8.35 4.26
N ARG A 59 1.36 -9.00 3.19
CA ARG A 59 2.50 -9.94 3.29
C ARG A 59 3.72 -9.29 4.00
N LEU A 60 4.03 -8.04 3.62
CA LEU A 60 5.20 -7.30 4.14
C LEU A 60 5.02 -6.87 5.60
N MET A 61 3.79 -6.45 5.95
CA MET A 61 3.44 -6.03 7.32
C MET A 61 3.45 -7.24 8.29
N GLN A 62 3.16 -8.44 7.75
CA GLN A 62 3.25 -9.71 8.52
C GLN A 62 4.69 -10.23 8.54
N GLN A 63 5.43 -9.93 7.46
CA GLN A 63 6.87 -10.29 7.32
C GLN A 63 7.73 -9.44 8.28
N SER A 64 7.24 -8.22 8.52
CA SER A 64 7.78 -7.31 9.53
C SER A 64 7.19 -7.73 10.89
N VAL A 65 8.05 -7.85 11.92
CA VAL A 65 7.66 -8.38 13.25
C VAL A 65 6.91 -7.32 14.09
N GLU A 66 6.84 -6.07 13.59
CA GLU A 66 6.26 -4.93 14.30
C GLU A 66 4.75 -4.79 14.04
N SER A 67 3.98 -4.58 15.13
CA SER A 67 2.52 -4.41 15.10
C SER A 67 2.11 -2.99 14.63
N VAL A 68 3.08 -2.05 14.60
CA VAL A 68 2.85 -0.68 14.11
C VAL A 68 2.59 -0.67 12.59
N TRP A 69 3.25 -1.61 11.88
CA TRP A 69 3.01 -1.81 10.43
C TRP A 69 1.64 -2.43 10.17
N ASN A 70 1.11 -3.18 11.15
CA ASN A 70 -0.21 -3.81 11.05
C ASN A 70 -1.33 -2.76 11.20
N MET A 71 -1.13 -1.79 12.13
CA MET A 71 -2.07 -0.66 12.32
C MET A 71 -1.96 0.36 11.16
N ALA A 72 -0.72 0.53 10.67
CA ALA A 72 -0.42 1.38 9.50
C ALA A 72 -1.19 0.84 8.28
N PHE A 73 -1.04 -0.47 8.04
CA PHE A 73 -1.74 -1.19 6.95
C PHE A 73 -3.25 -1.10 7.11
N ASP A 74 -3.74 -1.21 8.35
CA ASP A 74 -5.19 -1.18 8.65
C ASP A 74 -5.79 0.17 8.22
N PHE A 75 -5.05 1.27 8.48
CA PHE A 75 -5.46 2.64 8.07
C PHE A 75 -5.37 2.82 6.53
N ILE A 76 -4.23 2.39 5.95
CA ILE A 76 -3.97 2.52 4.49
C ILE A 76 -5.05 1.76 3.70
N LEU A 77 -5.18 0.46 4.02
CA LEU A 77 -6.18 -0.46 3.45
C LEU A 77 -7.58 0.19 3.52
N ASP A 78 -7.99 0.59 4.73
CA ASP A 78 -9.32 1.20 5.01
C ASP A 78 -9.63 2.37 4.04
N ASN A 79 -8.72 3.35 4.03
CA ASN A 79 -8.89 4.60 3.26
C ASN A 79 -9.01 4.32 1.75
N VAL A 80 -8.14 3.42 1.26
CA VAL A 80 -8.05 3.05 -0.16
C VAL A 80 -9.27 2.22 -0.62
N GLN A 81 -9.83 1.41 0.31
CA GLN A 81 -11.09 0.68 0.09
C GLN A 81 -12.21 1.70 -0.17
N VAL A 82 -12.29 2.72 0.71
CA VAL A 82 -13.29 3.81 0.60
C VAL A 82 -13.16 4.57 -0.75
N VAL A 83 -11.90 4.87 -1.15
CA VAL A 83 -11.60 5.55 -2.44
C VAL A 83 -12.18 4.74 -3.63
N LEU A 84 -11.98 3.41 -3.61
CA LEU A 84 -12.54 2.50 -4.62
C LEU A 84 -14.08 2.48 -4.61
N GLN A 85 -14.68 2.58 -3.40
CA GLN A 85 -16.16 2.56 -3.24
C GLN A 85 -16.81 3.85 -3.79
N GLN A 86 -16.04 4.95 -3.83
CA GLN A 86 -16.51 6.23 -4.39
C GLN A 86 -16.23 6.30 -5.92
N THR A 87 -14.98 5.98 -6.30
CA THR A 87 -14.45 6.17 -7.67
C THR A 87 -15.04 5.13 -8.65
N TYR A 88 -15.07 3.86 -8.23
CA TYR A 88 -15.57 2.73 -9.06
C TYR A 88 -16.94 2.23 -8.56
N GLY A 89 -17.17 2.37 -7.24
CA GLY A 89 -18.36 1.82 -6.60
C GLY A 89 -18.08 0.50 -5.90
N SER A 90 -17.01 -0.20 -6.35
CA SER A 90 -16.60 -1.49 -5.81
C SER A 90 -15.08 -1.50 -5.55
N THR A 91 -14.64 -2.45 -4.72
CA THR A 91 -13.24 -2.68 -4.41
C THR A 91 -12.73 -3.95 -5.11
N LEU A 92 -11.40 -4.08 -5.23
CA LEU A 92 -10.76 -5.30 -5.76
C LEU A 92 -10.91 -6.41 -4.69
N LYS A 93 -11.12 -7.66 -5.14
CA LYS A 93 -11.39 -8.84 -4.27
C LYS A 93 -10.28 -9.12 -3.22
N VAL A 94 -9.10 -8.53 -3.43
CA VAL A 94 -7.92 -8.77 -2.59
C VAL A 94 -7.98 -8.01 -1.25
N THR A 95 -7.62 -8.72 -0.18
CA THR A 95 -7.48 -8.19 1.17
C THR A 95 -6.30 -8.95 1.85
N GLY A 1 2.34 7.48 -9.58
CA GLY A 1 3.35 6.83 -10.45
C GLY A 1 4.60 6.42 -9.67
N ASN A 2 5.43 7.42 -9.34
CA ASN A 2 6.69 7.21 -8.58
C ASN A 2 6.43 7.45 -7.08
N LEU A 3 6.87 6.50 -6.23
CA LEU A 3 6.65 6.55 -4.78
C LEU A 3 7.89 5.99 -4.06
N ALA A 4 8.36 6.72 -3.02
CA ALA A 4 9.56 6.40 -2.23
C ALA A 4 10.84 6.46 -3.10
N GLY A 5 10.72 7.09 -4.29
CA GLY A 5 11.78 7.09 -5.31
C GLY A 5 11.60 5.98 -6.34
N ALA A 6 10.86 4.93 -5.95
CA ALA A 6 10.65 3.72 -6.77
C ALA A 6 9.57 3.99 -7.84
N VAL A 7 9.93 3.84 -9.14
CA VAL A 7 9.08 4.27 -10.27
C VAL A 7 8.23 3.10 -10.79
N GLU A 8 8.93 2.06 -11.31
CA GLU A 8 8.29 0.92 -12.00
C GLU A 8 7.62 -0.06 -11.01
N PHE A 9 7.00 -1.12 -11.54
CA PHE A 9 6.15 -2.02 -10.74
C PHE A 9 7.00 -2.83 -9.74
N ASN A 10 8.06 -3.49 -10.24
CA ASN A 10 8.99 -4.28 -9.40
C ASN A 10 9.89 -3.37 -8.55
N ASP A 11 10.11 -2.12 -9.02
CA ASP A 11 10.80 -1.07 -8.22
C ASP A 11 10.04 -0.87 -6.90
N VAL A 12 8.74 -0.55 -7.03
CA VAL A 12 7.85 -0.30 -5.89
C VAL A 12 7.82 -1.51 -4.95
N LYS A 13 7.67 -2.73 -5.51
CA LYS A 13 7.65 -3.96 -4.69
C LYS A 13 8.96 -4.14 -3.88
N THR A 14 10.10 -4.00 -4.56
CA THR A 14 11.45 -4.21 -3.99
C THR A 14 11.78 -3.18 -2.86
N LEU A 15 11.62 -1.88 -3.19
CA LEU A 15 12.06 -0.77 -2.33
C LEU A 15 11.11 -0.59 -1.12
N LEU A 16 9.80 -0.79 -1.34
CA LEU A 16 8.80 -0.71 -0.26
C LEU A 16 8.87 -1.98 0.62
N ARG A 17 9.31 -3.13 0.04
CA ARG A 17 9.55 -4.38 0.81
C ARG A 17 10.66 -4.18 1.84
N GLU A 18 11.85 -3.77 1.35
CA GLU A 18 13.03 -3.57 2.21
C GLU A 18 12.74 -2.49 3.27
N TRP A 19 11.99 -1.44 2.86
CA TRP A 19 11.49 -0.38 3.77
C TRP A 19 10.70 -0.97 4.97
N ILE A 20 9.71 -1.86 4.67
CA ILE A 20 8.89 -2.52 5.73
C ILE A 20 9.75 -3.44 6.63
N THR A 21 10.76 -4.08 6.02
CA THR A 21 11.61 -5.08 6.70
C THR A 21 12.89 -4.48 7.34
N THR A 22 13.09 -3.14 7.24
CA THR A 22 14.23 -2.45 7.89
C THR A 22 13.73 -1.50 9.00
N ILE A 23 12.85 -0.57 8.59
CA ILE A 23 12.31 0.49 9.45
C ILE A 23 11.47 -0.11 10.59
N SER A 24 11.79 0.29 11.84
CA SER A 24 11.11 -0.19 13.03
C SER A 24 9.80 0.58 13.24
N ASP A 25 9.93 1.91 13.21
CA ASP A 25 8.82 2.85 13.45
C ASP A 25 8.62 3.73 12.19
N PRO A 26 7.68 3.35 11.27
CA PRO A 26 7.32 4.19 10.11
C PRO A 26 6.57 5.45 10.59
N MET A 27 7.02 6.62 10.14
CA MET A 27 6.41 7.91 10.52
C MET A 27 5.20 8.19 9.64
N GLU A 28 4.53 9.32 9.90
CA GLU A 28 3.28 9.68 9.21
C GLU A 28 3.51 9.90 7.71
N GLU A 29 4.68 10.45 7.38
CA GLU A 29 5.12 10.71 6.01
C GLU A 29 5.21 9.38 5.22
N ASP A 30 5.83 8.39 5.88
CA ASP A 30 6.05 7.03 5.36
C ASP A 30 4.73 6.34 5.00
N ILE A 31 3.76 6.44 5.93
CA ILE A 31 2.45 5.78 5.82
C ILE A 31 1.56 6.45 4.75
N LEU A 32 1.51 7.81 4.77
CA LEU A 32 0.69 8.61 3.84
C LEU A 32 1.15 8.43 2.39
N GLN A 33 2.46 8.25 2.18
CA GLN A 33 3.02 7.90 0.85
C GLN A 33 2.29 6.71 0.20
N VAL A 34 2.15 5.63 0.98
CA VAL A 34 1.61 4.35 0.51
C VAL A 34 0.09 4.45 0.27
N VAL A 35 -0.61 5.20 1.15
CA VAL A 35 -2.06 5.47 1.00
C VAL A 35 -2.31 6.17 -0.35
N LYS A 36 -1.56 7.26 -0.56
CA LYS A 36 -1.73 8.16 -1.72
C LYS A 36 -1.23 7.52 -3.02
N TYR A 37 -0.33 6.53 -2.94
CA TYR A 37 0.12 5.76 -4.13
C TYR A 37 -0.99 4.79 -4.57
N CYS A 38 -1.47 3.99 -3.61
CA CYS A 38 -2.53 3.01 -3.85
C CYS A 38 -3.86 3.69 -4.20
N THR A 39 -3.99 4.98 -3.85
CA THR A 39 -5.10 5.84 -4.30
C THR A 39 -4.82 6.39 -5.72
N ASP A 40 -3.55 6.81 -5.96
CA ASP A 40 -3.08 7.45 -7.22
C ASP A 40 -3.40 6.60 -8.46
N LEU A 41 -3.14 5.29 -8.33
CA LEU A 41 -3.38 4.32 -9.41
C LEU A 41 -4.89 3.99 -9.58
N ILE A 42 -5.70 4.11 -8.49
CA ILE A 42 -7.18 3.98 -8.58
C ILE A 42 -7.76 5.14 -9.40
N GLU A 43 -7.13 6.32 -9.24
CA GLU A 43 -7.47 7.54 -9.98
C GLU A 43 -7.10 7.42 -11.46
N GLU A 44 -6.02 6.66 -11.75
CA GLU A 44 -5.62 6.28 -13.13
C GLU A 44 -6.37 5.03 -13.62
N LYS A 45 -7.38 4.61 -12.83
CA LYS A 45 -8.36 3.56 -13.18
C LYS A 45 -7.68 2.18 -13.34
N ASP A 46 -6.51 2.03 -12.70
CA ASP A 46 -5.70 0.81 -12.75
C ASP A 46 -5.83 0.04 -11.44
N LEU A 47 -6.70 -0.98 -11.45
CA LEU A 47 -6.88 -1.92 -10.33
C LEU A 47 -5.88 -3.08 -10.40
N GLU A 48 -5.06 -3.14 -11.47
CA GLU A 48 -4.00 -4.17 -11.63
C GLU A 48 -2.94 -4.04 -10.51
N LYS A 49 -2.28 -2.88 -10.49
CA LYS A 49 -1.25 -2.56 -9.48
C LYS A 49 -1.87 -2.37 -8.09
N LEU A 50 -3.20 -2.09 -8.04
CA LEU A 50 -3.98 -2.04 -6.78
C LEU A 50 -4.00 -3.43 -6.15
N ASP A 51 -4.49 -4.40 -6.93
CA ASP A 51 -4.57 -5.82 -6.54
C ASP A 51 -3.20 -6.32 -6.01
N LEU A 52 -2.15 -6.02 -6.81
CA LEU A 52 -0.74 -6.32 -6.47
C LEU A 52 -0.31 -5.71 -5.12
N VAL A 53 -0.51 -4.38 -4.97
CA VAL A 53 0.02 -3.64 -3.81
C VAL A 53 -0.76 -3.99 -2.52
N ILE A 54 -2.06 -4.30 -2.65
CA ILE A 54 -2.93 -4.67 -1.50
C ILE A 54 -2.51 -6.02 -0.90
N LYS A 55 -2.42 -7.06 -1.76
CA LYS A 55 -2.07 -8.42 -1.31
C LYS A 55 -0.61 -8.47 -0.81
N TYR A 56 0.27 -7.67 -1.46
CA TYR A 56 1.70 -7.66 -1.15
C TYR A 56 1.97 -6.83 0.11
N MET A 57 1.18 -5.75 0.33
CA MET A 57 1.23 -4.99 1.59
C MET A 57 0.85 -5.90 2.74
N LYS A 58 -0.23 -6.68 2.57
CA LYS A 58 -0.67 -7.63 3.60
C LYS A 58 0.45 -8.63 3.94
N ARG A 59 1.09 -9.16 2.89
CA ARG A 59 2.20 -10.12 3.01
C ARG A 59 3.36 -9.56 3.88
N LEU A 60 3.79 -8.33 3.56
CA LEU A 60 4.98 -7.69 4.17
C LEU A 60 4.66 -7.10 5.56
N MET A 61 3.49 -6.46 5.69
CA MET A 61 3.01 -5.85 6.96
C MET A 61 2.64 -6.93 7.99
N GLN A 62 2.35 -8.17 7.54
CA GLN A 62 2.11 -9.32 8.45
C GLN A 62 3.40 -10.12 8.70
N GLN A 63 4.33 -10.05 7.72
CA GLN A 63 5.69 -10.61 7.87
C GLN A 63 6.43 -9.85 8.99
N SER A 64 6.41 -8.52 8.90
CA SER A 64 6.78 -7.62 9.99
C SER A 64 5.58 -7.55 10.97
N VAL A 65 5.57 -8.44 11.97
CA VAL A 65 4.44 -8.62 12.95
C VAL A 65 4.36 -7.43 13.97
N GLU A 66 5.15 -6.38 13.71
CA GLU A 66 5.25 -5.19 14.54
C GLU A 66 3.90 -4.45 14.59
N SER A 67 3.47 -4.09 15.81
CA SER A 67 2.17 -3.46 16.07
C SER A 67 1.97 -2.20 15.18
N VAL A 68 3.04 -1.40 15.03
CA VAL A 68 3.01 -0.14 14.26
C VAL A 68 2.77 -0.41 12.74
N TRP A 69 3.38 -1.48 12.19
CA TRP A 69 3.23 -1.86 10.76
C TRP A 69 1.84 -2.46 10.47
N ASN A 70 1.26 -3.12 11.48
CA ASN A 70 -0.06 -3.76 11.39
C ASN A 70 -1.18 -2.69 11.50
N MET A 71 -0.94 -1.66 12.35
CA MET A 71 -1.85 -0.50 12.50
C MET A 71 -1.74 0.42 11.27
N ALA A 72 -0.50 0.50 10.72
CA ALA A 72 -0.22 1.21 9.46
C ALA A 72 -1.02 0.57 8.33
N PHE A 73 -0.92 -0.78 8.23
CA PHE A 73 -1.65 -1.57 7.22
C PHE A 73 -3.16 -1.38 7.35
N ASP A 74 -3.65 -1.42 8.59
CA ASP A 74 -5.07 -1.23 8.91
C ASP A 74 -5.60 0.10 8.32
N PHE A 75 -4.88 1.18 8.62
CA PHE A 75 -5.23 2.53 8.15
C PHE A 75 -5.14 2.66 6.61
N ILE A 76 -3.99 2.25 6.05
CA ILE A 76 -3.71 2.32 4.59
C ILE A 76 -4.79 1.56 3.81
N LEU A 77 -4.93 0.25 4.15
CA LEU A 77 -5.91 -0.67 3.51
C LEU A 77 -7.32 -0.05 3.55
N ASP A 78 -7.71 0.48 4.73
CA ASP A 78 -9.05 1.07 4.93
C ASP A 78 -9.34 2.18 3.90
N ASN A 79 -8.55 3.27 3.95
CA ASN A 79 -8.80 4.49 3.13
C ASN A 79 -8.69 4.19 1.62
N VAL A 80 -7.74 3.31 1.25
CA VAL A 80 -7.55 2.88 -0.14
C VAL A 80 -8.79 2.12 -0.68
N GLN A 81 -9.33 1.22 0.17
CA GLN A 81 -10.56 0.44 -0.15
C GLN A 81 -11.79 1.38 -0.25
N VAL A 82 -11.81 2.45 0.56
CA VAL A 82 -12.91 3.46 0.53
C VAL A 82 -12.91 4.18 -0.84
N VAL A 83 -11.71 4.64 -1.30
CA VAL A 83 -11.53 5.30 -2.61
C VAL A 83 -11.98 4.37 -3.75
N LEU A 84 -11.61 3.09 -3.61
CA LEU A 84 -11.99 2.00 -4.54
C LEU A 84 -13.53 1.91 -4.65
N GLN A 85 -14.22 2.03 -3.50
CA GLN A 85 -15.69 1.99 -3.42
C GLN A 85 -16.34 3.30 -3.93
N GLN A 86 -15.59 4.43 -3.87
CA GLN A 86 -16.07 5.73 -4.39
C GLN A 86 -15.94 5.79 -5.92
N THR A 87 -15.01 5.00 -6.47
CA THR A 87 -14.73 4.98 -7.91
C THR A 87 -15.54 3.87 -8.63
N TYR A 88 -15.47 2.64 -8.08
CA TYR A 88 -16.04 1.41 -8.70
C TYR A 88 -17.25 0.88 -7.92
N GLY A 89 -17.28 1.08 -6.60
CA GLY A 89 -18.38 0.60 -5.76
C GLY A 89 -18.00 -0.63 -4.94
N SER A 90 -17.47 -1.65 -5.64
CA SER A 90 -17.02 -2.89 -5.01
C SER A 90 -15.49 -2.93 -4.97
N THR A 91 -14.94 -3.56 -3.91
CA THR A 91 -13.49 -3.74 -3.72
C THR A 91 -12.98 -4.97 -4.51
N LEU A 92 -11.65 -5.18 -4.52
CA LEU A 92 -11.05 -6.45 -4.97
C LEU A 92 -11.18 -7.50 -3.84
N LYS A 93 -11.22 -8.79 -4.22
CA LYS A 93 -11.34 -9.92 -3.28
C LYS A 93 -10.12 -9.98 -2.32
N VAL A 94 -8.98 -9.46 -2.80
CA VAL A 94 -7.75 -9.39 -1.99
C VAL A 94 -7.90 -8.27 -0.95
N THR A 95 -8.04 -8.69 0.33
CA THR A 95 -8.11 -7.81 1.49
C THR A 95 -7.89 -8.66 2.77
N GLY A 1 1.83 9.23 -9.74
CA GLY A 1 2.62 9.28 -8.50
C GLY A 1 3.59 8.11 -8.39
N ASN A 2 4.61 8.27 -7.54
CA ASN A 2 5.60 7.23 -7.22
C ASN A 2 5.78 7.18 -5.70
N LEU A 3 6.47 6.14 -5.19
CA LEU A 3 6.68 5.98 -3.75
C LEU A 3 8.12 5.53 -3.48
N ALA A 4 8.84 6.35 -2.69
CA ALA A 4 10.25 6.09 -2.29
C ALA A 4 11.20 6.02 -3.51
N GLY A 5 10.80 6.72 -4.61
CA GLY A 5 11.53 6.70 -5.88
C GLY A 5 10.99 5.66 -6.87
N ALA A 6 10.39 4.59 -6.31
CA ALA A 6 9.91 3.45 -7.11
C ALA A 6 8.57 3.79 -7.81
N VAL A 7 8.60 3.79 -9.16
CA VAL A 7 7.44 4.15 -9.99
C VAL A 7 6.76 2.87 -10.53
N GLU A 8 7.55 2.02 -11.21
CA GLU A 8 7.06 0.79 -11.87
C GLU A 8 6.76 -0.33 -10.86
N PHE A 9 6.01 -1.35 -11.32
CA PHE A 9 5.34 -2.36 -10.47
C PHE A 9 6.31 -3.08 -9.50
N ASN A 10 7.32 -3.75 -10.09
CA ASN A 10 8.22 -4.64 -9.34
C ASN A 10 9.28 -3.85 -8.56
N ASP A 11 9.57 -2.60 -9.03
CA ASP A 11 10.40 -1.64 -8.27
C ASP A 11 9.73 -1.31 -6.94
N VAL A 12 8.41 -1.04 -7.00
CA VAL A 12 7.59 -0.75 -5.81
C VAL A 12 7.58 -1.94 -4.85
N LYS A 13 7.36 -3.16 -5.40
CA LYS A 13 7.32 -4.39 -4.59
C LYS A 13 8.64 -4.56 -3.79
N THR A 14 9.77 -4.57 -4.51
CA THR A 14 11.11 -4.85 -3.94
C THR A 14 11.56 -3.75 -2.96
N LEU A 15 11.49 -2.48 -3.41
CA LEU A 15 12.01 -1.32 -2.66
C LEU A 15 11.21 -1.12 -1.36
N LEU A 16 9.87 -1.13 -1.48
CA LEU A 16 8.96 -0.95 -0.34
C LEU A 16 8.93 -2.20 0.56
N ARG A 17 9.30 -3.38 0.02
CA ARG A 17 9.54 -4.60 0.84
C ARG A 17 10.71 -4.34 1.80
N GLU A 18 11.82 -3.87 1.23
CA GLU A 18 13.05 -3.57 1.98
C GLU A 18 12.81 -2.43 2.98
N TRP A 19 11.91 -1.49 2.62
CA TRP A 19 11.47 -0.42 3.51
C TRP A 19 10.74 -1.01 4.75
N ILE A 20 9.75 -1.88 4.51
CA ILE A 20 8.91 -2.47 5.58
C ILE A 20 9.72 -3.43 6.50
N THR A 21 10.74 -4.10 5.93
CA THR A 21 11.53 -5.11 6.65
C THR A 21 12.75 -4.52 7.42
N THR A 22 13.31 -3.39 6.93
CA THR A 22 14.46 -2.72 7.60
C THR A 22 13.96 -1.70 8.63
N ILE A 23 13.02 -0.84 8.19
CA ILE A 23 12.40 0.19 9.03
C ILE A 23 11.37 -0.49 9.93
N SER A 24 11.64 -0.47 11.24
CA SER A 24 10.79 -1.11 12.26
C SER A 24 9.59 -0.22 12.63
N ASP A 25 9.78 1.10 12.51
CA ASP A 25 8.75 2.10 12.86
C ASP A 25 8.60 3.09 11.68
N PRO A 26 7.49 2.97 10.88
CA PRO A 26 7.23 3.90 9.76
C PRO A 26 6.77 5.28 10.29
N MET A 27 7.26 6.36 9.65
CA MET A 27 6.84 7.72 10.00
C MET A 27 5.43 7.98 9.43
N GLU A 28 4.66 8.87 10.08
CA GLU A 28 3.25 9.16 9.70
C GLU A 28 3.14 9.61 8.25
N GLU A 29 4.04 10.51 7.84
CA GLU A 29 4.08 11.07 6.47
C GLU A 29 4.35 9.96 5.41
N ASP A 30 5.15 8.95 5.81
CA ASP A 30 5.46 7.78 4.97
C ASP A 30 4.24 6.86 4.82
N ILE A 31 3.51 6.69 5.92
CA ILE A 31 2.25 5.89 5.96
C ILE A 31 1.20 6.54 5.04
N LEU A 32 1.07 7.87 5.16
CA LEU A 32 0.14 8.69 4.35
C LEU A 32 0.56 8.65 2.87
N GLN A 33 1.88 8.65 2.62
CA GLN A 33 2.46 8.53 1.25
C GLN A 33 1.96 7.24 0.56
N VAL A 34 2.05 6.11 1.28
CA VAL A 34 1.65 4.79 0.74
C VAL A 34 0.14 4.77 0.43
N VAL A 35 -0.66 5.49 1.26
CA VAL A 35 -2.11 5.70 0.99
C VAL A 35 -2.27 6.49 -0.33
N LYS A 36 -1.49 7.58 -0.46
CA LYS A 36 -1.53 8.50 -1.63
C LYS A 36 -1.17 7.79 -2.94
N TYR A 37 -0.24 6.83 -2.86
CA TYR A 37 0.21 6.05 -4.04
C TYR A 37 -0.87 5.04 -4.45
N CYS A 38 -1.34 4.29 -3.45
CA CYS A 38 -2.38 3.27 -3.65
C CYS A 38 -3.75 3.89 -4.00
N THR A 39 -3.90 5.20 -3.73
CA THR A 39 -5.05 6.01 -4.17
C THR A 39 -4.80 6.56 -5.60
N ASP A 40 -3.53 6.96 -5.86
CA ASP A 40 -3.11 7.54 -7.17
C ASP A 40 -3.44 6.60 -8.32
N LEU A 41 -3.06 5.33 -8.16
CA LEU A 41 -3.25 4.29 -9.17
C LEU A 41 -4.76 3.93 -9.38
N ILE A 42 -5.60 4.19 -8.35
CA ILE A 42 -7.08 4.04 -8.46
C ILE A 42 -7.65 5.18 -9.32
N GLU A 43 -7.05 6.38 -9.16
CA GLU A 43 -7.36 7.57 -9.97
C GLU A 43 -6.81 7.41 -11.41
N GLU A 44 -5.72 6.63 -11.53
CA GLU A 44 -5.15 6.18 -12.82
C GLU A 44 -5.98 5.05 -13.44
N LYS A 45 -6.91 4.49 -12.61
CA LYS A 45 -7.88 3.45 -13.00
C LYS A 45 -7.19 2.10 -13.30
N ASP A 46 -5.95 1.92 -12.81
CA ASP A 46 -5.18 0.69 -12.98
C ASP A 46 -5.27 -0.17 -11.70
N LEU A 47 -6.24 -1.10 -11.69
CA LEU A 47 -6.47 -2.04 -10.59
C LEU A 47 -5.45 -3.20 -10.60
N GLU A 48 -4.64 -3.29 -11.66
CA GLU A 48 -3.46 -4.19 -11.68
C GLU A 48 -2.42 -3.70 -10.67
N LYS A 49 -2.14 -2.38 -10.74
CA LYS A 49 -1.25 -1.68 -9.79
C LYS A 49 -1.79 -1.82 -8.36
N LEU A 50 -3.14 -1.70 -8.21
CA LEU A 50 -3.84 -1.84 -6.93
C LEU A 50 -3.60 -3.23 -6.36
N ASP A 51 -3.92 -4.24 -7.18
CA ASP A 51 -3.82 -5.66 -6.79
C ASP A 51 -2.42 -5.96 -6.22
N LEU A 52 -1.39 -5.63 -7.03
CA LEU A 52 0.02 -5.89 -6.68
C LEU A 52 0.44 -5.16 -5.39
N VAL A 53 0.15 -3.85 -5.32
CA VAL A 53 0.62 -3.01 -4.19
C VAL A 53 -0.08 -3.40 -2.87
N ILE A 54 -1.39 -3.71 -2.93
CA ILE A 54 -2.23 -4.04 -1.76
C ILE A 54 -1.89 -5.43 -1.19
N LYS A 55 -1.77 -6.44 -2.08
CA LYS A 55 -1.52 -7.84 -1.68
C LYS A 55 -0.12 -7.99 -1.10
N TYR A 56 0.86 -7.32 -1.75
CA TYR A 56 2.27 -7.40 -1.35
C TYR A 56 2.45 -6.66 -0.01
N MET A 57 1.92 -5.41 0.04
CA MET A 57 1.89 -4.56 1.28
C MET A 57 1.39 -5.35 2.48
N LYS A 58 0.27 -6.07 2.24
CA LYS A 58 -0.38 -6.91 3.24
C LYS A 58 0.60 -7.92 3.82
N ARG A 59 1.14 -8.79 2.94
CA ARG A 59 2.04 -9.89 3.33
C ARG A 59 3.28 -9.38 4.12
N LEU A 60 3.75 -8.18 3.73
CA LEU A 60 4.95 -7.54 4.32
C LEU A 60 4.68 -6.93 5.70
N MET A 61 3.53 -6.27 5.85
CA MET A 61 3.15 -5.55 7.09
C MET A 61 2.58 -6.52 8.15
N GLN A 62 2.18 -7.72 7.68
CA GLN A 62 1.80 -8.84 8.56
C GLN A 62 3.05 -9.69 8.88
N GLN A 63 4.04 -9.68 7.94
CA GLN A 63 5.40 -10.22 8.19
C GLN A 63 6.07 -9.44 9.32
N SER A 64 5.94 -8.11 9.26
CA SER A 64 6.34 -7.21 10.33
C SER A 64 5.31 -7.32 11.48
N VAL A 65 5.65 -8.18 12.44
CA VAL A 65 4.77 -8.60 13.55
C VAL A 65 4.48 -7.43 14.54
N GLU A 66 5.34 -6.40 14.51
CA GLU A 66 5.21 -5.23 15.38
C GLU A 66 3.90 -4.46 15.10
N SER A 67 3.23 -4.09 16.21
CA SER A 67 1.88 -3.50 16.21
C SER A 67 1.81 -2.20 15.40
N VAL A 68 2.96 -1.50 15.26
CA VAL A 68 3.05 -0.24 14.51
C VAL A 68 2.77 -0.46 12.99
N TRP A 69 3.31 -1.56 12.44
CA TRP A 69 3.10 -1.93 11.01
C TRP A 69 1.72 -2.55 10.79
N ASN A 70 1.16 -3.14 11.85
CA ASN A 70 -0.19 -3.73 11.82
C ASN A 70 -1.26 -2.62 11.83
N MET A 71 -0.97 -1.54 12.57
CA MET A 71 -1.81 -0.31 12.62
C MET A 71 -1.66 0.48 11.31
N ALA A 72 -0.41 0.54 10.79
CA ALA A 72 -0.09 1.19 9.51
C ALA A 72 -0.86 0.53 8.37
N PHE A 73 -0.80 -0.81 8.33
CA PHE A 73 -1.51 -1.64 7.35
C PHE A 73 -3.03 -1.41 7.42
N ASP A 74 -3.57 -1.51 8.65
CA ASP A 74 -5.01 -1.39 8.91
C ASP A 74 -5.57 -0.06 8.35
N PHE A 75 -4.83 1.02 8.65
CA PHE A 75 -5.15 2.39 8.25
C PHE A 75 -5.07 2.57 6.71
N ILE A 76 -3.88 2.25 6.14
CA ILE A 76 -3.60 2.41 4.69
C ILE A 76 -4.64 1.64 3.86
N LEU A 77 -4.74 0.33 4.15
CA LEU A 77 -5.67 -0.58 3.46
C LEU A 77 -7.11 -0.02 3.51
N ASP A 78 -7.53 0.42 4.72
CA ASP A 78 -8.89 0.97 4.95
C ASP A 78 -9.22 2.10 3.96
N ASN A 79 -8.45 3.20 4.04
CA ASN A 79 -8.72 4.43 3.25
C ASN A 79 -8.67 4.14 1.73
N VAL A 80 -7.71 3.32 1.31
CA VAL A 80 -7.51 2.94 -0.10
C VAL A 80 -8.71 2.12 -0.64
N GLN A 81 -9.19 1.16 0.18
CA GLN A 81 -10.35 0.31 -0.20
C GLN A 81 -11.64 1.14 -0.30
N VAL A 82 -11.77 2.18 0.57
CA VAL A 82 -12.90 3.12 0.52
C VAL A 82 -12.92 3.88 -0.83
N VAL A 83 -11.75 4.45 -1.21
CA VAL A 83 -11.54 5.15 -2.50
C VAL A 83 -11.88 4.22 -3.67
N LEU A 84 -11.49 2.95 -3.54
CA LEU A 84 -11.71 1.89 -4.54
C LEU A 84 -13.23 1.69 -4.76
N GLN A 85 -14.01 1.68 -3.66
CA GLN A 85 -15.48 1.53 -3.74
C GLN A 85 -16.15 2.82 -4.27
N GLN A 86 -15.51 3.98 -4.05
CA GLN A 86 -16.00 5.28 -4.57
C GLN A 86 -15.77 5.39 -6.09
N THR A 87 -14.72 4.70 -6.60
CA THR A 87 -14.35 4.71 -8.03
C THR A 87 -15.10 3.60 -8.82
N TYR A 88 -14.90 2.34 -8.41
CA TYR A 88 -15.44 1.15 -9.11
C TYR A 88 -16.64 0.53 -8.40
N GLY A 89 -16.65 0.60 -7.07
CA GLY A 89 -17.69 -0.06 -6.25
C GLY A 89 -17.15 -1.32 -5.58
N SER A 90 -16.47 -2.16 -6.38
CA SER A 90 -15.94 -3.47 -5.91
C SER A 90 -14.42 -3.42 -5.67
N THR A 91 -13.98 -4.02 -4.55
CA THR A 91 -12.56 -4.08 -4.14
C THR A 91 -11.93 -5.43 -4.55
N LEU A 92 -10.59 -5.42 -4.78
CA LEU A 92 -9.84 -6.61 -5.17
C LEU A 92 -9.60 -7.52 -3.96
N LYS A 93 -10.26 -8.70 -3.97
CA LYS A 93 -10.11 -9.72 -2.92
C LYS A 93 -8.76 -10.46 -3.08
N VAL A 94 -7.73 -9.88 -2.45
CA VAL A 94 -6.36 -10.40 -2.50
C VAL A 94 -6.11 -11.39 -1.33
N THR A 95 -5.47 -12.54 -1.63
CA THR A 95 -5.11 -13.56 -0.64
C THR A 95 -3.59 -13.82 -0.67
N GLY A 1 2.16 10.55 -8.09
CA GLY A 1 3.36 10.77 -7.25
C GLY A 1 4.31 9.59 -7.31
N ASN A 2 5.06 9.37 -6.21
CA ASN A 2 6.01 8.24 -6.07
C ASN A 2 6.00 7.75 -4.61
N LEU A 3 6.15 6.43 -4.42
CA LEU A 3 6.10 5.81 -3.08
C LEU A 3 7.54 5.48 -2.66
N ALA A 4 8.12 6.30 -1.75
CA ALA A 4 9.52 6.12 -1.28
C ALA A 4 10.53 6.31 -2.44
N GLY A 5 10.13 7.09 -3.47
CA GLY A 5 10.93 7.29 -4.69
C GLY A 5 10.76 6.15 -5.70
N ALA A 6 9.70 5.34 -5.52
CA ALA A 6 9.38 4.21 -6.43
C ALA A 6 8.28 4.62 -7.41
N VAL A 7 8.57 4.46 -8.71
CA VAL A 7 7.69 4.90 -9.81
C VAL A 7 6.96 3.69 -10.42
N GLU A 8 7.76 2.73 -10.93
CA GLU A 8 7.24 1.52 -11.62
C GLU A 8 6.74 0.46 -10.62
N PHE A 9 6.11 -0.59 -11.19
CA PHE A 9 5.49 -1.70 -10.43
C PHE A 9 6.53 -2.39 -9.52
N ASN A 10 7.64 -2.78 -10.15
CA ASN A 10 8.74 -3.53 -9.50
C ASN A 10 9.56 -2.61 -8.59
N ASP A 11 9.58 -1.30 -8.89
CA ASP A 11 10.21 -0.29 -8.00
C ASP A 11 9.50 -0.30 -6.64
N VAL A 12 8.16 -0.30 -6.68
CA VAL A 12 7.31 -0.29 -5.48
C VAL A 12 7.51 -1.58 -4.68
N LYS A 13 7.47 -2.73 -5.38
CA LYS A 13 7.66 -4.05 -4.73
C LYS A 13 9.01 -4.13 -3.99
N THR A 14 10.10 -3.78 -4.71
CA THR A 14 11.47 -3.87 -4.17
C THR A 14 11.70 -2.86 -3.04
N LEU A 15 11.54 -1.56 -3.34
CA LEU A 15 11.88 -0.44 -2.42
C LEU A 15 11.03 -0.49 -1.12
N LEU A 16 9.74 -0.82 -1.25
CA LEU A 16 8.83 -0.94 -0.09
C LEU A 16 9.07 -2.25 0.68
N ARG A 17 9.54 -3.31 0.01
CA ARG A 17 9.97 -4.55 0.69
C ARG A 17 11.21 -4.28 1.56
N GLU A 18 12.25 -3.68 0.94
CA GLU A 18 13.51 -3.28 1.61
C GLU A 18 13.21 -2.32 2.78
N TRP A 19 12.18 -1.47 2.59
CA TRP A 19 11.70 -0.53 3.60
C TRP A 19 11.15 -1.28 4.83
N ILE A 20 10.11 -2.12 4.62
CA ILE A 20 9.37 -2.80 5.72
C ILE A 20 10.27 -3.81 6.49
N THR A 21 11.23 -4.43 5.78
CA THR A 21 12.13 -5.46 6.34
C THR A 21 13.22 -4.85 7.25
N THR A 22 13.51 -3.54 7.10
CA THR A 22 14.55 -2.85 7.90
C THR A 22 13.90 -1.92 8.95
N ILE A 23 13.03 -1.03 8.47
CA ILE A 23 12.30 -0.05 9.30
C ILE A 23 11.36 -0.79 10.28
N SER A 24 11.53 -0.51 11.57
CA SER A 24 10.77 -1.15 12.65
C SER A 24 9.43 -0.43 12.89
N ASP A 25 9.40 0.89 12.67
CA ASP A 25 8.20 1.72 12.90
C ASP A 25 7.95 2.62 11.68
N PRO A 26 6.80 2.46 10.95
CA PRO A 26 6.47 3.31 9.78
C PRO A 26 6.08 4.75 10.20
N MET A 27 6.66 5.74 9.50
CA MET A 27 6.40 7.17 9.78
C MET A 27 5.24 7.70 8.93
N GLU A 28 4.59 8.77 9.43
CA GLU A 28 3.37 9.34 8.82
C GLU A 28 3.61 9.83 7.39
N GLU A 29 4.85 10.29 7.10
CA GLU A 29 5.28 10.75 5.77
C GLU A 29 5.02 9.64 4.72
N ASP A 30 5.53 8.46 5.04
CA ASP A 30 5.50 7.28 4.16
C ASP A 30 4.09 6.72 4.08
N ILE A 31 3.45 6.58 5.26
CA ILE A 31 2.07 6.06 5.42
C ILE A 31 1.08 6.84 4.51
N LEU A 32 1.23 8.18 4.51
CA LEU A 32 0.45 9.07 3.64
C LEU A 32 0.78 8.80 2.16
N GLN A 33 2.09 8.75 1.82
CA GLN A 33 2.54 8.48 0.43
C GLN A 33 1.98 7.16 -0.13
N VAL A 34 1.77 6.14 0.75
CA VAL A 34 1.20 4.85 0.32
C VAL A 34 -0.27 5.04 -0.09
N VAL A 35 -1.02 5.77 0.76
CA VAL A 35 -2.45 6.08 0.52
C VAL A 35 -2.61 6.86 -0.81
N LYS A 36 -1.83 7.96 -0.94
CA LYS A 36 -1.94 8.91 -2.06
C LYS A 36 -1.51 8.26 -3.39
N TYR A 37 -0.45 7.43 -3.33
CA TYR A 37 0.08 6.70 -4.51
C TYR A 37 -0.93 5.66 -5.02
N CYS A 38 -1.46 4.87 -4.06
CA CYS A 38 -2.47 3.84 -4.35
C CYS A 38 -3.78 4.47 -4.87
N THR A 39 -4.09 5.70 -4.38
CA THR A 39 -5.24 6.49 -4.86
C THR A 39 -5.03 6.93 -6.33
N ASP A 40 -3.78 7.38 -6.64
CA ASP A 40 -3.40 7.79 -8.01
C ASP A 40 -3.69 6.66 -8.99
N LEU A 41 -3.12 5.47 -8.72
CA LEU A 41 -3.23 4.32 -9.61
C LEU A 41 -4.67 3.73 -9.68
N ILE A 42 -5.50 3.95 -8.62
CA ILE A 42 -6.97 3.66 -8.68
C ILE A 42 -7.60 4.46 -9.84
N GLU A 43 -7.32 5.78 -9.83
CA GLU A 43 -7.86 6.73 -10.83
C GLU A 43 -7.25 6.48 -12.23
N GLU A 44 -5.99 5.99 -12.24
CA GLU A 44 -5.23 5.69 -13.49
C GLU A 44 -5.50 4.25 -13.98
N LYS A 45 -6.56 3.62 -13.40
CA LYS A 45 -7.17 2.35 -13.88
C LYS A 45 -6.28 1.11 -13.59
N ASP A 46 -5.24 1.29 -12.74
CA ASP A 46 -4.36 0.21 -12.27
C ASP A 46 -5.05 -0.57 -11.12
N LEU A 47 -5.98 -1.46 -11.47
CA LEU A 47 -6.68 -2.30 -10.47
C LEU A 47 -5.88 -3.58 -10.15
N GLU A 48 -5.06 -4.02 -11.11
CA GLU A 48 -4.21 -5.22 -10.96
C GLU A 48 -2.96 -4.86 -10.14
N LYS A 49 -2.35 -3.70 -10.46
CA LYS A 49 -1.23 -3.14 -9.69
C LYS A 49 -1.69 -2.77 -8.27
N LEU A 50 -2.96 -2.33 -8.15
CA LEU A 50 -3.59 -2.06 -6.85
C LEU A 50 -3.71 -3.35 -6.03
N ASP A 51 -4.26 -4.39 -6.67
CA ASP A 51 -4.39 -5.74 -6.09
C ASP A 51 -3.04 -6.23 -5.53
N LEU A 52 -1.99 -6.08 -6.37
CA LEU A 52 -0.60 -6.44 -6.03
C LEU A 52 -0.12 -5.68 -4.78
N VAL A 53 -0.15 -4.33 -4.81
CA VAL A 53 0.40 -3.50 -3.71
C VAL A 53 -0.36 -3.76 -2.39
N ILE A 54 -1.68 -4.06 -2.48
CA ILE A 54 -2.54 -4.39 -1.31
C ILE A 54 -2.07 -5.70 -0.63
N LYS A 55 -2.14 -6.82 -1.38
CA LYS A 55 -1.86 -8.18 -0.84
C LYS A 55 -0.36 -8.41 -0.53
N TYR A 56 0.51 -7.69 -1.25
CA TYR A 56 1.98 -7.80 -1.08
C TYR A 56 2.42 -7.02 0.17
N MET A 57 1.87 -5.79 0.32
CA MET A 57 2.07 -4.95 1.53
C MET A 57 1.63 -5.72 2.78
N LYS A 58 0.48 -6.39 2.64
CA LYS A 58 -0.10 -7.27 3.66
C LYS A 58 0.93 -8.34 4.08
N ARG A 59 1.48 -9.08 3.09
CA ARG A 59 2.48 -10.13 3.34
C ARG A 59 3.73 -9.59 4.07
N LEU A 60 4.19 -8.39 3.67
CA LEU A 60 5.41 -7.78 4.22
C LEU A 60 5.19 -7.28 5.68
N MET A 61 3.98 -6.77 5.97
CA MET A 61 3.62 -6.24 7.31
C MET A 61 3.16 -7.38 8.25
N GLN A 62 2.77 -8.53 7.66
CA GLN A 62 2.44 -9.77 8.40
C GLN A 62 3.66 -10.69 8.49
N GLN A 63 4.72 -10.36 7.72
CA GLN A 63 6.06 -10.96 7.86
C GLN A 63 6.66 -10.53 9.21
N SER A 64 6.39 -9.28 9.57
CA SER A 64 6.72 -8.69 10.88
C SER A 64 5.56 -8.96 11.86
N VAL A 65 5.88 -9.10 13.16
CA VAL A 65 4.89 -9.30 14.25
C VAL A 65 4.56 -7.95 14.95
N GLU A 66 5.24 -6.87 14.50
CA GLU A 66 5.14 -5.52 15.10
C GLU A 66 3.75 -4.92 14.86
N SER A 67 3.07 -4.61 15.98
CA SER A 67 1.69 -4.09 15.99
C SER A 67 1.60 -2.68 15.38
N VAL A 68 2.74 -1.94 15.36
CA VAL A 68 2.83 -0.61 14.74
C VAL A 68 2.62 -0.71 13.20
N TRP A 69 3.17 -1.79 12.59
CA TRP A 69 3.00 -2.09 11.15
C TRP A 69 1.57 -2.55 10.85
N ASN A 70 0.94 -3.21 11.84
CA ASN A 70 -0.42 -3.77 11.71
C ASN A 70 -1.49 -2.64 11.79
N MET A 71 -1.24 -1.62 12.62
CA MET A 71 -2.11 -0.41 12.73
C MET A 71 -1.95 0.47 11.48
N ALA A 72 -0.69 0.61 11.04
CA ALA A 72 -0.34 1.39 9.82
C ALA A 72 -1.00 0.78 8.59
N PHE A 73 -0.90 -0.56 8.48
CA PHE A 73 -1.54 -1.32 7.39
C PHE A 73 -3.05 -1.12 7.40
N ASP A 74 -3.65 -1.15 8.59
CA ASP A 74 -5.11 -1.01 8.77
C ASP A 74 -5.61 0.34 8.24
N PHE A 75 -4.89 1.41 8.61
CA PHE A 75 -5.20 2.79 8.18
C PHE A 75 -5.06 2.95 6.66
N ILE A 76 -3.87 2.57 6.14
CA ILE A 76 -3.55 2.66 4.70
C ILE A 76 -4.59 1.91 3.85
N LEU A 77 -4.76 0.61 4.17
CA LEU A 77 -5.70 -0.29 3.50
C LEU A 77 -7.11 0.32 3.47
N ASP A 78 -7.54 0.81 4.64
CA ASP A 78 -8.88 1.42 4.83
C ASP A 78 -9.11 2.56 3.84
N ASN A 79 -8.21 3.55 3.89
CA ASN A 79 -8.31 4.79 3.09
C ASN A 79 -8.35 4.48 1.58
N VAL A 80 -7.47 3.56 1.15
CA VAL A 80 -7.36 3.13 -0.25
C VAL A 80 -8.64 2.41 -0.72
N GLN A 81 -9.16 1.49 0.12
CA GLN A 81 -10.37 0.71 -0.19
C GLN A 81 -11.63 1.61 -0.23
N VAL A 82 -11.67 2.64 0.64
CA VAL A 82 -12.77 3.61 0.70
C VAL A 82 -12.79 4.47 -0.59
N VAL A 83 -11.60 4.91 -1.05
CA VAL A 83 -11.45 5.63 -2.34
C VAL A 83 -11.96 4.72 -3.48
N LEU A 84 -11.60 3.43 -3.42
CA LEU A 84 -12.03 2.41 -4.40
C LEU A 84 -13.58 2.29 -4.42
N GLN A 85 -14.19 2.38 -3.24
CA GLN A 85 -15.66 2.32 -3.08
C GLN A 85 -16.33 3.59 -3.64
N GLN A 86 -15.65 4.73 -3.53
CA GLN A 86 -16.18 6.03 -4.03
C GLN A 86 -15.93 6.20 -5.54
N THR A 87 -14.93 5.46 -6.09
CA THR A 87 -14.55 5.56 -7.50
C THR A 87 -15.27 4.46 -8.33
N TYR A 88 -14.98 3.19 -8.01
CA TYR A 88 -15.51 2.01 -8.75
C TYR A 88 -16.74 1.41 -8.08
N GLY A 89 -16.81 1.46 -6.74
CA GLY A 89 -17.96 0.93 -5.99
C GLY A 89 -17.55 -0.14 -4.98
N SER A 90 -16.69 -1.08 -5.40
CA SER A 90 -16.27 -2.23 -4.57
C SER A 90 -14.76 -2.16 -4.26
N THR A 91 -14.29 -3.11 -3.43
CA THR A 91 -12.88 -3.22 -3.00
C THR A 91 -12.19 -4.40 -3.72
N LEU A 92 -10.94 -4.73 -3.31
CA LEU A 92 -10.32 -6.02 -3.66
C LEU A 92 -10.89 -7.12 -2.76
N LYS A 93 -10.99 -8.34 -3.30
CA LYS A 93 -11.46 -9.52 -2.55
C LYS A 93 -10.30 -10.15 -1.78
N VAL A 94 -9.04 -9.87 -2.21
CA VAL A 94 -7.84 -10.38 -1.55
C VAL A 94 -7.65 -9.72 -0.16
N THR A 95 -7.43 -10.58 0.84
CA THR A 95 -7.20 -10.16 2.23
C THR A 95 -5.67 -10.12 2.51
N GLY A 1 1.55 6.61 -9.69
CA GLY A 1 2.36 7.14 -8.56
C GLY A 1 3.82 6.71 -8.63
N ASN A 2 4.71 7.57 -8.11
CA ASN A 2 6.16 7.29 -7.98
C ASN A 2 6.53 7.59 -6.52
N LEU A 3 6.56 6.55 -5.66
CA LEU A 3 6.63 6.71 -4.19
C LEU A 3 7.73 5.82 -3.56
N ALA A 4 8.37 6.37 -2.49
CA ALA A 4 9.47 5.71 -1.74
C ALA A 4 10.70 5.45 -2.64
N GLY A 5 10.92 6.37 -3.61
CA GLY A 5 12.01 6.24 -4.59
C GLY A 5 11.68 5.28 -5.74
N ALA A 6 10.50 4.66 -5.67
CA ALA A 6 10.10 3.60 -6.59
C ALA A 6 9.12 4.15 -7.65
N VAL A 7 9.55 4.11 -8.91
CA VAL A 7 8.77 4.57 -10.06
C VAL A 7 7.99 3.39 -10.64
N GLU A 8 8.71 2.48 -11.32
CA GLU A 8 8.10 1.38 -12.09
C GLU A 8 7.55 0.27 -11.18
N PHE A 9 6.60 -0.51 -11.73
CA PHE A 9 5.82 -1.55 -11.00
C PHE A 9 6.70 -2.44 -10.11
N ASN A 10 7.75 -2.98 -10.75
CA ASN A 10 8.65 -3.95 -10.15
C ASN A 10 9.55 -3.28 -9.09
N ASP A 11 9.92 -2.00 -9.37
CA ASP A 11 10.67 -1.15 -8.43
C ASP A 11 9.84 -0.88 -7.17
N VAL A 12 8.51 -0.71 -7.34
CA VAL A 12 7.60 -0.46 -6.20
C VAL A 12 7.57 -1.66 -5.26
N LYS A 13 7.47 -2.87 -5.86
CA LYS A 13 7.51 -4.11 -5.07
C LYS A 13 8.83 -4.23 -4.30
N THR A 14 9.95 -3.95 -4.99
CA THR A 14 11.31 -4.06 -4.40
C THR A 14 11.53 -3.05 -3.26
N LEU A 15 11.45 -1.75 -3.59
CA LEU A 15 11.75 -0.64 -2.65
C LEU A 15 10.83 -0.64 -1.41
N LEU A 16 9.52 -0.88 -1.62
CA LEU A 16 8.55 -0.93 -0.50
C LEU A 16 8.76 -2.21 0.35
N ARG A 17 9.19 -3.31 -0.30
CA ARG A 17 9.59 -4.55 0.42
C ARG A 17 10.78 -4.27 1.34
N GLU A 18 11.88 -3.79 0.74
CA GLU A 18 13.15 -3.55 1.46
C GLU A 18 12.95 -2.52 2.58
N TRP A 19 12.06 -1.53 2.35
CA TRP A 19 11.70 -0.53 3.37
C TRP A 19 11.02 -1.24 4.56
N ILE A 20 9.84 -1.85 4.34
CA ILE A 20 9.00 -2.43 5.40
C ILE A 20 9.77 -3.52 6.21
N THR A 21 10.47 -4.41 5.49
CA THR A 21 11.13 -5.59 6.10
C THR A 21 12.32 -5.20 7.00
N THR A 22 13.05 -4.12 6.64
CA THR A 22 14.19 -3.64 7.46
C THR A 22 13.72 -2.69 8.58
N ILE A 23 12.71 -1.88 8.28
CA ILE A 23 12.20 -0.84 9.19
C ILE A 23 11.14 -1.44 10.14
N SER A 24 11.31 -1.20 11.44
CA SER A 24 10.35 -1.62 12.48
C SER A 24 9.62 -0.39 13.07
N ASP A 25 10.02 0.83 12.63
CA ASP A 25 9.48 2.09 13.15
C ASP A 25 9.02 2.98 11.97
N PRO A 26 7.72 2.86 11.51
CA PRO A 26 7.18 3.65 10.39
C PRO A 26 6.69 5.04 10.87
N MET A 27 7.14 6.09 10.16
CA MET A 27 6.72 7.48 10.43
C MET A 27 5.42 7.80 9.67
N GLU A 28 4.59 8.70 10.24
CA GLU A 28 3.27 9.09 9.68
C GLU A 28 3.37 9.51 8.21
N GLU A 29 4.40 10.32 7.90
CA GLU A 29 4.69 10.80 6.54
C GLU A 29 4.76 9.64 5.53
N ASP A 30 5.61 8.65 5.85
CA ASP A 30 5.82 7.44 4.99
C ASP A 30 4.51 6.67 4.78
N ILE A 31 3.74 6.51 5.87
CA ILE A 31 2.44 5.82 5.87
C ILE A 31 1.45 6.54 4.92
N LEU A 32 1.46 7.89 4.99
CA LEU A 32 0.61 8.75 4.16
C LEU A 32 1.00 8.64 2.68
N GLN A 33 2.32 8.56 2.40
CA GLN A 33 2.83 8.40 1.01
C GLN A 33 2.35 7.08 0.37
N VAL A 34 2.15 6.05 1.18
CA VAL A 34 1.62 4.75 0.71
C VAL A 34 0.10 4.89 0.38
N VAL A 35 -0.61 5.67 1.21
CA VAL A 35 -2.03 6.04 0.96
C VAL A 35 -2.13 6.81 -0.38
N LYS A 36 -1.21 7.79 -0.56
CA LYS A 36 -1.15 8.66 -1.76
C LYS A 36 -0.97 7.82 -3.02
N TYR A 37 -0.02 6.88 -2.95
CA TYR A 37 0.34 5.99 -4.06
C TYR A 37 -0.86 5.12 -4.49
N CYS A 38 -1.39 4.38 -3.52
CA CYS A 38 -2.40 3.36 -3.73
C CYS A 38 -3.79 3.97 -4.06
N THR A 39 -3.98 5.28 -3.76
CA THR A 39 -5.17 6.05 -4.21
C THR A 39 -4.93 6.65 -5.62
N ASP A 40 -3.68 7.10 -5.86
CA ASP A 40 -3.27 7.78 -7.11
C ASP A 40 -3.48 6.87 -8.32
N LEU A 41 -3.11 5.59 -8.15
CA LEU A 41 -3.25 4.56 -9.19
C LEU A 41 -4.74 4.17 -9.40
N ILE A 42 -5.62 4.36 -8.40
CA ILE A 42 -7.08 4.13 -8.57
C ILE A 42 -7.64 5.20 -9.52
N GLU A 43 -7.10 6.43 -9.38
CA GLU A 43 -7.43 7.55 -10.27
C GLU A 43 -6.84 7.32 -11.69
N GLU A 44 -5.67 6.64 -11.73
CA GLU A 44 -5.02 6.21 -13.00
C GLU A 44 -5.57 4.85 -13.49
N LYS A 45 -6.49 4.25 -12.69
CA LYS A 45 -7.33 3.06 -13.03
C LYS A 45 -6.53 1.72 -13.06
N ASP A 46 -5.35 1.70 -12.42
CA ASP A 46 -4.51 0.49 -12.26
C ASP A 46 -5.03 -0.38 -11.10
N LEU A 47 -5.95 -1.31 -11.42
CA LEU A 47 -6.65 -2.12 -10.41
C LEU A 47 -5.85 -3.37 -10.02
N GLU A 48 -5.22 -4.01 -11.01
CA GLU A 48 -4.36 -5.20 -10.78
C GLU A 48 -3.05 -4.80 -10.10
N LYS A 49 -2.56 -3.58 -10.42
CA LYS A 49 -1.38 -2.99 -9.75
C LYS A 49 -1.67 -2.85 -8.25
N LEU A 50 -2.88 -2.34 -7.95
CA LEU A 50 -3.37 -2.19 -6.59
C LEU A 50 -3.49 -3.55 -5.91
N ASP A 51 -4.09 -4.51 -6.61
CA ASP A 51 -4.29 -5.90 -6.14
C ASP A 51 -2.97 -6.52 -5.64
N LEU A 52 -1.93 -6.36 -6.47
CA LEU A 52 -0.57 -6.84 -6.18
C LEU A 52 0.01 -6.13 -4.95
N VAL A 53 -0.08 -4.78 -4.91
CA VAL A 53 0.53 -3.99 -3.82
C VAL A 53 -0.27 -4.13 -2.50
N ILE A 54 -1.56 -4.54 -2.58
CA ILE A 54 -2.40 -4.76 -1.40
C ILE A 54 -2.01 -6.08 -0.71
N LYS A 55 -2.00 -7.17 -1.50
CA LYS A 55 -1.65 -8.51 -0.98
C LYS A 55 -0.18 -8.53 -0.49
N TYR A 56 0.69 -7.79 -1.22
CA TYR A 56 2.14 -7.79 -0.98
C TYR A 56 2.44 -6.98 0.29
N MET A 57 1.93 -5.72 0.33
CA MET A 57 2.12 -4.80 1.48
C MET A 57 1.57 -5.44 2.76
N LYS A 58 0.47 -6.18 2.61
CA LYS A 58 -0.12 -6.98 3.69
C LYS A 58 0.89 -7.98 4.24
N ARG A 59 1.45 -8.82 3.35
CA ARG A 59 2.45 -9.84 3.71
C ARG A 59 3.72 -9.21 4.34
N LEU A 60 4.12 -8.03 3.83
CA LEU A 60 5.35 -7.33 4.27
C LEU A 60 5.15 -6.71 5.67
N MET A 61 3.96 -6.11 5.88
CA MET A 61 3.59 -5.45 7.16
C MET A 61 3.20 -6.49 8.23
N GLN A 62 2.86 -7.72 7.79
CA GLN A 62 2.66 -8.87 8.69
C GLN A 62 3.94 -9.70 8.83
N GLN A 63 4.93 -9.48 7.94
CA GLN A 63 6.28 -10.07 8.08
C GLN A 63 7.03 -9.29 9.15
N SER A 64 7.04 -7.97 9.00
CA SER A 64 7.40 -7.03 10.06
C SER A 64 6.18 -6.88 10.98
N VAL A 65 5.98 -7.90 11.84
CA VAL A 65 4.75 -8.04 12.65
C VAL A 65 4.86 -7.23 13.98
N GLU A 66 5.04 -5.92 13.79
CA GLU A 66 4.87 -4.93 14.85
C GLU A 66 3.43 -4.40 14.73
N SER A 67 2.75 -4.17 15.88
CA SER A 67 1.34 -3.70 15.91
C SER A 67 1.17 -2.38 15.14
N VAL A 68 2.24 -1.56 15.12
CA VAL A 68 2.26 -0.27 14.40
C VAL A 68 2.11 -0.46 12.87
N TRP A 69 2.72 -1.53 12.32
CA TRP A 69 2.59 -1.88 10.89
C TRP A 69 1.17 -2.35 10.57
N ASN A 70 0.55 -3.04 11.54
CA ASN A 70 -0.81 -3.57 11.40
C ASN A 70 -1.85 -2.42 11.46
N MET A 71 -1.58 -1.42 12.32
CA MET A 71 -2.44 -0.21 12.48
C MET A 71 -2.28 0.74 11.31
N ALA A 72 -1.03 0.87 10.83
CA ALA A 72 -0.68 1.68 9.65
C ALA A 72 -1.38 1.10 8.42
N PHE A 73 -1.26 -0.23 8.27
CA PHE A 73 -1.91 -1.00 7.19
C PHE A 73 -3.44 -0.89 7.29
N ASP A 74 -3.96 -0.86 8.52
CA ASP A 74 -5.42 -0.75 8.76
C ASP A 74 -5.95 0.61 8.23
N PHE A 75 -5.17 1.68 8.48
CA PHE A 75 -5.48 3.04 7.98
C PHE A 75 -5.38 3.13 6.45
N ILE A 76 -4.27 2.61 5.90
CA ILE A 76 -3.97 2.67 4.45
C ILE A 76 -5.04 1.88 3.66
N LEU A 77 -5.27 0.63 4.09
CA LEU A 77 -6.22 -0.29 3.46
C LEU A 77 -7.65 0.28 3.54
N ASP A 78 -7.97 0.91 4.69
CA ASP A 78 -9.25 1.63 4.87
C ASP A 78 -9.43 2.69 3.78
N ASN A 79 -8.50 3.66 3.75
CA ASN A 79 -8.55 4.83 2.85
C ASN A 79 -8.69 4.41 1.37
N VAL A 80 -7.78 3.54 0.96
CA VAL A 80 -7.61 3.11 -0.44
C VAL A 80 -8.83 2.29 -0.93
N GLN A 81 -9.22 1.28 -0.14
CA GLN A 81 -10.40 0.43 -0.45
C GLN A 81 -11.71 1.24 -0.42
N VAL A 82 -11.80 2.27 0.45
CA VAL A 82 -12.94 3.21 0.46
C VAL A 82 -13.01 3.97 -0.87
N VAL A 83 -11.83 4.41 -1.38
CA VAL A 83 -11.73 5.07 -2.70
C VAL A 83 -12.27 4.13 -3.81
N LEU A 84 -11.94 2.83 -3.72
CA LEU A 84 -12.50 1.81 -4.63
C LEU A 84 -14.03 1.66 -4.47
N GLN A 85 -14.54 1.79 -3.23
CA GLN A 85 -15.99 1.69 -2.94
C GLN A 85 -16.76 2.93 -3.43
N GLN A 86 -16.04 4.05 -3.61
CA GLN A 86 -16.62 5.28 -4.20
C GLN A 86 -16.50 5.29 -5.73
N THR A 87 -15.37 4.76 -6.25
CA THR A 87 -15.07 4.78 -7.69
C THR A 87 -15.79 3.64 -8.43
N TYR A 88 -15.57 2.40 -7.97
CA TYR A 88 -16.12 1.17 -8.61
C TYR A 88 -17.25 0.53 -7.79
N GLY A 89 -17.43 0.99 -6.54
CA GLY A 89 -18.43 0.42 -5.64
C GLY A 89 -17.94 -0.86 -4.93
N SER A 90 -16.83 -1.42 -5.42
CA SER A 90 -16.28 -2.70 -4.95
C SER A 90 -14.74 -2.61 -4.89
N THR A 91 -14.13 -3.62 -4.25
CA THR A 91 -12.68 -3.69 -3.98
C THR A 91 -12.07 -4.95 -4.62
N LEU A 92 -10.79 -5.24 -4.31
CA LEU A 92 -10.09 -6.45 -4.78
C LEU A 92 -10.62 -7.71 -4.06
N LYS A 93 -10.51 -8.87 -4.74
CA LYS A 93 -11.00 -10.16 -4.22
C LYS A 93 -10.06 -10.72 -3.13
N VAL A 94 -8.86 -10.13 -2.99
CA VAL A 94 -7.88 -10.53 -1.96
C VAL A 94 -8.39 -10.14 -0.55
N THR A 95 -8.12 -11.00 0.44
CA THR A 95 -8.67 -10.89 1.80
C THR A 95 -7.60 -11.29 2.87
N GLY A 1 2.05 6.61 -9.55
CA GLY A 1 3.14 7.59 -9.36
C GLY A 1 4.39 6.94 -8.79
N ASN A 2 5.13 7.69 -7.96
CA ASN A 2 6.39 7.23 -7.33
C ASN A 2 6.16 6.94 -5.85
N LEU A 3 6.81 5.88 -5.35
CA LEU A 3 6.77 5.51 -3.92
C LEU A 3 8.09 4.80 -3.56
N ALA A 4 8.75 5.29 -2.49
CA ALA A 4 10.03 4.76 -1.97
C ALA A 4 11.17 4.82 -3.02
N GLY A 5 10.98 5.68 -4.05
CA GLY A 5 11.93 5.80 -5.16
C GLY A 5 11.70 4.74 -6.24
N ALA A 6 10.43 4.35 -6.43
CA ALA A 6 10.04 3.30 -7.38
C ALA A 6 8.68 3.61 -8.01
N VAL A 7 8.63 3.65 -9.36
CA VAL A 7 7.39 3.89 -10.13
C VAL A 7 6.82 2.57 -10.71
N GLU A 8 7.72 1.74 -11.25
CA GLU A 8 7.39 0.48 -11.95
C GLU A 8 7.02 -0.64 -10.96
N PHE A 9 6.21 -1.60 -11.43
CA PHE A 9 5.54 -2.63 -10.60
C PHE A 9 6.52 -3.37 -9.65
N ASN A 10 7.52 -4.03 -10.26
CA ASN A 10 8.48 -4.90 -9.55
C ASN A 10 9.45 -4.08 -8.69
N ASP A 11 9.76 -2.87 -9.17
CA ASP A 11 10.60 -1.88 -8.46
C ASP A 11 9.90 -1.46 -7.16
N VAL A 12 8.57 -1.23 -7.22
CA VAL A 12 7.74 -0.87 -6.05
C VAL A 12 7.79 -2.00 -5.02
N LYS A 13 7.64 -3.25 -5.51
CA LYS A 13 7.71 -4.45 -4.64
C LYS A 13 9.05 -4.50 -3.87
N THR A 14 10.14 -4.23 -4.60
CA THR A 14 11.51 -4.24 -4.06
C THR A 14 11.70 -3.16 -2.98
N LEU A 15 11.47 -1.89 -3.34
CA LEU A 15 11.75 -0.71 -2.48
C LEU A 15 10.84 -0.70 -1.22
N LEU A 16 9.58 -1.09 -1.40
CA LEU A 16 8.63 -1.21 -0.28
C LEU A 16 9.02 -2.38 0.64
N ARG A 17 9.45 -3.52 0.06
CA ARG A 17 9.83 -4.72 0.85
C ARG A 17 10.99 -4.42 1.80
N GLU A 18 12.09 -3.89 1.23
CA GLU A 18 13.30 -3.56 1.99
C GLU A 18 12.98 -2.47 3.05
N TRP A 19 12.18 -1.46 2.67
CA TRP A 19 11.79 -0.35 3.60
C TRP A 19 10.96 -0.87 4.80
N ILE A 20 9.95 -1.70 4.53
CA ILE A 20 9.03 -2.23 5.57
C ILE A 20 9.77 -3.16 6.55
N THR A 21 10.74 -3.94 6.05
CA THR A 21 11.52 -4.89 6.86
C THR A 21 12.60 -4.16 7.71
N THR A 22 13.30 -3.17 7.12
CA THR A 22 14.39 -2.44 7.81
C THR A 22 13.81 -1.39 8.79
N ILE A 23 13.04 -0.44 8.24
CA ILE A 23 12.29 0.55 9.04
C ILE A 23 11.11 -0.18 9.69
N SER A 24 11.28 -0.51 10.98
CA SER A 24 10.30 -1.29 11.77
C SER A 24 9.32 -0.38 12.54
N ASP A 25 9.43 0.94 12.32
CA ASP A 25 8.57 1.96 12.95
C ASP A 25 8.47 3.18 11.99
N PRO A 26 7.49 3.15 11.03
CA PRO A 26 7.39 4.18 9.96
C PRO A 26 6.81 5.51 10.47
N MET A 27 7.26 6.61 9.83
CA MET A 27 6.70 7.94 10.06
C MET A 27 5.32 8.04 9.41
N GLU A 28 4.41 8.78 10.05
CA GLU A 28 3.02 8.93 9.60
C GLU A 28 2.96 9.57 8.21
N GLU A 29 3.92 10.48 7.93
CA GLU A 29 4.03 11.15 6.61
C GLU A 29 4.24 10.10 5.50
N ASP A 30 5.18 9.16 5.74
CA ASP A 30 5.47 8.05 4.80
C ASP A 30 4.26 7.10 4.65
N ILE A 31 3.55 6.87 5.77
CA ILE A 31 2.29 6.08 5.79
C ILE A 31 1.24 6.74 4.86
N LEU A 32 1.19 8.09 4.91
CA LEU A 32 0.28 8.91 4.08
C LEU A 32 0.67 8.80 2.59
N GLN A 33 1.99 8.82 2.29
CA GLN A 33 2.52 8.65 0.91
C GLN A 33 1.99 7.35 0.28
N VAL A 34 1.99 6.26 1.05
CA VAL A 34 1.54 4.93 0.60
C VAL A 34 0.02 4.94 0.28
N VAL A 35 -0.76 5.61 1.16
CA VAL A 35 -2.22 5.84 0.96
C VAL A 35 -2.45 6.61 -0.36
N LYS A 36 -1.67 7.70 -0.53
CA LYS A 36 -1.78 8.62 -1.67
C LYS A 36 -1.35 7.95 -2.98
N TYR A 37 -0.40 7.01 -2.89
CA TYR A 37 0.09 6.25 -4.07
C TYR A 37 -0.99 5.30 -4.57
N CYS A 38 -1.55 4.52 -3.64
CA CYS A 38 -2.59 3.53 -3.95
C CYS A 38 -3.89 4.22 -4.39
N THR A 39 -4.13 5.45 -3.90
CA THR A 39 -5.26 6.31 -4.34
C THR A 39 -4.95 6.92 -5.73
N ASP A 40 -3.68 7.29 -5.96
CA ASP A 40 -3.22 7.92 -7.22
C ASP A 40 -3.47 7.01 -8.44
N LEU A 41 -3.11 5.73 -8.29
CA LEU A 41 -3.30 4.73 -9.34
C LEU A 41 -4.79 4.30 -9.47
N ILE A 42 -5.59 4.47 -8.38
CA ILE A 42 -7.07 4.29 -8.44
C ILE A 42 -7.67 5.37 -9.38
N GLU A 43 -7.18 6.61 -9.24
CA GLU A 43 -7.60 7.75 -10.07
C GLU A 43 -7.18 7.55 -11.56
N GLU A 44 -6.08 6.79 -11.76
CA GLU A 44 -5.55 6.45 -13.10
C GLU A 44 -6.00 5.05 -13.58
N LYS A 45 -6.87 4.38 -12.80
CA LYS A 45 -7.52 3.10 -13.17
C LYS A 45 -6.50 1.93 -13.28
N ASP A 46 -5.33 2.11 -12.68
CA ASP A 46 -4.29 1.05 -12.56
C ASP A 46 -4.64 0.11 -11.38
N LEU A 47 -5.72 -0.67 -11.58
CA LEU A 47 -6.22 -1.63 -10.58
C LEU A 47 -5.37 -2.91 -10.56
N GLU A 48 -4.54 -3.09 -11.60
CA GLU A 48 -3.56 -4.18 -11.65
C GLU A 48 -2.43 -3.92 -10.64
N LYS A 49 -1.84 -2.72 -10.70
CA LYS A 49 -0.79 -2.29 -9.76
C LYS A 49 -1.37 -2.15 -8.33
N LEU A 50 -2.69 -1.84 -8.25
CA LEU A 50 -3.42 -1.83 -6.96
C LEU A 50 -3.45 -3.24 -6.37
N ASP A 51 -3.97 -4.19 -7.16
CA ASP A 51 -4.02 -5.64 -6.82
C ASP A 51 -2.68 -6.12 -6.22
N LEU A 52 -1.59 -5.81 -6.96
CA LEU A 52 -0.21 -6.16 -6.59
C LEU A 52 0.18 -5.54 -5.23
N VAL A 53 -0.02 -4.22 -5.08
CA VAL A 53 0.47 -3.49 -3.89
C VAL A 53 -0.37 -3.86 -2.63
N ILE A 54 -1.66 -4.20 -2.82
CA ILE A 54 -2.59 -4.62 -1.74
C ILE A 54 -2.08 -5.94 -1.11
N LYS A 55 -1.94 -6.98 -1.97
CA LYS A 55 -1.56 -8.34 -1.51
C LYS A 55 -0.12 -8.38 -0.98
N TYR A 56 0.79 -7.59 -1.61
CA TYR A 56 2.22 -7.62 -1.29
C TYR A 56 2.49 -6.90 0.04
N MET A 57 1.88 -5.71 0.21
CA MET A 57 1.97 -4.95 1.49
C MET A 57 1.34 -5.75 2.62
N LYS A 58 0.29 -6.53 2.31
CA LYS A 58 -0.33 -7.44 3.28
C LYS A 58 0.72 -8.43 3.82
N ARG A 59 1.40 -9.12 2.89
CA ARG A 59 2.48 -10.09 3.22
C ARG A 59 3.52 -9.45 4.17
N LEU A 60 4.09 -8.31 3.74
CA LEU A 60 5.23 -7.65 4.42
C LEU A 60 4.84 -7.08 5.80
N MET A 61 3.74 -6.30 5.82
CA MET A 61 3.26 -5.61 7.05
C MET A 61 2.69 -6.60 8.10
N GLN A 62 2.27 -7.81 7.64
CA GLN A 62 1.88 -8.91 8.55
C GLN A 62 3.11 -9.76 8.94
N GLN A 63 4.15 -9.79 8.08
CA GLN A 63 5.46 -10.41 8.43
C GLN A 63 6.12 -9.60 9.56
N SER A 64 5.96 -8.27 9.49
CA SER A 64 6.38 -7.36 10.55
C SER A 64 5.51 -7.60 11.79
N VAL A 65 6.10 -8.21 12.83
CA VAL A 65 5.43 -8.48 14.12
C VAL A 65 5.20 -7.19 14.95
N GLU A 66 5.72 -6.08 14.42
CA GLU A 66 5.50 -4.72 14.93
C GLU A 66 4.02 -4.33 14.78
N SER A 67 3.39 -3.97 15.91
CA SER A 67 1.99 -3.55 15.98
C SER A 67 1.76 -2.26 15.16
N VAL A 68 2.82 -1.43 15.06
CA VAL A 68 2.79 -0.17 14.28
C VAL A 68 2.56 -0.46 12.79
N TRP A 69 3.14 -1.56 12.26
CA TRP A 69 2.98 -1.97 10.83
C TRP A 69 1.65 -2.68 10.59
N ASN A 70 1.13 -3.39 11.60
CA ASN A 70 -0.16 -4.09 11.50
C ASN A 70 -1.33 -3.07 11.42
N MET A 71 -1.22 -2.02 12.25
CA MET A 71 -2.21 -0.92 12.31
C MET A 71 -1.97 0.09 11.18
N ALA A 72 -0.71 0.24 10.75
CA ALA A 72 -0.36 1.03 9.54
C ALA A 72 -1.05 0.41 8.33
N PHE A 73 -0.93 -0.93 8.20
CA PHE A 73 -1.58 -1.69 7.13
C PHE A 73 -3.10 -1.53 7.20
N ASP A 74 -3.65 -1.66 8.41
CA ASP A 74 -5.11 -1.57 8.64
C ASP A 74 -5.65 -0.20 8.17
N PHE A 75 -4.90 0.86 8.51
CA PHE A 75 -5.27 2.25 8.18
C PHE A 75 -5.16 2.50 6.67
N ILE A 76 -3.96 2.23 6.11
CA ILE A 76 -3.66 2.42 4.67
C ILE A 76 -4.69 1.67 3.81
N LEU A 77 -4.80 0.34 4.06
CA LEU A 77 -5.71 -0.54 3.32
C LEU A 77 -7.15 -0.01 3.38
N ASP A 78 -7.58 0.39 4.60
CA ASP A 78 -8.95 0.87 4.84
C ASP A 78 -9.29 2.07 3.94
N ASN A 79 -8.48 3.15 4.02
CA ASN A 79 -8.68 4.39 3.23
C ASN A 79 -8.66 4.11 1.72
N VAL A 80 -7.75 3.23 1.28
CA VAL A 80 -7.61 2.82 -0.13
C VAL A 80 -8.86 2.06 -0.61
N GLN A 81 -9.42 1.21 0.26
CA GLN A 81 -10.63 0.42 -0.03
C GLN A 81 -11.88 1.33 -0.02
N VAL A 82 -11.85 2.42 0.78
CA VAL A 82 -12.91 3.45 0.80
C VAL A 82 -12.96 4.17 -0.57
N VAL A 83 -11.77 4.57 -1.06
CA VAL A 83 -11.62 5.24 -2.37
C VAL A 83 -12.06 4.29 -3.51
N LEU A 84 -11.77 2.99 -3.35
CA LEU A 84 -12.21 1.91 -4.27
C LEU A 84 -13.74 1.85 -4.35
N GLN A 85 -14.40 1.96 -3.17
CA GLN A 85 -15.87 2.01 -3.06
C GLN A 85 -16.43 3.28 -3.74
N GLN A 86 -15.76 4.42 -3.53
CA GLN A 86 -16.20 5.74 -4.04
C GLN A 86 -16.13 5.79 -5.58
N THR A 87 -15.07 5.20 -6.16
CA THR A 87 -14.77 5.32 -7.59
C THR A 87 -15.47 4.21 -8.41
N TYR A 88 -15.36 2.95 -7.96
CA TYR A 88 -15.82 1.77 -8.74
C TYR A 88 -17.06 1.12 -8.12
N GLY A 89 -17.48 1.59 -6.94
CA GLY A 89 -18.59 0.98 -6.22
C GLY A 89 -18.11 -0.15 -5.32
N SER A 90 -17.34 -1.08 -5.93
CA SER A 90 -16.80 -2.26 -5.26
C SER A 90 -15.27 -2.18 -5.15
N THR A 91 -14.71 -3.06 -4.31
CA THR A 91 -13.26 -3.25 -4.13
C THR A 91 -12.73 -4.35 -5.09
N LEU A 92 -11.41 -4.58 -5.08
CA LEU A 92 -10.79 -5.77 -5.70
C LEU A 92 -11.08 -7.00 -4.80
N LYS A 93 -11.14 -8.19 -5.42
CA LYS A 93 -11.40 -9.45 -4.71
C LYS A 93 -10.27 -9.78 -3.71
N VAL A 94 -9.06 -9.27 -4.03
CA VAL A 94 -7.89 -9.40 -3.16
C VAL A 94 -8.00 -8.36 -2.01
N THR A 95 -7.75 -8.81 -0.78
CA THR A 95 -7.89 -7.96 0.44
C THR A 95 -6.94 -8.46 1.56
N GLY A 1 1.14 7.22 -9.79
CA GLY A 1 1.96 8.00 -8.82
C GLY A 1 3.27 7.33 -8.50
N ASN A 2 3.93 7.77 -7.42
CA ASN A 2 5.19 7.17 -6.92
C ASN A 2 5.07 6.89 -5.42
N LEU A 3 5.80 5.86 -4.96
CA LEU A 3 5.90 5.49 -3.54
C LEU A 3 7.40 5.50 -3.21
N ALA A 4 7.81 6.48 -2.37
CA ALA A 4 9.23 6.71 -1.98
C ALA A 4 10.09 7.16 -3.19
N GLY A 5 9.43 7.52 -4.30
CA GLY A 5 10.10 7.83 -5.58
C GLY A 5 9.96 6.69 -6.60
N ALA A 6 9.72 5.47 -6.09
CA ALA A 6 9.60 4.26 -6.94
C ALA A 6 8.21 4.22 -7.62
N VAL A 7 8.22 4.27 -8.96
CA VAL A 7 6.97 4.26 -9.77
C VAL A 7 6.70 2.85 -10.30
N GLU A 8 7.77 2.27 -10.91
CA GLU A 8 7.71 0.98 -11.63
C GLU A 8 7.41 -0.19 -10.68
N PHE A 9 6.65 -1.18 -11.19
CA PHE A 9 6.02 -2.25 -10.39
C PHE A 9 7.01 -2.95 -9.43
N ASN A 10 8.10 -3.44 -10.02
CA ASN A 10 9.09 -4.29 -9.34
C ASN A 10 9.97 -3.46 -8.39
N ASP A 11 10.20 -2.19 -8.77
CA ASP A 11 10.96 -1.22 -7.95
C ASP A 11 10.20 -0.94 -6.65
N VAL A 12 8.87 -0.77 -6.76
CA VAL A 12 7.98 -0.55 -5.62
C VAL A 12 7.99 -1.77 -4.68
N LYS A 13 7.88 -2.98 -5.29
CA LYS A 13 7.87 -4.24 -4.52
C LYS A 13 9.17 -4.39 -3.69
N THR A 14 10.31 -4.31 -4.38
CA THR A 14 11.64 -4.55 -3.78
C THR A 14 11.98 -3.50 -2.70
N LEU A 15 11.88 -2.21 -3.06
CA LEU A 15 12.26 -1.08 -2.17
C LEU A 15 11.35 -1.00 -0.93
N LEU A 16 10.03 -1.15 -1.13
CA LEU A 16 9.06 -1.06 -0.03
C LEU A 16 9.03 -2.35 0.81
N ARG A 17 9.51 -3.47 0.25
CA ARG A 17 9.72 -4.72 1.02
C ARG A 17 10.86 -4.54 2.02
N GLU A 18 12.07 -4.18 1.51
CA GLU A 18 13.27 -3.97 2.34
C GLU A 18 13.09 -2.77 3.29
N TRP A 19 12.17 -1.85 2.92
CA TRP A 19 11.73 -0.75 3.79
C TRP A 19 10.99 -1.34 5.01
N ILE A 20 9.84 -2.01 4.77
CA ILE A 20 8.96 -2.51 5.85
C ILE A 20 9.70 -3.48 6.80
N THR A 21 10.55 -4.34 6.23
CA THR A 21 11.22 -5.43 6.96
C THR A 21 12.39 -4.94 7.83
N THR A 22 12.93 -3.75 7.55
CA THR A 22 14.14 -3.25 8.26
C THR A 22 13.83 -2.06 9.20
N ILE A 23 12.86 -1.21 8.82
CA ILE A 23 12.53 0.02 9.55
C ILE A 23 11.88 -0.28 10.93
N SER A 24 10.95 -1.27 10.94
CA SER A 24 10.20 -1.71 12.14
C SER A 24 9.19 -0.64 12.60
N ASP A 25 9.68 0.53 13.08
CA ASP A 25 8.83 1.69 13.44
C ASP A 25 8.94 2.80 12.36
N PRO A 26 7.93 2.90 11.43
CA PRO A 26 7.93 3.91 10.33
C PRO A 26 7.46 5.29 10.80
N MET A 27 7.62 6.28 9.91
CA MET A 27 7.02 7.62 10.08
C MET A 27 5.64 7.63 9.39
N GLU A 28 4.70 8.39 9.97
CA GLU A 28 3.31 8.48 9.47
C GLU A 28 3.26 9.08 8.05
N GLU A 29 4.20 10.00 7.75
CA GLU A 29 4.27 10.66 6.44
C GLU A 29 4.53 9.67 5.30
N ASP A 30 5.42 8.69 5.56
CA ASP A 30 5.72 7.60 4.61
C ASP A 30 4.47 6.73 4.38
N ILE A 31 3.75 6.45 5.50
CA ILE A 31 2.47 5.70 5.50
C ILE A 31 1.41 6.44 4.64
N LEU A 32 1.43 7.79 4.71
CA LEU A 32 0.56 8.66 3.90
C LEU A 32 0.92 8.51 2.41
N GLN A 33 2.23 8.52 2.09
CA GLN A 33 2.73 8.36 0.70
C GLN A 33 2.34 7.00 0.09
N VAL A 34 2.15 5.98 0.94
CA VAL A 34 1.64 4.66 0.50
C VAL A 34 0.17 4.80 0.06
N VAL A 35 -0.60 5.55 0.87
CA VAL A 35 -2.02 5.87 0.57
C VAL A 35 -2.10 6.72 -0.71
N LYS A 36 -1.16 7.67 -0.89
CA LYS A 36 -1.12 8.59 -2.05
C LYS A 36 -0.91 7.81 -3.35
N TYR A 37 0.02 6.83 -3.30
CA TYR A 37 0.35 5.94 -4.42
C TYR A 37 -0.87 5.09 -4.81
N CYS A 38 -1.39 4.36 -3.80
CA CYS A 38 -2.46 3.36 -3.99
C CYS A 38 -3.82 4.00 -4.33
N THR A 39 -3.98 5.30 -3.99
CA THR A 39 -5.18 6.09 -4.37
C THR A 39 -5.01 6.67 -5.79
N ASP A 40 -3.79 7.16 -6.10
CA ASP A 40 -3.49 7.83 -7.39
C ASP A 40 -3.65 6.85 -8.56
N LEU A 41 -3.27 5.58 -8.35
CA LEU A 41 -3.41 4.52 -9.37
C LEU A 41 -4.88 4.09 -9.55
N ILE A 42 -5.74 4.32 -8.53
CA ILE A 42 -7.21 4.17 -8.67
C ILE A 42 -7.74 5.30 -9.57
N GLU A 43 -7.13 6.49 -9.44
CA GLU A 43 -7.42 7.64 -10.31
C GLU A 43 -6.80 7.44 -11.73
N GLU A 44 -5.86 6.49 -11.83
CA GLU A 44 -5.30 6.01 -13.14
C GLU A 44 -6.07 4.80 -13.66
N LYS A 45 -7.17 4.43 -12.94
CA LYS A 45 -8.09 3.32 -13.33
C LYS A 45 -7.39 1.94 -13.33
N ASP A 46 -6.20 1.87 -12.71
CA ASP A 46 -5.32 0.71 -12.74
C ASP A 46 -5.57 -0.16 -11.49
N LEU A 47 -6.53 -1.09 -11.61
CA LEU A 47 -6.90 -2.01 -10.52
C LEU A 47 -5.95 -3.20 -10.42
N GLU A 48 -5.05 -3.37 -11.41
CA GLU A 48 -4.02 -4.42 -11.40
C GLU A 48 -2.85 -3.99 -10.49
N LYS A 49 -2.51 -2.71 -10.60
CA LYS A 49 -1.50 -2.05 -9.74
C LYS A 49 -2.00 -2.01 -8.29
N LEU A 50 -3.32 -1.76 -8.15
CA LEU A 50 -4.01 -1.80 -6.86
C LEU A 50 -3.89 -3.20 -6.26
N ASP A 51 -4.33 -4.19 -7.07
CA ASP A 51 -4.34 -5.63 -6.71
C ASP A 51 -3.00 -6.05 -6.04
N LEU A 52 -1.90 -5.89 -6.81
CA LEU A 52 -0.54 -6.29 -6.39
C LEU A 52 -0.10 -5.62 -5.09
N VAL A 53 -0.20 -4.26 -5.05
CA VAL A 53 0.31 -3.50 -3.90
C VAL A 53 -0.46 -3.87 -2.61
N ILE A 54 -1.75 -4.22 -2.75
CA ILE A 54 -2.62 -4.60 -1.61
C ILE A 54 -2.18 -5.95 -0.98
N LYS A 55 -2.18 -7.07 -1.75
CA LYS A 55 -1.83 -8.40 -1.17
C LYS A 55 -0.35 -8.46 -0.75
N TYR A 56 0.51 -7.73 -1.50
CA TYR A 56 1.96 -7.74 -1.28
C TYR A 56 2.28 -7.01 0.04
N MET A 57 1.70 -5.79 0.22
CA MET A 57 1.81 -5.03 1.48
C MET A 57 1.32 -5.84 2.66
N LYS A 58 0.21 -6.57 2.47
CA LYS A 58 -0.35 -7.45 3.51
C LYS A 58 0.73 -8.42 4.04
N ARG A 59 1.42 -9.09 3.10
CA ARG A 59 2.50 -10.03 3.42
C ARG A 59 3.70 -9.33 4.13
N LEU A 60 4.03 -8.09 3.70
CA LEU A 60 5.18 -7.33 4.27
C LEU A 60 4.88 -6.86 5.70
N MET A 61 3.68 -6.29 5.88
CA MET A 61 3.20 -5.77 7.19
C MET A 61 3.04 -6.89 8.23
N GLN A 62 2.82 -8.14 7.77
CA GLN A 62 2.80 -9.33 8.65
C GLN A 62 4.20 -9.95 8.79
N GLN A 63 5.09 -9.72 7.80
CA GLN A 63 6.51 -10.17 7.83
C GLN A 63 7.20 -9.54 9.06
N SER A 64 7.12 -8.21 9.13
CA SER A 64 7.46 -7.47 10.33
C SER A 64 6.24 -7.44 11.24
N VAL A 65 6.14 -8.44 12.14
CA VAL A 65 5.03 -8.55 13.10
C VAL A 65 5.15 -7.43 14.17
N GLU A 66 4.72 -6.25 13.73
CA GLU A 66 4.78 -5.00 14.50
C GLU A 66 3.39 -4.38 14.52
N SER A 67 2.92 -3.99 15.71
CA SER A 67 1.60 -3.34 15.89
C SER A 67 1.54 -2.03 15.09
N VAL A 68 2.68 -1.34 14.99
CA VAL A 68 2.80 -0.08 14.24
C VAL A 68 2.66 -0.30 12.72
N TRP A 69 3.15 -1.46 12.20
CA TRP A 69 2.97 -1.85 10.79
C TRP A 69 1.55 -2.37 10.54
N ASN A 70 0.91 -2.91 11.59
CA ASN A 70 -0.47 -3.41 11.50
C ASN A 70 -1.48 -2.25 11.50
N MET A 71 -1.17 -1.19 12.26
CA MET A 71 -1.98 0.05 12.29
C MET A 71 -1.75 0.87 11.03
N ALA A 72 -0.48 0.85 10.55
CA ALA A 72 -0.11 1.44 9.25
C ALA A 72 -0.94 0.80 8.14
N PHE A 73 -0.92 -0.55 8.11
CA PHE A 73 -1.66 -1.35 7.12
C PHE A 73 -3.17 -1.12 7.23
N ASP A 74 -3.68 -1.06 8.47
CA ASP A 74 -5.12 -0.89 8.74
C ASP A 74 -5.62 0.47 8.19
N PHE A 75 -4.77 1.50 8.33
CA PHE A 75 -5.04 2.87 7.84
C PHE A 75 -5.01 2.90 6.30
N ILE A 76 -3.91 2.40 5.72
CA ILE A 76 -3.69 2.39 4.26
C ILE A 76 -4.81 1.62 3.56
N LEU A 77 -4.97 0.36 3.95
CA LEU A 77 -5.97 -0.55 3.37
C LEU A 77 -7.40 0.03 3.53
N ASP A 78 -7.67 0.68 4.69
CA ASP A 78 -8.98 1.32 4.93
C ASP A 78 -9.27 2.41 3.88
N ASN A 79 -8.45 3.48 3.90
CA ASN A 79 -8.67 4.68 3.07
C ASN A 79 -8.69 4.35 1.57
N VAL A 80 -7.75 3.51 1.14
CA VAL A 80 -7.60 3.11 -0.27
C VAL A 80 -8.81 2.28 -0.76
N GLN A 81 -9.24 1.29 0.03
CA GLN A 81 -10.43 0.46 -0.28
C GLN A 81 -11.72 1.29 -0.28
N VAL A 82 -11.81 2.31 0.61
CA VAL A 82 -12.98 3.22 0.64
C VAL A 82 -13.03 4.07 -0.66
N VAL A 83 -11.84 4.53 -1.12
CA VAL A 83 -11.69 5.25 -2.43
C VAL A 83 -12.16 4.35 -3.59
N LEU A 84 -11.82 3.06 -3.50
CA LEU A 84 -12.19 2.04 -4.50
C LEU A 84 -13.73 1.85 -4.51
N GLN A 85 -14.35 1.93 -3.31
CA GLN A 85 -15.83 1.85 -3.15
C GLN A 85 -16.51 3.12 -3.69
N GLN A 86 -15.80 4.26 -3.71
CA GLN A 86 -16.33 5.50 -4.28
C GLN A 86 -16.31 5.43 -5.82
N THR A 87 -15.19 4.96 -6.37
CA THR A 87 -14.93 4.96 -7.81
C THR A 87 -15.71 3.83 -8.54
N TYR A 88 -15.54 2.59 -8.06
CA TYR A 88 -16.08 1.37 -8.72
C TYR A 88 -17.23 0.73 -7.94
N GLY A 89 -17.46 1.17 -6.69
CA GLY A 89 -18.51 0.59 -5.83
C GLY A 89 -18.01 -0.59 -5.02
N SER A 90 -17.48 -1.60 -5.71
CA SER A 90 -16.87 -2.79 -5.08
C SER A 90 -15.34 -2.69 -5.16
N THR A 91 -14.66 -3.22 -4.13
CA THR A 91 -13.18 -3.27 -4.07
C THR A 91 -12.65 -4.50 -4.83
N LEU A 92 -11.32 -4.67 -4.85
CA LEU A 92 -10.67 -5.82 -5.51
C LEU A 92 -10.98 -7.09 -4.66
N LYS A 93 -11.35 -8.18 -5.35
CA LYS A 93 -11.86 -9.43 -4.75
C LYS A 93 -10.83 -10.14 -3.83
N VAL A 94 -9.55 -9.74 -3.93
CA VAL A 94 -8.45 -10.32 -3.14
C VAL A 94 -8.59 -9.97 -1.64
N THR A 95 -8.23 -10.93 -0.79
CA THR A 95 -8.26 -10.80 0.67
C THR A 95 -7.05 -11.58 1.27
N GLY A 1 2.04 7.56 -9.82
CA GLY A 1 2.85 8.35 -8.88
C GLY A 1 4.08 7.57 -8.44
N ASN A 2 4.72 8.02 -7.35
CA ASN A 2 5.83 7.28 -6.71
C ASN A 2 5.43 6.92 -5.27
N LEU A 3 6.22 6.04 -4.67
CA LEU A 3 6.04 5.59 -3.29
C LEU A 3 7.42 5.37 -2.68
N ALA A 4 7.84 6.36 -1.86
CA ALA A 4 9.19 6.41 -1.26
C ALA A 4 10.28 6.50 -2.37
N GLY A 5 9.90 7.12 -3.51
CA GLY A 5 10.75 7.24 -4.69
C GLY A 5 10.46 6.19 -5.76
N ALA A 6 9.84 5.07 -5.35
CA ALA A 6 9.58 3.92 -6.24
C ALA A 6 8.38 4.17 -7.16
N VAL A 7 8.65 4.22 -8.48
CA VAL A 7 7.63 4.46 -9.52
C VAL A 7 7.20 3.14 -10.16
N GLU A 8 8.19 2.40 -10.72
CA GLU A 8 7.96 1.16 -11.48
C GLU A 8 7.45 0.05 -10.55
N PHE A 9 6.88 -1.00 -11.16
CA PHE A 9 6.08 -2.02 -10.45
C PHE A 9 6.94 -2.82 -9.45
N ASN A 10 7.97 -3.50 -9.98
CA ASN A 10 8.93 -4.31 -9.19
C ASN A 10 9.94 -3.42 -8.44
N ASP A 11 10.05 -2.16 -8.86
CA ASP A 11 10.76 -1.12 -8.10
C ASP A 11 10.04 -0.82 -6.78
N VAL A 12 8.68 -0.76 -6.82
CA VAL A 12 7.85 -0.60 -5.60
C VAL A 12 7.93 -1.85 -4.73
N LYS A 13 7.88 -3.03 -5.38
CA LYS A 13 7.97 -4.34 -4.70
C LYS A 13 9.25 -4.42 -3.83
N THR A 14 10.40 -4.21 -4.47
CA THR A 14 11.72 -4.36 -3.84
C THR A 14 11.97 -3.25 -2.78
N LEU A 15 11.70 -1.99 -3.15
CA LEU A 15 12.00 -0.81 -2.30
C LEU A 15 11.15 -0.84 -1.02
N LEU A 16 9.86 -1.09 -1.18
CA LEU A 16 8.92 -1.12 -0.05
C LEU A 16 9.05 -2.42 0.75
N ARG A 17 9.57 -3.51 0.14
CA ARG A 17 9.88 -4.74 0.89
C ARG A 17 11.02 -4.47 1.87
N GLU A 18 12.16 -4.00 1.32
CA GLU A 18 13.38 -3.73 2.11
C GLU A 18 13.11 -2.62 3.15
N TRP A 19 12.17 -1.70 2.84
CA TRP A 19 11.74 -0.64 3.77
C TRP A 19 10.99 -1.26 4.98
N ILE A 20 9.90 -1.98 4.69
CA ILE A 20 9.00 -2.56 5.73
C ILE A 20 9.75 -3.56 6.64
N THR A 21 10.69 -4.32 6.06
CA THR A 21 11.41 -5.40 6.77
C THR A 21 12.53 -4.86 7.69
N THR A 22 13.14 -3.71 7.33
CA THR A 22 14.24 -3.12 8.13
C THR A 22 13.69 -2.16 9.20
N ILE A 23 12.91 -1.17 8.73
CA ILE A 23 12.31 -0.12 9.56
C ILE A 23 11.32 -0.74 10.56
N SER A 24 11.55 -0.47 11.85
CA SER A 24 10.68 -0.93 12.95
C SER A 24 9.63 0.15 13.30
N ASP A 25 9.93 1.41 12.93
CA ASP A 25 9.09 2.58 13.26
C ASP A 25 8.86 3.44 11.99
N PRO A 26 7.75 3.17 11.22
CA PRO A 26 7.39 4.00 10.04
C PRO A 26 6.74 5.33 10.47
N MET A 27 7.11 6.42 9.79
CA MET A 27 6.55 7.76 10.07
C MET A 27 5.20 7.93 9.35
N GLU A 28 4.37 8.85 9.87
CA GLU A 28 3.06 9.18 9.29
C GLU A 28 3.19 9.63 7.83
N GLU A 29 4.27 10.39 7.55
CA GLU A 29 4.58 10.92 6.20
C GLU A 29 4.63 9.79 5.14
N ASP A 30 5.34 8.70 5.49
CA ASP A 30 5.50 7.51 4.62
C ASP A 30 4.16 6.78 4.45
N ILE A 31 3.43 6.66 5.57
CA ILE A 31 2.09 6.03 5.62
C ILE A 31 1.11 6.77 4.68
N LEU A 32 1.24 8.12 4.63
CA LEU A 32 0.43 8.98 3.74
C LEU A 32 0.81 8.76 2.27
N GLN A 33 2.13 8.57 2.01
CA GLN A 33 2.64 8.29 0.63
C GLN A 33 2.02 7.00 0.05
N VAL A 34 1.85 5.97 0.90
CA VAL A 34 1.31 4.66 0.47
C VAL A 34 -0.17 4.82 0.05
N VAL A 35 -0.91 5.62 0.85
CA VAL A 35 -2.31 5.97 0.55
C VAL A 35 -2.38 6.77 -0.77
N LYS A 36 -1.47 7.74 -0.95
CA LYS A 36 -1.41 8.63 -2.14
C LYS A 36 -1.12 7.84 -3.43
N TYR A 37 -0.18 6.89 -3.35
CA TYR A 37 0.25 6.08 -4.50
C TYR A 37 -0.85 5.10 -4.94
N CYS A 38 -1.40 4.38 -3.96
CA CYS A 38 -2.44 3.38 -4.19
C CYS A 38 -3.75 4.06 -4.70
N THR A 39 -4.08 5.24 -4.14
CA THR A 39 -5.22 6.05 -4.62
C THR A 39 -4.95 6.61 -6.03
N ASP A 40 -3.68 7.00 -6.29
CA ASP A 40 -3.25 7.58 -7.58
C ASP A 40 -3.55 6.63 -8.74
N LEU A 41 -3.15 5.36 -8.59
CA LEU A 41 -3.36 4.33 -9.63
C LEU A 41 -4.85 3.89 -9.72
N ILE A 42 -5.64 4.07 -8.63
CA ILE A 42 -7.12 3.89 -8.68
C ILE A 42 -7.72 4.96 -9.64
N GLU A 43 -7.17 6.19 -9.56
CA GLU A 43 -7.54 7.32 -10.43
C GLU A 43 -7.09 7.05 -11.89
N GLU A 44 -6.00 6.26 -12.05
CA GLU A 44 -5.49 5.82 -13.37
C GLU A 44 -6.19 4.53 -13.85
N LYS A 45 -7.26 4.10 -13.13
CA LYS A 45 -8.15 2.97 -13.49
C LYS A 45 -7.45 1.59 -13.36
N ASP A 46 -6.29 1.58 -12.69
CA ASP A 46 -5.40 0.43 -12.59
C ASP A 46 -5.71 -0.38 -11.33
N LEU A 47 -6.58 -1.40 -11.49
CA LEU A 47 -6.92 -2.35 -10.41
C LEU A 47 -5.92 -3.52 -10.35
N GLU A 48 -5.09 -3.66 -11.39
CA GLU A 48 -4.11 -4.75 -11.50
C GLU A 48 -2.98 -4.51 -10.48
N LYS A 49 -2.28 -3.38 -10.67
CA LYS A 49 -1.19 -2.92 -9.81
C LYS A 49 -1.70 -2.65 -8.39
N LEU A 50 -2.98 -2.24 -8.28
CA LEU A 50 -3.65 -2.03 -6.98
C LEU A 50 -3.70 -3.34 -6.19
N ASP A 51 -4.28 -4.37 -6.81
CA ASP A 51 -4.44 -5.70 -6.19
C ASP A 51 -3.07 -6.29 -5.79
N LEU A 52 -2.05 -6.05 -6.63
CA LEU A 52 -0.67 -6.48 -6.38
C LEU A 52 -0.06 -5.74 -5.17
N VAL A 53 -0.17 -4.40 -5.14
CA VAL A 53 0.47 -3.58 -4.08
C VAL A 53 -0.26 -3.75 -2.74
N ILE A 54 -1.57 -4.05 -2.79
CA ILE A 54 -2.41 -4.31 -1.61
C ILE A 54 -2.04 -5.67 -0.97
N LYS A 55 -1.99 -6.74 -1.79
CA LYS A 55 -1.69 -8.12 -1.30
C LYS A 55 -0.24 -8.22 -0.81
N TYR A 56 0.67 -7.50 -1.48
CA TYR A 56 2.10 -7.55 -1.18
C TYR A 56 2.39 -6.76 0.11
N MET A 57 1.79 -5.55 0.21
CA MET A 57 1.83 -4.70 1.43
C MET A 57 1.40 -5.50 2.66
N LYS A 58 0.30 -6.25 2.47
CA LYS A 58 -0.25 -7.19 3.46
C LYS A 58 0.83 -8.19 3.91
N ARG A 59 1.36 -8.96 2.95
CA ARG A 59 2.37 -10.02 3.19
C ARG A 59 3.61 -9.47 3.93
N LEU A 60 4.01 -8.23 3.60
CA LEU A 60 5.22 -7.61 4.16
C LEU A 60 4.99 -7.09 5.59
N MET A 61 3.79 -6.55 5.85
CA MET A 61 3.45 -5.96 7.17
C MET A 61 3.02 -7.05 8.17
N GLN A 62 2.62 -8.23 7.64
CA GLN A 62 2.37 -9.44 8.46
C GLN A 62 3.68 -10.23 8.66
N GLN A 63 4.61 -10.09 7.70
CA GLN A 63 5.98 -10.65 7.80
C GLN A 63 6.76 -9.88 8.87
N SER A 64 6.83 -8.56 8.69
CA SER A 64 7.32 -7.61 9.69
C SER A 64 6.21 -7.39 10.72
N VAL A 65 5.93 -8.45 11.50
CA VAL A 65 4.84 -8.48 12.45
C VAL A 65 5.16 -7.56 13.65
N GLU A 66 4.76 -6.31 13.49
CA GLU A 66 4.84 -5.29 14.52
C GLU A 66 3.49 -4.57 14.54
N SER A 67 3.02 -4.21 15.73
CA SER A 67 1.73 -3.53 15.93
C SER A 67 1.64 -2.25 15.09
N VAL A 68 2.75 -1.49 15.00
CA VAL A 68 2.80 -0.24 14.23
C VAL A 68 2.60 -0.50 12.72
N TRP A 69 3.14 -1.63 12.22
CA TRP A 69 3.03 -2.03 10.80
C TRP A 69 1.65 -2.62 10.49
N ASN A 70 1.05 -3.28 11.47
CA ASN A 70 -0.27 -3.92 11.31
C ASN A 70 -1.40 -2.88 11.43
N MET A 71 -1.16 -1.82 12.24
CA MET A 71 -2.09 -0.68 12.38
C MET A 71 -1.92 0.29 11.21
N ALA A 72 -0.65 0.41 10.73
CA ALA A 72 -0.33 1.21 9.52
C ALA A 72 -1.01 0.56 8.32
N PHE A 73 -0.92 -0.78 8.22
CA PHE A 73 -1.57 -1.57 7.17
C PHE A 73 -3.09 -1.36 7.22
N ASP A 74 -3.68 -1.54 8.41
CA ASP A 74 -5.14 -1.43 8.61
C ASP A 74 -5.66 -0.02 8.23
N PHE A 75 -4.88 1.01 8.57
CA PHE A 75 -5.19 2.41 8.26
C PHE A 75 -5.13 2.68 6.75
N ILE A 76 -3.94 2.43 6.16
CA ILE A 76 -3.68 2.63 4.71
C ILE A 76 -4.71 1.89 3.86
N LEU A 77 -4.85 0.57 4.14
CA LEU A 77 -5.80 -0.31 3.46
C LEU A 77 -7.21 0.28 3.51
N ASP A 78 -7.64 0.71 4.72
CA ASP A 78 -8.99 1.26 4.94
C ASP A 78 -9.26 2.48 4.03
N ASN A 79 -8.37 3.50 4.11
CA ASN A 79 -8.47 4.75 3.31
C ASN A 79 -8.52 4.47 1.80
N VAL A 80 -7.59 3.63 1.34
CA VAL A 80 -7.47 3.23 -0.08
C VAL A 80 -8.75 2.52 -0.57
N GLN A 81 -9.26 1.57 0.24
CA GLN A 81 -10.47 0.80 -0.09
C GLN A 81 -11.72 1.69 -0.08
N VAL A 82 -11.76 2.71 0.82
CA VAL A 82 -12.89 3.67 0.89
C VAL A 82 -12.98 4.49 -0.42
N VAL A 83 -11.82 5.02 -0.87
CA VAL A 83 -11.72 5.78 -2.13
C VAL A 83 -12.10 4.88 -3.32
N LEU A 84 -11.71 3.60 -3.23
CA LEU A 84 -12.01 2.56 -4.23
C LEU A 84 -13.52 2.25 -4.28
N GLN A 85 -14.21 2.39 -3.13
CA GLN A 85 -15.68 2.25 -3.07
C GLN A 85 -16.36 3.48 -3.68
N GLN A 86 -15.72 4.65 -3.55
CA GLN A 86 -16.20 5.90 -4.17
C GLN A 86 -16.05 5.86 -5.70
N THR A 87 -15.00 5.15 -6.18
CA THR A 87 -14.68 5.06 -7.61
C THR A 87 -15.44 3.89 -8.30
N TYR A 88 -15.16 2.65 -7.86
CA TYR A 88 -15.69 1.41 -8.49
C TYR A 88 -16.90 0.84 -7.75
N GLY A 89 -16.98 1.09 -6.43
CA GLY A 89 -18.07 0.57 -5.60
C GLY A 89 -17.60 -0.53 -4.66
N SER A 90 -16.78 -1.43 -5.20
CA SER A 90 -16.26 -2.61 -4.46
C SER A 90 -14.81 -2.40 -4.00
N THR A 91 -14.23 -3.44 -3.37
CA THR A 91 -12.85 -3.45 -2.85
C THR A 91 -12.04 -4.64 -3.43
N LEU A 92 -10.76 -4.76 -3.04
CA LEU A 92 -9.98 -6.02 -3.23
C LEU A 92 -9.89 -6.74 -1.87
N LYS A 93 -10.27 -8.03 -1.87
CA LYS A 93 -10.35 -8.86 -0.65
C LYS A 93 -8.97 -9.41 -0.23
N VAL A 94 -8.12 -9.72 -1.25
CA VAL A 94 -6.75 -10.28 -1.14
C VAL A 94 -6.58 -11.38 -0.05
N THR A 95 -6.57 -12.65 -0.50
CA THR A 95 -6.33 -13.80 0.39
C THR A 95 -4.81 -13.88 0.77
N GLY A 1 2.16 9.46 -9.16
CA GLY A 1 2.96 9.66 -7.94
C GLY A 1 4.02 8.59 -7.77
N ASN A 2 4.70 8.61 -6.61
CA ASN A 2 5.71 7.61 -6.22
C ASN A 2 5.52 7.23 -4.74
N LEU A 3 6.04 6.06 -4.36
CA LEU A 3 5.97 5.53 -2.99
C LEU A 3 7.35 5.04 -2.59
N ALA A 4 7.99 5.74 -1.62
CA ALA A 4 9.35 5.44 -1.14
C ALA A 4 10.39 5.55 -2.30
N GLY A 5 10.06 6.42 -3.29
CA GLY A 5 10.86 6.60 -4.51
C GLY A 5 10.40 5.70 -5.67
N ALA A 6 9.76 4.57 -5.32
CA ALA A 6 9.36 3.53 -6.27
C ALA A 6 8.18 3.97 -7.15
N VAL A 7 8.28 3.65 -8.46
CA VAL A 7 7.29 4.06 -9.49
C VAL A 7 6.76 2.86 -10.28
N GLU A 8 7.68 2.05 -10.84
CA GLU A 8 7.34 0.89 -11.68
C GLU A 8 6.76 -0.23 -10.81
N PHE A 9 5.93 -1.13 -11.39
CA PHE A 9 5.24 -2.22 -10.68
C PHE A 9 6.23 -3.05 -9.82
N ASN A 10 7.29 -3.53 -10.49
CA ASN A 10 8.29 -4.42 -9.89
C ASN A 10 9.26 -3.62 -9.00
N ASP A 11 9.45 -2.35 -9.37
CA ASP A 11 10.27 -1.37 -8.61
C ASP A 11 9.62 -1.06 -7.25
N VAL A 12 8.26 -1.05 -7.24
CA VAL A 12 7.45 -0.86 -6.01
C VAL A 12 7.59 -2.09 -5.12
N LYS A 13 7.51 -3.28 -5.72
CA LYS A 13 7.73 -4.56 -4.98
C LYS A 13 9.10 -4.56 -4.27
N THR A 14 10.16 -4.20 -5.01
CA THR A 14 11.55 -4.22 -4.52
C THR A 14 11.76 -3.21 -3.37
N LEU A 15 11.55 -1.92 -3.66
CA LEU A 15 11.85 -0.81 -2.71
C LEU A 15 11.00 -0.91 -1.44
N LEU A 16 9.70 -1.23 -1.60
CA LEU A 16 8.76 -1.33 -0.47
C LEU A 16 9.02 -2.60 0.37
N ARG A 17 9.56 -3.66 -0.25
CA ARG A 17 10.00 -4.85 0.50
C ARG A 17 11.18 -4.50 1.40
N GLU A 18 12.25 -3.97 0.79
CA GLU A 18 13.49 -3.59 1.49
C GLU A 18 13.22 -2.48 2.54
N TRP A 19 12.15 -1.70 2.32
CA TRP A 19 11.69 -0.67 3.25
C TRP A 19 11.03 -1.32 4.50
N ILE A 20 9.90 -2.04 4.29
CA ILE A 20 9.07 -2.60 5.39
C ILE A 20 9.86 -3.60 6.27
N THR A 21 10.67 -4.45 5.62
CA THR A 21 11.38 -5.56 6.30
C THR A 21 12.60 -5.08 7.13
N THR A 22 13.00 -3.79 7.00
CA THR A 22 14.14 -3.22 7.74
C THR A 22 13.67 -2.15 8.74
N ILE A 23 12.83 -1.20 8.24
CA ILE A 23 12.22 -0.16 9.06
C ILE A 23 11.25 -0.80 10.06
N SER A 24 11.51 -0.60 11.37
CA SER A 24 10.67 -1.16 12.45
C SER A 24 9.59 -0.13 12.89
N ASP A 25 9.88 1.17 12.63
CA ASP A 25 8.98 2.28 12.99
C ASP A 25 8.87 3.27 11.80
N PRO A 26 7.79 3.17 10.98
CA PRO A 26 7.52 4.14 9.90
C PRO A 26 6.94 5.44 10.48
N MET A 27 7.34 6.59 9.89
CA MET A 27 6.86 7.90 10.36
C MET A 27 5.49 8.22 9.72
N GLU A 28 4.91 9.38 10.06
CA GLU A 28 3.56 9.78 9.61
C GLU A 28 3.52 9.89 8.08
N GLU A 29 4.48 10.65 7.52
CA GLU A 29 4.61 10.89 6.06
C GLU A 29 4.68 9.57 5.29
N ASP A 30 5.48 8.63 5.82
CA ASP A 30 5.67 7.27 5.27
C ASP A 30 4.33 6.51 5.10
N ILE A 31 3.56 6.48 6.20
CA ILE A 31 2.24 5.79 6.25
C ILE A 31 1.26 6.43 5.25
N LEU A 32 1.29 7.78 5.19
CA LEU A 32 0.42 8.57 4.31
C LEU A 32 0.76 8.32 2.82
N GLN A 33 2.07 8.21 2.50
CA GLN A 33 2.56 8.02 1.10
C GLN A 33 1.97 6.76 0.47
N VAL A 34 1.81 5.70 1.28
CA VAL A 34 1.28 4.41 0.82
C VAL A 34 -0.20 4.58 0.44
N VAL A 35 -0.93 5.36 1.27
CA VAL A 35 -2.35 5.69 1.05
C VAL A 35 -2.51 6.50 -0.26
N LYS A 36 -1.68 7.55 -0.38
CA LYS A 36 -1.74 8.52 -1.50
C LYS A 36 -1.45 7.82 -2.84
N TYR A 37 -0.46 6.92 -2.83
CA TYR A 37 0.00 6.20 -4.03
C TYR A 37 -1.03 5.16 -4.48
N CYS A 38 -1.57 4.41 -3.50
CA CYS A 38 -2.58 3.36 -3.77
C CYS A 38 -3.92 3.99 -4.23
N THR A 39 -4.16 5.27 -3.86
CA THR A 39 -5.28 6.07 -4.39
C THR A 39 -4.95 6.61 -5.79
N ASP A 40 -3.68 7.01 -5.97
CA ASP A 40 -3.15 7.64 -7.21
C ASP A 40 -3.30 6.71 -8.42
N LEU A 41 -2.95 5.42 -8.23
CA LEU A 41 -3.04 4.40 -9.29
C LEU A 41 -4.51 4.01 -9.59
N ILE A 42 -5.42 4.18 -8.60
CA ILE A 42 -6.89 4.02 -8.80
C ILE A 42 -7.40 5.13 -9.75
N GLU A 43 -6.85 6.34 -9.55
CA GLU A 43 -7.13 7.53 -10.40
C GLU A 43 -6.54 7.35 -11.81
N GLU A 44 -5.38 6.66 -11.91
CA GLU A 44 -4.74 6.31 -13.19
C GLU A 44 -5.45 5.13 -13.89
N LYS A 45 -6.45 4.55 -13.19
CA LYS A 45 -7.34 3.50 -13.70
C LYS A 45 -6.60 2.16 -13.90
N ASP A 46 -5.52 1.94 -13.14
CA ASP A 46 -4.75 0.67 -13.16
C ASP A 46 -5.03 -0.09 -11.85
N LEU A 47 -5.91 -1.10 -11.95
CA LEU A 47 -6.31 -1.94 -10.81
C LEU A 47 -5.32 -3.09 -10.57
N GLU A 48 -4.49 -3.43 -11.57
CA GLU A 48 -3.46 -4.50 -11.43
C GLU A 48 -2.35 -4.01 -10.48
N LYS A 49 -2.04 -2.70 -10.61
CA LYS A 49 -1.20 -1.92 -9.67
C LYS A 49 -1.74 -2.07 -8.23
N LEU A 50 -3.07 -1.96 -8.12
CA LEU A 50 -3.80 -2.03 -6.84
C LEU A 50 -3.65 -3.42 -6.21
N ASP A 51 -3.91 -4.49 -7.00
CA ASP A 51 -3.79 -5.89 -6.54
C ASP A 51 -2.39 -6.18 -5.99
N LEU A 52 -1.37 -5.72 -6.72
CA LEU A 52 0.04 -5.90 -6.35
C LEU A 52 0.37 -5.19 -5.03
N VAL A 53 0.02 -3.90 -4.93
CA VAL A 53 0.35 -3.10 -3.74
C VAL A 53 -0.41 -3.60 -2.50
N ILE A 54 -1.68 -4.04 -2.67
CA ILE A 54 -2.52 -4.55 -1.54
C ILE A 54 -1.96 -5.89 -1.00
N LYS A 55 -1.72 -6.85 -1.90
CA LYS A 55 -1.27 -8.21 -1.52
C LYS A 55 0.13 -8.18 -0.89
N TYR A 56 1.02 -7.35 -1.47
CA TYR A 56 2.43 -7.32 -1.09
C TYR A 56 2.60 -6.51 0.20
N MET A 57 1.97 -5.31 0.26
CA MET A 57 1.94 -4.46 1.49
C MET A 57 1.43 -5.26 2.68
N LYS A 58 0.35 -6.03 2.44
CA LYS A 58 -0.23 -6.95 3.44
C LYS A 58 0.84 -7.88 3.99
N ARG A 59 1.37 -8.75 3.12
CA ARG A 59 2.25 -9.87 3.51
C ARG A 59 3.56 -9.40 4.16
N LEU A 60 4.06 -8.22 3.75
CA LEU A 60 5.30 -7.64 4.31
C LEU A 60 5.03 -7.01 5.69
N MET A 61 3.88 -6.32 5.84
CA MET A 61 3.45 -5.72 7.13
C MET A 61 2.92 -6.80 8.10
N GLN A 62 2.57 -7.98 7.56
CA GLN A 62 2.18 -9.18 8.34
C GLN A 62 3.41 -10.06 8.61
N GLN A 63 4.48 -9.86 7.82
CA GLN A 63 5.81 -10.44 8.09
C GLN A 63 6.45 -9.69 9.25
N SER A 64 6.07 -8.41 9.41
CA SER A 64 6.43 -7.57 10.55
C SER A 64 5.38 -7.75 11.66
N VAL A 65 5.82 -8.19 12.86
CA VAL A 65 4.93 -8.36 14.05
C VAL A 65 4.68 -7.01 14.76
N GLU A 66 5.38 -5.97 14.28
CA GLU A 66 5.25 -4.60 14.79
C GLU A 66 3.80 -4.11 14.65
N SER A 67 3.21 -3.81 15.81
CA SER A 67 1.85 -3.27 15.94
C SER A 67 1.72 -1.89 15.23
N VAL A 68 2.85 -1.17 15.10
CA VAL A 68 2.90 0.10 14.35
C VAL A 68 2.65 -0.15 12.85
N TRP A 69 3.27 -1.22 12.29
CA TRP A 69 3.07 -1.62 10.88
C TRP A 69 1.68 -2.22 10.66
N ASN A 70 1.12 -2.82 11.72
CA ASN A 70 -0.18 -3.50 11.66
C ASN A 70 -1.34 -2.48 11.64
N MET A 71 -1.25 -1.48 12.54
CA MET A 71 -2.24 -0.39 12.65
C MET A 71 -2.08 0.60 11.47
N ALA A 72 -0.83 0.72 10.98
CA ALA A 72 -0.52 1.46 9.74
C ALA A 72 -1.24 0.79 8.57
N PHE A 73 -1.01 -0.53 8.40
CA PHE A 73 -1.66 -1.35 7.35
C PHE A 73 -3.19 -1.26 7.43
N ASP A 74 -3.72 -1.29 8.66
CA ASP A 74 -5.18 -1.23 8.92
C ASP A 74 -5.75 0.10 8.38
N PHE A 75 -5.08 1.20 8.71
CA PHE A 75 -5.45 2.56 8.25
C PHE A 75 -5.34 2.70 6.72
N ILE A 76 -4.18 2.30 6.18
CA ILE A 76 -3.83 2.44 4.76
C ILE A 76 -4.83 1.66 3.90
N LEU A 77 -4.94 0.36 4.18
CA LEU A 77 -5.86 -0.56 3.48
C LEU A 77 -7.27 0.03 3.48
N ASP A 78 -7.74 0.43 4.70
CA ASP A 78 -9.07 1.03 4.92
C ASP A 78 -9.37 2.17 3.93
N ASN A 79 -8.50 3.20 3.94
CA ASN A 79 -8.67 4.42 3.12
C ASN A 79 -8.73 4.09 1.62
N VAL A 80 -7.82 3.20 1.20
CA VAL A 80 -7.69 2.76 -0.20
C VAL A 80 -8.94 1.99 -0.66
N GLN A 81 -9.50 1.16 0.25
CA GLN A 81 -10.73 0.40 -0.01
C GLN A 81 -11.91 1.38 -0.19
N VAL A 82 -12.01 2.39 0.71
CA VAL A 82 -13.09 3.41 0.66
C VAL A 82 -13.10 4.12 -0.71
N VAL A 83 -11.90 4.56 -1.16
CA VAL A 83 -11.72 5.22 -2.48
C VAL A 83 -12.19 4.30 -3.62
N LEU A 84 -11.75 3.02 -3.55
CA LEU A 84 -12.06 1.99 -4.57
C LEU A 84 -13.60 1.77 -4.66
N GLN A 85 -14.30 1.89 -3.52
CA GLN A 85 -15.76 1.76 -3.45
C GLN A 85 -16.46 3.02 -4.03
N GLN A 86 -15.82 4.19 -3.85
CA GLN A 86 -16.32 5.47 -4.38
C GLN A 86 -16.00 5.63 -5.89
N THR A 87 -15.01 4.87 -6.40
CA THR A 87 -14.60 4.95 -7.82
C THR A 87 -15.31 3.85 -8.65
N TYR A 88 -15.02 2.58 -8.32
CA TYR A 88 -15.48 1.40 -9.09
C TYR A 88 -16.71 0.74 -8.44
N GLY A 89 -16.79 0.79 -7.11
CA GLY A 89 -17.91 0.19 -6.35
C GLY A 89 -17.46 -0.93 -5.44
N SER A 90 -16.78 -1.94 -6.01
CA SER A 90 -16.24 -3.08 -5.26
C SER A 90 -14.76 -2.83 -4.90
N THR A 91 -14.12 -3.82 -4.24
CA THR A 91 -12.72 -3.72 -3.76
C THR A 91 -11.93 -5.02 -4.00
N LEU A 92 -10.60 -4.88 -4.12
CA LEU A 92 -9.67 -6.02 -4.17
C LEU A 92 -8.97 -6.15 -2.81
N LYS A 93 -8.85 -7.38 -2.35
CA LYS A 93 -8.42 -7.72 -0.98
C LYS A 93 -7.23 -8.70 -1.04
N VAL A 94 -7.35 -9.69 -1.97
CA VAL A 94 -6.30 -10.69 -2.31
C VAL A 94 -5.72 -11.40 -1.05
N THR A 95 -6.30 -12.57 -0.68
CA THR A 95 -6.02 -13.27 0.59
C THR A 95 -4.49 -13.52 0.83
N GLY A 1 1.96 8.66 -8.32
CA GLY A 1 1.80 8.01 -7.01
C GLY A 1 2.93 8.38 -6.08
N ASN A 2 4.14 7.85 -6.38
CA ASN A 2 5.39 8.10 -5.60
C ASN A 2 5.28 7.52 -4.18
N LEU A 3 6.12 6.52 -3.86
CA LEU A 3 6.09 5.82 -2.57
C LEU A 3 7.49 5.27 -2.25
N ALA A 4 8.09 5.81 -1.15
CA ALA A 4 9.49 5.55 -0.74
C ALA A 4 10.48 6.06 -1.81
N GLY A 5 10.02 7.05 -2.61
CA GLY A 5 10.76 7.53 -3.78
C GLY A 5 10.73 6.56 -4.96
N ALA A 6 9.87 5.53 -4.87
CA ALA A 6 9.69 4.50 -5.91
C ALA A 6 8.36 4.72 -6.64
N VAL A 7 8.42 4.78 -7.98
CA VAL A 7 7.25 4.96 -8.86
C VAL A 7 6.94 3.64 -9.58
N GLU A 8 8.01 3.10 -10.21
CA GLU A 8 7.99 1.84 -10.95
C GLU A 8 7.52 0.71 -10.02
N PHE A 9 6.62 -0.12 -10.54
CA PHE A 9 5.80 -1.04 -9.74
C PHE A 9 6.66 -2.08 -8.97
N ASN A 10 7.77 -2.52 -9.60
CA ASN A 10 8.68 -3.52 -9.02
C ASN A 10 9.64 -2.88 -8.01
N ASP A 11 9.99 -1.59 -8.25
CA ASP A 11 10.76 -0.79 -7.27
C ASP A 11 9.92 -0.54 -6.01
N VAL A 12 8.60 -0.36 -6.20
CA VAL A 12 7.65 -0.20 -5.09
C VAL A 12 7.62 -1.49 -4.24
N LYS A 13 7.42 -2.64 -4.91
CA LYS A 13 7.39 -3.96 -4.21
C LYS A 13 8.71 -4.20 -3.42
N THR A 14 9.86 -3.94 -4.07
CA THR A 14 11.20 -4.19 -3.48
C THR A 14 11.49 -3.25 -2.28
N LEU A 15 11.50 -1.94 -2.54
CA LEU A 15 11.92 -0.92 -1.53
C LEU A 15 10.95 -0.87 -0.34
N LEU A 16 9.65 -1.09 -0.60
CA LEU A 16 8.64 -1.19 0.47
C LEU A 16 8.80 -2.49 1.25
N ARG A 17 9.20 -3.59 0.58
CA ARG A 17 9.51 -4.87 1.26
C ARG A 17 10.61 -4.65 2.31
N GLU A 18 11.70 -3.99 1.88
CA GLU A 18 12.84 -3.66 2.75
C GLU A 18 12.38 -2.79 3.93
N TRP A 19 11.60 -1.74 3.61
CA TRP A 19 11.14 -0.72 4.58
C TRP A 19 10.22 -1.33 5.66
N ILE A 20 9.35 -2.27 5.25
CA ILE A 20 8.38 -2.91 6.15
C ILE A 20 9.05 -3.97 7.05
N THR A 21 10.00 -4.75 6.48
CA THR A 21 10.63 -5.89 7.18
C THR A 21 11.76 -5.44 8.15
N THR A 22 12.66 -4.57 7.68
CA THR A 22 13.88 -4.19 8.44
C THR A 22 13.62 -2.96 9.34
N ILE A 23 13.16 -1.85 8.72
CA ILE A 23 12.87 -0.59 9.42
C ILE A 23 11.64 -0.77 10.33
N SER A 24 11.82 -0.46 11.62
CA SER A 24 10.78 -0.58 12.65
C SER A 24 10.03 0.75 12.87
N ASP A 25 10.59 1.86 12.37
CA ASP A 25 10.02 3.22 12.57
C ASP A 25 9.64 3.84 11.21
N PRO A 26 8.36 3.66 10.74
CA PRO A 26 7.88 4.28 9.49
C PRO A 26 7.62 5.79 9.63
N MET A 27 7.86 6.53 8.54
CA MET A 27 7.57 7.97 8.43
C MET A 27 6.09 8.15 8.02
N GLU A 28 5.33 8.92 8.83
CA GLU A 28 3.87 9.11 8.63
C GLU A 28 3.55 9.73 7.25
N GLU A 29 4.42 10.62 6.78
CA GLU A 29 4.29 11.25 5.44
C GLU A 29 4.31 10.18 4.34
N ASP A 30 5.21 9.20 4.48
CA ASP A 30 5.42 8.13 3.49
C ASP A 30 4.36 7.02 3.65
N ILE A 31 3.78 6.92 4.87
CA ILE A 31 2.57 6.10 5.15
C ILE A 31 1.38 6.65 4.36
N LEU A 32 1.31 8.00 4.30
CA LEU A 32 0.31 8.72 3.49
C LEU A 32 0.61 8.55 2.00
N GLN A 33 1.92 8.49 1.63
CA GLN A 33 2.35 8.24 0.24
C GLN A 33 1.97 6.84 -0.25
N VAL A 34 1.78 5.88 0.70
CA VAL A 34 1.26 4.53 0.36
C VAL A 34 -0.18 4.67 -0.13
N VAL A 35 -0.97 5.48 0.61
CA VAL A 35 -2.38 5.73 0.29
C VAL A 35 -2.48 6.56 -1.01
N LYS A 36 -1.56 7.55 -1.18
CA LYS A 36 -1.49 8.42 -2.38
C LYS A 36 -1.20 7.60 -3.63
N TYR A 37 -0.26 6.65 -3.51
CA TYR A 37 0.16 5.77 -4.61
C TYR A 37 -0.99 4.83 -5.00
N CYS A 38 -1.56 4.17 -3.98
CA CYS A 38 -2.61 3.16 -4.15
C CYS A 38 -3.95 3.79 -4.56
N THR A 39 -4.11 5.11 -4.35
CA THR A 39 -5.26 5.88 -4.86
C THR A 39 -4.97 6.40 -6.29
N ASP A 40 -3.71 6.77 -6.56
CA ASP A 40 -3.28 7.37 -7.86
C ASP A 40 -3.51 6.39 -9.01
N LEU A 41 -3.15 5.12 -8.77
CA LEU A 41 -3.35 4.04 -9.76
C LEU A 41 -4.87 3.75 -9.96
N ILE A 42 -5.71 4.01 -8.93
CA ILE A 42 -7.20 3.94 -9.04
C ILE A 42 -7.72 5.11 -9.90
N GLU A 43 -7.02 6.26 -9.79
CA GLU A 43 -7.29 7.46 -10.61
C GLU A 43 -6.76 7.28 -12.05
N GLU A 44 -5.89 6.28 -12.25
CA GLU A 44 -5.46 5.82 -13.60
C GLU A 44 -6.27 4.59 -14.03
N LYS A 45 -7.25 4.21 -13.18
CA LYS A 45 -8.22 3.11 -13.43
C LYS A 45 -7.55 1.72 -13.57
N ASP A 46 -6.28 1.64 -13.12
CA ASP A 46 -5.47 0.42 -13.19
C ASP A 46 -5.64 -0.40 -11.90
N LEU A 47 -6.61 -1.31 -11.93
CA LEU A 47 -6.93 -2.20 -10.78
C LEU A 47 -5.97 -3.39 -10.68
N GLU A 48 -5.12 -3.57 -11.70
CA GLU A 48 -4.06 -4.61 -11.70
C GLU A 48 -2.89 -4.15 -10.80
N LYS A 49 -2.61 -2.84 -10.82
CA LYS A 49 -1.60 -2.19 -9.95
C LYS A 49 -2.11 -2.23 -8.50
N LEU A 50 -3.44 -2.04 -8.35
CA LEU A 50 -4.12 -2.14 -7.04
C LEU A 50 -3.93 -3.56 -6.49
N ASP A 51 -4.17 -4.57 -7.35
CA ASP A 51 -4.02 -5.99 -7.01
C ASP A 51 -2.61 -6.24 -6.44
N LEU A 52 -1.58 -5.86 -7.24
CA LEU A 52 -0.15 -6.03 -6.90
C LEU A 52 0.20 -5.40 -5.54
N VAL A 53 -0.07 -4.07 -5.40
CA VAL A 53 0.40 -3.29 -4.25
C VAL A 53 -0.29 -3.73 -2.95
N ILE A 54 -1.61 -4.04 -3.02
CA ILE A 54 -2.40 -4.43 -1.84
C ILE A 54 -1.98 -5.82 -1.33
N LYS A 55 -1.93 -6.82 -2.23
CA LYS A 55 -1.64 -8.23 -1.85
C LYS A 55 -0.20 -8.38 -1.32
N TYR A 56 0.74 -7.63 -1.94
CA TYR A 56 2.16 -7.71 -1.61
C TYR A 56 2.42 -7.01 -0.26
N MET A 57 1.97 -5.72 -0.16
CA MET A 57 2.10 -4.89 1.07
C MET A 57 1.49 -5.60 2.29
N LYS A 58 0.30 -6.18 2.08
CA LYS A 58 -0.44 -6.94 3.10
C LYS A 58 0.43 -8.10 3.63
N ARG A 59 0.93 -8.93 2.68
CA ARG A 59 1.77 -10.10 3.02
C ARG A 59 3.00 -9.68 3.86
N LEU A 60 3.59 -8.52 3.51
CA LEU A 60 4.78 -7.98 4.18
C LEU A 60 4.48 -7.44 5.59
N MET A 61 3.31 -6.78 5.74
CA MET A 61 2.90 -6.12 7.01
C MET A 61 2.39 -7.15 8.02
N GLN A 62 1.95 -8.32 7.53
CA GLN A 62 1.61 -9.48 8.36
C GLN A 62 2.88 -10.28 8.70
N GLN A 63 3.83 -10.30 7.74
CA GLN A 63 5.17 -10.88 7.93
C GLN A 63 5.95 -10.09 9.00
N SER A 64 5.74 -8.77 9.01
CA SER A 64 6.34 -7.85 9.99
C SER A 64 5.61 -8.02 11.34
N VAL A 65 6.37 -8.39 12.37
CA VAL A 65 5.85 -8.64 13.73
C VAL A 65 5.67 -7.31 14.51
N GLU A 66 6.14 -6.20 13.90
CA GLU A 66 6.03 -4.86 14.49
C GLU A 66 4.57 -4.38 14.48
N SER A 67 4.06 -4.05 15.68
CA SER A 67 2.69 -3.57 15.92
C SER A 67 2.41 -2.30 15.11
N VAL A 68 3.44 -1.46 14.94
CA VAL A 68 3.36 -0.20 14.19
C VAL A 68 3.00 -0.45 12.71
N TRP A 69 3.53 -1.56 12.14
CA TRP A 69 3.26 -1.96 10.73
C TRP A 69 1.92 -2.68 10.60
N ASN A 70 1.45 -3.29 11.70
CA ASN A 70 0.13 -3.96 11.74
C ASN A 70 -1.00 -2.90 11.81
N MET A 71 -0.75 -1.81 12.57
CA MET A 71 -1.70 -0.69 12.73
C MET A 71 -1.66 0.24 11.51
N ALA A 72 -0.44 0.41 10.94
CA ALA A 72 -0.23 1.15 9.68
C ALA A 72 -0.93 0.41 8.54
N PHE A 73 -0.83 -0.92 8.55
CA PHE A 73 -1.53 -1.79 7.58
C PHE A 73 -3.04 -1.52 7.60
N ASP A 74 -3.63 -1.58 8.80
CA ASP A 74 -5.08 -1.42 8.99
C ASP A 74 -5.55 -0.03 8.47
N PHE A 75 -4.78 1.01 8.83
CA PHE A 75 -5.07 2.40 8.44
C PHE A 75 -4.99 2.59 6.91
N ILE A 76 -3.81 2.30 6.34
CA ILE A 76 -3.51 2.47 4.90
C ILE A 76 -4.53 1.72 4.05
N LEU A 77 -4.63 0.39 4.29
CA LEU A 77 -5.53 -0.51 3.55
C LEU A 77 -6.95 0.03 3.58
N ASP A 78 -7.40 0.45 4.78
CA ASP A 78 -8.76 0.99 5.00
C ASP A 78 -9.06 2.16 4.04
N ASN A 79 -8.23 3.22 4.12
CA ASN A 79 -8.43 4.46 3.33
C ASN A 79 -8.39 4.19 1.81
N VAL A 80 -7.46 3.31 1.38
CA VAL A 80 -7.32 2.93 -0.04
C VAL A 80 -8.60 2.24 -0.56
N GLN A 81 -9.06 1.24 0.19
CA GLN A 81 -10.24 0.43 -0.18
C GLN A 81 -11.53 1.28 -0.15
N VAL A 82 -11.59 2.25 0.79
CA VAL A 82 -12.73 3.18 0.90
C VAL A 82 -12.83 4.08 -0.36
N VAL A 83 -11.68 4.62 -0.81
CA VAL A 83 -11.60 5.42 -2.06
C VAL A 83 -11.97 4.55 -3.28
N LEU A 84 -11.60 3.26 -3.23
CA LEU A 84 -11.94 2.27 -4.26
C LEU A 84 -13.50 2.08 -4.29
N GLN A 85 -14.13 2.14 -3.10
CA GLN A 85 -15.61 2.06 -2.96
C GLN A 85 -16.29 3.38 -3.35
N GLN A 86 -15.53 4.49 -3.33
CA GLN A 86 -16.03 5.81 -3.82
C GLN A 86 -16.02 5.84 -5.36
N THR A 87 -14.97 5.24 -5.95
CA THR A 87 -14.74 5.25 -7.40
C THR A 87 -15.63 4.20 -8.10
N TYR A 88 -15.44 2.93 -7.73
CA TYR A 88 -16.11 1.78 -8.38
C TYR A 88 -17.31 1.26 -7.57
N GLY A 89 -17.23 1.37 -6.24
CA GLY A 89 -18.26 0.82 -5.36
C GLY A 89 -17.81 -0.46 -4.70
N SER A 90 -17.30 -1.39 -5.53
CA SER A 90 -16.77 -2.68 -5.07
C SER A 90 -15.25 -2.71 -5.22
N THR A 91 -14.56 -3.30 -4.22
CA THR A 91 -13.08 -3.43 -4.21
C THR A 91 -12.62 -4.71 -4.91
N LEU A 92 -11.30 -4.81 -5.10
CA LEU A 92 -10.65 -6.04 -5.63
C LEU A 92 -10.66 -7.13 -4.55
N LYS A 93 -10.60 -8.40 -5.02
CA LYS A 93 -10.57 -9.60 -4.15
C LYS A 93 -9.48 -9.51 -3.05
N VAL A 94 -8.38 -8.81 -3.38
CA VAL A 94 -7.31 -8.52 -2.44
C VAL A 94 -7.72 -7.39 -1.47
N THR A 95 -7.97 -7.78 -0.22
CA THR A 95 -8.42 -6.87 0.85
C THR A 95 -8.16 -7.52 2.25
N GLY A 1 1.48 8.82 -9.63
CA GLY A 1 2.15 9.11 -8.34
C GLY A 1 3.31 8.17 -8.07
N ASN A 2 4.04 8.42 -6.96
CA ASN A 2 5.19 7.58 -6.55
C ASN A 2 4.99 7.13 -5.10
N LEU A 3 5.67 6.03 -4.73
CA LEU A 3 5.65 5.46 -3.37
C LEU A 3 7.12 5.36 -2.91
N ALA A 4 7.53 6.29 -2.03
CA ALA A 4 8.91 6.39 -1.52
C ALA A 4 9.92 6.67 -2.67
N GLY A 5 9.42 7.32 -3.74
CA GLY A 5 10.22 7.63 -4.93
C GLY A 5 10.17 6.54 -6.01
N ALA A 6 9.41 5.47 -5.76
CA ALA A 6 9.30 4.32 -6.68
C ALA A 6 7.91 4.29 -7.34
N VAL A 7 7.89 4.34 -8.69
CA VAL A 7 6.65 4.19 -9.50
C VAL A 7 6.66 2.82 -10.19
N GLU A 8 7.84 2.44 -10.70
CA GLU A 8 8.07 1.17 -11.43
C GLU A 8 7.67 -0.03 -10.58
N PHE A 9 7.09 -1.06 -11.21
CA PHE A 9 6.35 -2.13 -10.49
C PHE A 9 7.24 -2.90 -9.50
N ASN A 10 8.32 -3.48 -10.04
CA ASN A 10 9.25 -4.28 -9.25
C ASN A 10 10.09 -3.40 -8.31
N ASP A 11 10.27 -2.11 -8.66
CA ASP A 11 10.98 -1.13 -7.81
C ASP A 11 10.16 -0.81 -6.55
N VAL A 12 8.82 -0.70 -6.70
CA VAL A 12 7.91 -0.52 -5.55
C VAL A 12 7.99 -1.75 -4.64
N LYS A 13 7.89 -2.94 -5.25
CA LYS A 13 7.91 -4.21 -4.50
C LYS A 13 9.25 -4.40 -3.76
N THR A 14 10.37 -4.15 -4.45
CA THR A 14 11.73 -4.37 -3.91
C THR A 14 12.07 -3.35 -2.79
N LEU A 15 11.97 -2.05 -3.11
CA LEU A 15 12.35 -0.96 -2.19
C LEU A 15 11.46 -0.98 -0.93
N LEU A 16 10.13 -1.09 -1.14
CA LEU A 16 9.16 -1.05 -0.02
C LEU A 16 9.16 -2.37 0.77
N ARG A 17 9.55 -3.52 0.15
CA ARG A 17 9.71 -4.80 0.90
C ARG A 17 10.82 -4.67 1.92
N GLU A 18 12.01 -4.33 1.41
CA GLU A 18 13.23 -4.21 2.21
C GLU A 18 13.14 -3.03 3.20
N TRP A 19 12.28 -2.04 2.89
CA TRP A 19 11.91 -0.96 3.81
C TRP A 19 11.12 -1.53 4.99
N ILE A 20 9.97 -2.15 4.70
CA ILE A 20 9.03 -2.65 5.74
C ILE A 20 9.69 -3.66 6.70
N THR A 21 10.49 -4.57 6.14
CA THR A 21 11.11 -5.69 6.89
C THR A 21 12.13 -5.20 7.96
N THR A 22 13.07 -4.33 7.55
CA THR A 22 14.20 -3.91 8.43
C THR A 22 13.88 -2.63 9.22
N ILE A 23 13.08 -1.73 8.64
CA ILE A 23 12.62 -0.50 9.33
C ILE A 23 11.43 -0.89 10.24
N SER A 24 11.64 -0.77 11.55
CA SER A 24 10.60 -1.00 12.57
C SER A 24 9.91 0.32 12.97
N ASP A 25 10.38 1.44 12.41
CA ASP A 25 9.89 2.81 12.72
C ASP A 25 9.48 3.54 11.42
N PRO A 26 8.28 3.24 10.83
CA PRO A 26 7.75 3.97 9.66
C PRO A 26 7.25 5.37 10.06
N MET A 27 7.72 6.42 9.34
CA MET A 27 7.25 7.80 9.58
C MET A 27 5.86 7.99 8.99
N GLU A 28 5.10 8.92 9.57
CA GLU A 28 3.68 9.16 9.22
C GLU A 28 3.53 9.62 7.75
N GLU A 29 4.51 10.42 7.31
CA GLU A 29 4.57 10.95 5.93
C GLU A 29 4.67 9.81 4.90
N ASP A 30 5.50 8.80 5.23
CA ASP A 30 5.66 7.59 4.39
C ASP A 30 4.37 6.79 4.30
N ILE A 31 3.68 6.66 5.45
CA ILE A 31 2.37 5.96 5.55
C ILE A 31 1.31 6.66 4.66
N LEU A 32 1.34 8.01 4.65
CA LEU A 32 0.47 8.82 3.78
C LEU A 32 0.82 8.61 2.30
N GLN A 33 2.12 8.47 2.00
CA GLN A 33 2.62 8.24 0.63
C GLN A 33 2.10 6.90 0.07
N VAL A 34 1.94 5.90 0.96
CA VAL A 34 1.41 4.57 0.57
C VAL A 34 -0.09 4.71 0.23
N VAL A 35 -0.83 5.45 1.09
CA VAL A 35 -2.27 5.75 0.88
C VAL A 35 -2.48 6.45 -0.47
N LYS A 36 -1.74 7.55 -0.67
CA LYS A 36 -1.90 8.46 -1.82
C LYS A 36 -1.49 7.77 -3.14
N TYR A 37 -0.47 6.90 -3.09
CA TYR A 37 -0.03 6.13 -4.28
C TYR A 37 -1.11 5.12 -4.68
N CYS A 38 -1.55 4.33 -3.69
CA CYS A 38 -2.54 3.26 -3.89
C CYS A 38 -3.94 3.82 -4.22
N THR A 39 -4.16 5.11 -3.92
CA THR A 39 -5.36 5.86 -4.35
C THR A 39 -5.14 6.51 -5.73
N ASP A 40 -3.87 6.91 -6.02
CA ASP A 40 -3.50 7.63 -7.27
C ASP A 40 -3.70 6.72 -8.48
N LEU A 41 -3.30 5.45 -8.34
CA LEU A 41 -3.47 4.44 -9.40
C LEU A 41 -4.96 4.07 -9.60
N ILE A 42 -5.81 4.28 -8.57
CA ILE A 42 -7.28 4.17 -8.71
C ILE A 42 -7.79 5.33 -9.59
N GLU A 43 -7.16 6.52 -9.43
CA GLU A 43 -7.44 7.69 -10.29
C GLU A 43 -6.93 7.44 -11.72
N GLU A 44 -5.79 6.73 -11.83
CA GLU A 44 -5.19 6.32 -13.14
C GLU A 44 -5.94 5.12 -13.75
N LYS A 45 -6.91 4.56 -12.97
CA LYS A 45 -7.77 3.42 -13.36
C LYS A 45 -7.01 2.09 -13.48
N ASP A 46 -5.77 2.09 -12.96
CA ASP A 46 -4.89 0.92 -12.96
C ASP A 46 -5.13 0.11 -11.68
N LEU A 47 -5.97 -0.92 -11.80
CA LEU A 47 -6.27 -1.85 -10.71
C LEU A 47 -5.22 -2.97 -10.61
N GLU A 48 -4.29 -3.02 -11.58
CA GLU A 48 -3.24 -4.05 -11.63
C GLU A 48 -2.29 -3.91 -10.43
N LYS A 49 -1.67 -2.72 -10.34
CA LYS A 49 -0.77 -2.36 -9.27
C LYS A 49 -1.52 -2.24 -7.93
N LEU A 50 -2.84 -1.93 -7.98
CA LEU A 50 -3.72 -1.95 -6.79
C LEU A 50 -3.74 -3.36 -6.21
N ASP A 51 -4.11 -4.32 -7.07
CA ASP A 51 -4.27 -5.74 -6.71
C ASP A 51 -2.98 -6.25 -6.03
N LEU A 52 -1.87 -6.02 -6.75
CA LEU A 52 -0.52 -6.38 -6.31
C LEU A 52 -0.17 -5.72 -4.97
N VAL A 53 -0.36 -4.38 -4.87
CA VAL A 53 0.13 -3.61 -3.71
C VAL A 53 -0.69 -3.96 -2.44
N ILE A 54 -2.00 -4.23 -2.58
CA ILE A 54 -2.88 -4.57 -1.44
C ILE A 54 -2.47 -5.93 -0.84
N LYS A 55 -2.40 -6.97 -1.70
CA LYS A 55 -2.08 -8.35 -1.26
C LYS A 55 -0.63 -8.44 -0.73
N TYR A 56 0.27 -7.63 -1.34
CA TYR A 56 1.70 -7.65 -1.03
C TYR A 56 1.98 -6.83 0.23
N MET A 57 1.24 -5.71 0.43
CA MET A 57 1.33 -4.90 1.68
C MET A 57 0.89 -5.73 2.88
N LYS A 58 -0.14 -6.56 2.70
CA LYS A 58 -0.55 -7.50 3.76
C LYS A 58 0.60 -8.48 4.06
N ARG A 59 1.15 -9.07 2.98
CA ARG A 59 2.25 -10.04 3.09
C ARG A 59 3.47 -9.45 3.87
N LEU A 60 3.80 -8.18 3.58
CA LEU A 60 5.01 -7.52 4.13
C LEU A 60 4.75 -6.93 5.53
N MET A 61 3.65 -6.17 5.67
CA MET A 61 3.31 -5.47 6.93
C MET A 61 2.85 -6.43 8.03
N GLN A 62 2.45 -7.67 7.65
CA GLN A 62 2.18 -8.76 8.60
C GLN A 62 3.42 -9.65 8.79
N GLN A 63 4.32 -9.70 7.76
CA GLN A 63 5.68 -10.32 7.91
C GLN A 63 6.44 -9.59 9.02
N SER A 64 6.52 -8.27 8.87
CA SER A 64 6.92 -7.36 9.95
C SER A 64 5.78 -7.30 10.96
N VAL A 65 5.78 -8.29 11.86
CA VAL A 65 4.68 -8.55 12.81
C VAL A 65 4.62 -7.47 13.92
N GLU A 66 5.49 -6.44 13.81
CA GLU A 66 5.49 -5.26 14.68
C GLU A 66 4.10 -4.56 14.65
N SER A 67 3.67 -4.08 15.83
CA SER A 67 2.35 -3.46 16.05
C SER A 67 2.11 -2.26 15.12
N VAL A 68 3.16 -1.41 14.95
CA VAL A 68 3.09 -0.18 14.15
C VAL A 68 2.76 -0.48 12.67
N TRP A 69 3.24 -1.63 12.16
CA TRP A 69 3.01 -2.05 10.76
C TRP A 69 1.60 -2.60 10.57
N ASN A 70 1.06 -3.23 11.61
CA ASN A 70 -0.31 -3.78 11.58
C ASN A 70 -1.34 -2.64 11.60
N MET A 71 -1.05 -1.60 12.41
CA MET A 71 -1.91 -0.39 12.53
C MET A 71 -1.81 0.48 11.27
N ALA A 72 -0.57 0.57 10.73
CA ALA A 72 -0.28 1.32 9.49
C ALA A 72 -1.04 0.69 8.32
N PHE A 73 -0.93 -0.65 8.20
CA PHE A 73 -1.62 -1.43 7.15
C PHE A 73 -3.14 -1.25 7.27
N ASP A 74 -3.65 -1.31 8.50
CA ASP A 74 -5.11 -1.19 8.78
C ASP A 74 -5.65 0.17 8.27
N PHE A 75 -4.89 1.24 8.54
CA PHE A 75 -5.20 2.62 8.12
C PHE A 75 -5.16 2.78 6.58
N ILE A 76 -4.00 2.43 6.01
CA ILE A 76 -3.73 2.55 4.55
C ILE A 76 -4.79 1.80 3.75
N LEU A 77 -4.97 0.53 4.11
CA LEU A 77 -5.96 -0.37 3.49
C LEU A 77 -7.35 0.27 3.56
N ASP A 78 -7.72 0.75 4.77
CA ASP A 78 -9.05 1.35 5.04
C ASP A 78 -9.39 2.45 4.02
N ASN A 79 -8.56 3.52 3.98
CA ASN A 79 -8.78 4.71 3.11
C ASN A 79 -8.84 4.32 1.62
N VAL A 80 -7.87 3.49 1.19
CA VAL A 80 -7.73 3.05 -0.22
C VAL A 80 -8.96 2.23 -0.67
N GLN A 81 -9.47 1.34 0.21
CA GLN A 81 -10.63 0.48 -0.07
C GLN A 81 -11.92 1.32 -0.15
N VAL A 82 -12.04 2.36 0.71
CA VAL A 82 -13.19 3.28 0.70
C VAL A 82 -13.28 4.00 -0.67
N VAL A 83 -12.17 4.61 -1.11
CA VAL A 83 -12.08 5.33 -2.40
C VAL A 83 -12.33 4.38 -3.59
N LEU A 84 -11.88 3.12 -3.44
CA LEU A 84 -12.09 2.06 -4.45
C LEU A 84 -13.60 1.76 -4.60
N GLN A 85 -14.34 1.80 -3.47
CA GLN A 85 -15.80 1.64 -3.47
C GLN A 85 -16.52 2.89 -4.05
N GLN A 86 -15.91 4.07 -3.86
CA GLN A 86 -16.44 5.34 -4.40
C GLN A 86 -16.25 5.39 -5.94
N THR A 87 -15.19 4.74 -6.44
CA THR A 87 -14.82 4.76 -7.87
C THR A 87 -15.48 3.59 -8.63
N TYR A 88 -15.20 2.35 -8.22
CA TYR A 88 -15.62 1.11 -8.93
C TYR A 88 -16.87 0.45 -8.31
N GLY A 89 -17.30 0.92 -7.14
CA GLY A 89 -18.47 0.34 -6.45
C GLY A 89 -18.08 -0.59 -5.32
N SER A 90 -17.22 -1.56 -5.65
CA SER A 90 -16.65 -2.51 -4.67
C SER A 90 -15.11 -2.48 -4.80
N THR A 91 -14.42 -3.37 -4.06
CA THR A 91 -12.95 -3.48 -4.06
C THR A 91 -12.50 -4.80 -4.70
N LEU A 92 -11.17 -5.00 -4.78
CA LEU A 92 -10.56 -6.27 -5.21
C LEU A 92 -10.61 -7.29 -4.05
N LYS A 93 -10.70 -8.60 -4.38
CA LYS A 93 -10.87 -9.69 -3.40
C LYS A 93 -9.52 -10.16 -2.81
N VAL A 94 -8.42 -9.45 -3.16
CA VAL A 94 -7.08 -9.72 -2.60
C VAL A 94 -7.05 -9.56 -1.06
N THR A 95 -7.02 -10.71 -0.37
CA THR A 95 -6.99 -10.78 1.08
C THR A 95 -6.28 -12.10 1.53
N GLY A 1 1.45 7.03 -10.04
CA GLY A 1 2.63 7.75 -9.52
C GLY A 1 3.70 6.79 -9.03
N ASN A 2 4.73 7.36 -8.37
CA ASN A 2 5.85 6.58 -7.79
C ASN A 2 5.80 6.64 -6.24
N LEU A 3 6.41 5.64 -5.60
CA LEU A 3 6.53 5.57 -4.12
C LEU A 3 7.92 5.02 -3.78
N ALA A 4 8.61 5.67 -2.82
CA ALA A 4 9.99 5.33 -2.42
C ALA A 4 10.98 5.66 -3.55
N GLY A 5 10.56 6.59 -4.45
CA GLY A 5 11.31 6.93 -5.66
C GLY A 5 11.22 5.84 -6.74
N ALA A 6 10.37 4.83 -6.50
CA ALA A 6 10.22 3.64 -7.36
C ALA A 6 8.97 3.79 -8.23
N VAL A 7 9.17 3.77 -9.57
CA VAL A 7 8.11 4.07 -10.56
C VAL A 7 7.45 2.77 -11.07
N GLU A 8 8.29 1.85 -11.57
CA GLU A 8 7.81 0.59 -12.19
C GLU A 8 7.30 -0.40 -11.11
N PHE A 9 6.48 -1.39 -11.55
CA PHE A 9 5.77 -2.34 -10.65
C PHE A 9 6.75 -3.05 -9.71
N ASN A 10 7.77 -3.68 -10.30
CA ASN A 10 8.79 -4.47 -9.60
C ASN A 10 9.73 -3.57 -8.79
N ASP A 11 9.91 -2.31 -9.23
CA ASP A 11 10.66 -1.31 -8.44
C ASP A 11 9.96 -1.08 -7.10
N VAL A 12 8.63 -0.81 -7.16
CA VAL A 12 7.81 -0.54 -5.96
C VAL A 12 7.80 -1.75 -5.01
N LYS A 13 7.64 -2.96 -5.59
CA LYS A 13 7.58 -4.21 -4.81
C LYS A 13 8.92 -4.46 -4.09
N THR A 14 10.05 -4.20 -4.78
CA THR A 14 11.40 -4.32 -4.21
C THR A 14 11.61 -3.30 -3.07
N LEU A 15 11.49 -2.00 -3.39
CA LEU A 15 11.73 -0.87 -2.45
C LEU A 15 10.90 -1.02 -1.16
N LEU A 16 9.60 -1.27 -1.31
CA LEU A 16 8.66 -1.36 -0.17
C LEU A 16 8.81 -2.69 0.60
N ARG A 17 9.29 -3.76 -0.07
CA ARG A 17 9.66 -5.00 0.64
C ARG A 17 10.86 -4.75 1.56
N GLU A 18 11.95 -4.29 0.94
CA GLU A 18 13.22 -4.00 1.63
C GLU A 18 13.06 -2.86 2.66
N TRP A 19 11.96 -2.09 2.51
CA TRP A 19 11.54 -1.07 3.48
C TRP A 19 10.98 -1.76 4.75
N ILE A 20 9.79 -2.38 4.62
CA ILE A 20 8.98 -2.86 5.77
C ILE A 20 9.70 -3.98 6.56
N THR A 21 10.51 -4.81 5.85
CA THR A 21 11.25 -5.93 6.46
C THR A 21 12.38 -5.45 7.40
N THR A 22 12.94 -4.24 7.13
CA THR A 22 14.04 -3.68 7.93
C THR A 22 13.51 -2.57 8.87
N ILE A 23 12.89 -1.51 8.27
CA ILE A 23 12.23 -0.43 9.02
C ILE A 23 11.11 -1.03 9.87
N SER A 24 11.32 -0.99 11.19
CA SER A 24 10.39 -1.52 12.19
C SER A 24 9.50 -0.40 12.76
N ASP A 25 9.84 0.88 12.45
CA ASP A 25 9.13 2.06 12.97
C ASP A 25 9.09 3.17 11.88
N PRO A 26 7.97 3.28 11.10
CA PRO A 26 7.78 4.34 10.06
C PRO A 26 7.32 5.69 10.66
N MET A 27 7.34 6.72 9.81
CA MET A 27 6.79 8.06 10.13
C MET A 27 5.39 8.20 9.51
N GLU A 28 4.52 9.00 10.15
CA GLU A 28 3.12 9.19 9.71
C GLU A 28 3.07 9.89 8.35
N GLU A 29 4.06 10.77 8.07
CA GLU A 29 4.19 11.49 6.78
C GLU A 29 4.29 10.47 5.62
N ASP A 30 5.14 9.45 5.86
CA ASP A 30 5.40 8.37 4.89
C ASP A 30 4.16 7.46 4.74
N ILE A 31 3.55 7.08 5.87
CA ILE A 31 2.34 6.22 5.89
C ILE A 31 1.21 6.85 5.03
N LEU A 32 1.01 8.18 5.22
CA LEU A 32 0.01 8.98 4.48
C LEU A 32 0.36 9.06 2.97
N GLN A 33 1.66 9.17 2.66
CA GLN A 33 2.19 9.15 1.30
C GLN A 33 1.85 7.82 0.59
N VAL A 34 2.00 6.69 1.32
CA VAL A 34 1.71 5.33 0.83
C VAL A 34 0.19 5.13 0.60
N VAL A 35 -0.64 5.76 1.47
CA VAL A 35 -2.12 5.80 1.29
C VAL A 35 -2.44 6.48 -0.05
N LYS A 36 -1.87 7.68 -0.22
CA LYS A 36 -2.06 8.53 -1.40
C LYS A 36 -1.59 7.83 -2.68
N TYR A 37 -0.57 6.97 -2.57
CA TYR A 37 -0.05 6.18 -3.71
C TYR A 37 -1.05 5.10 -4.16
N CYS A 38 -1.46 4.25 -3.21
CA CYS A 38 -2.35 3.11 -3.47
C CYS A 38 -3.76 3.60 -3.87
N THR A 39 -4.08 4.85 -3.54
CA THR A 39 -5.29 5.54 -4.00
C THR A 39 -5.06 6.20 -5.39
N ASP A 40 -3.83 6.73 -5.60
CA ASP A 40 -3.43 7.46 -6.83
C ASP A 40 -3.60 6.58 -8.07
N LEU A 41 -3.12 5.33 -7.97
CA LEU A 41 -3.17 4.35 -9.07
C LEU A 41 -4.63 3.89 -9.38
N ILE A 42 -5.53 3.97 -8.36
CA ILE A 42 -6.99 3.71 -8.54
C ILE A 42 -7.59 4.83 -9.42
N GLU A 43 -7.20 6.08 -9.10
CA GLU A 43 -7.59 7.28 -9.85
C GLU A 43 -6.99 7.25 -11.28
N GLU A 44 -5.77 6.67 -11.40
CA GLU A 44 -5.06 6.50 -12.70
C GLU A 44 -5.63 5.32 -13.51
N LYS A 45 -6.74 4.73 -13.01
CA LYS A 45 -7.53 3.71 -13.73
C LYS A 45 -6.75 2.41 -13.92
N ASP A 46 -6.02 1.98 -12.86
CA ASP A 46 -5.25 0.72 -12.89
C ASP A 46 -5.45 -0.08 -11.59
N LEU A 47 -6.29 -1.11 -11.68
CA LEU A 47 -6.53 -2.08 -10.60
C LEU A 47 -5.44 -3.16 -10.54
N GLU A 48 -4.66 -3.30 -11.64
CA GLU A 48 -3.53 -4.26 -11.71
C GLU A 48 -2.54 -3.97 -10.56
N LYS A 49 -2.11 -2.69 -10.51
CA LYS A 49 -1.18 -2.21 -9.49
C LYS A 49 -1.84 -2.19 -8.11
N LEU A 50 -3.18 -2.04 -8.06
CA LEU A 50 -3.93 -2.04 -6.79
C LEU A 50 -3.77 -3.40 -6.10
N ASP A 51 -4.11 -4.49 -6.84
CA ASP A 51 -3.96 -5.86 -6.34
C ASP A 51 -2.53 -6.09 -5.85
N LEU A 52 -1.56 -5.77 -6.73
CA LEU A 52 -0.11 -5.93 -6.45
C LEU A 52 0.29 -5.26 -5.12
N VAL A 53 -0.02 -3.95 -4.99
CA VAL A 53 0.46 -3.15 -3.86
C VAL A 53 -0.24 -3.56 -2.54
N ILE A 54 -1.56 -3.84 -2.59
CA ILE A 54 -2.36 -4.20 -1.38
C ILE A 54 -1.90 -5.55 -0.78
N LYS A 55 -1.93 -6.61 -1.62
CA LYS A 55 -1.65 -8.00 -1.18
C LYS A 55 -0.18 -8.16 -0.76
N TYR A 56 0.73 -7.49 -1.49
CA TYR A 56 2.16 -7.56 -1.19
C TYR A 56 2.46 -6.82 0.11
N MET A 57 1.85 -5.62 0.26
CA MET A 57 2.01 -4.75 1.46
C MET A 57 1.58 -5.51 2.71
N LYS A 58 0.43 -6.21 2.57
CA LYS A 58 -0.15 -7.05 3.62
C LYS A 58 0.84 -8.11 4.09
N ARG A 59 1.41 -8.86 3.12
CA ARG A 59 2.38 -9.93 3.40
C ARG A 59 3.59 -9.39 4.19
N LEU A 60 4.11 -8.22 3.76
CA LEU A 60 5.31 -7.58 4.35
C LEU A 60 5.02 -7.07 5.78
N MET A 61 3.80 -6.57 5.98
CA MET A 61 3.31 -6.07 7.29
C MET A 61 2.93 -7.26 8.22
N GLN A 62 2.77 -8.47 7.63
CA GLN A 62 2.64 -9.73 8.39
C GLN A 62 4.02 -10.35 8.69
N GLN A 63 5.04 -10.04 7.83
CA GLN A 63 6.45 -10.42 8.09
C GLN A 63 6.93 -9.68 9.34
N SER A 64 6.60 -8.39 9.38
CA SER A 64 6.83 -7.53 10.52
C SER A 64 5.75 -7.78 11.59
N VAL A 65 6.17 -8.25 12.77
CA VAL A 65 5.30 -8.42 13.96
C VAL A 65 4.99 -7.03 14.61
N GLU A 66 5.63 -5.98 14.04
CA GLU A 66 5.49 -4.58 14.46
C GLU A 66 4.03 -4.15 14.40
N SER A 67 3.44 -3.89 15.58
CA SER A 67 2.04 -3.48 15.73
C SER A 67 1.78 -2.17 14.95
N VAL A 68 2.82 -1.31 14.85
CA VAL A 68 2.75 -0.05 14.10
C VAL A 68 2.42 -0.27 12.61
N TRP A 69 3.05 -1.30 11.98
CA TRP A 69 2.85 -1.62 10.55
C TRP A 69 1.47 -2.27 10.32
N ASN A 70 0.94 -2.95 11.36
CA ASN A 70 -0.39 -3.60 11.31
C ASN A 70 -1.52 -2.57 11.48
N MET A 71 -1.29 -1.55 12.33
CA MET A 71 -2.24 -0.43 12.55
C MET A 71 -2.19 0.52 11.34
N ALA A 72 -0.96 0.68 10.81
CA ALA A 72 -0.71 1.46 9.58
C ALA A 72 -1.36 0.77 8.39
N PHE A 73 -1.33 -0.59 8.38
CA PHE A 73 -2.00 -1.38 7.32
C PHE A 73 -3.50 -1.15 7.37
N ASP A 74 -4.06 -1.23 8.59
CA ASP A 74 -5.49 -1.00 8.82
C ASP A 74 -5.93 0.37 8.25
N PHE A 75 -5.11 1.40 8.52
CA PHE A 75 -5.37 2.78 8.05
C PHE A 75 -5.27 2.88 6.50
N ILE A 76 -4.09 2.49 5.95
CA ILE A 76 -3.81 2.57 4.51
C ILE A 76 -4.88 1.81 3.71
N LEU A 77 -5.04 0.52 4.05
CA LEU A 77 -6.05 -0.37 3.44
C LEU A 77 -7.46 0.26 3.50
N ASP A 78 -7.82 0.82 4.68
CA ASP A 78 -9.15 1.43 4.89
C ASP A 78 -9.44 2.52 3.85
N ASN A 79 -8.63 3.61 3.87
CA ASN A 79 -8.84 4.80 3.01
C ASN A 79 -8.77 4.45 1.51
N VAL A 80 -7.83 3.58 1.14
CA VAL A 80 -7.62 3.13 -0.25
C VAL A 80 -8.82 2.32 -0.77
N GLN A 81 -9.26 1.33 0.02
CA GLN A 81 -10.39 0.44 -0.33
C GLN A 81 -11.73 1.22 -0.30
N VAL A 82 -11.81 2.28 0.52
CA VAL A 82 -12.96 3.20 0.56
C VAL A 82 -13.08 3.95 -0.79
N VAL A 83 -11.95 4.55 -1.25
CA VAL A 83 -11.91 5.27 -2.55
C VAL A 83 -12.19 4.29 -3.71
N LEU A 84 -11.74 3.04 -3.56
CA LEU A 84 -11.98 1.95 -4.53
C LEU A 84 -13.52 1.69 -4.65
N GLN A 85 -14.21 1.68 -3.49
CA GLN A 85 -15.70 1.60 -3.43
C GLN A 85 -16.33 2.80 -4.16
N GLN A 86 -15.72 4.00 -4.02
CA GLN A 86 -16.22 5.25 -4.64
C GLN A 86 -15.98 5.28 -6.16
N THR A 87 -14.88 4.63 -6.61
CA THR A 87 -14.39 4.74 -8.00
C THR A 87 -14.96 3.62 -8.90
N TYR A 88 -14.80 2.36 -8.48
CA TYR A 88 -15.21 1.16 -9.28
C TYR A 88 -16.52 0.54 -8.75
N GLY A 89 -17.05 1.04 -7.64
CA GLY A 89 -18.31 0.53 -7.07
C GLY A 89 -18.09 -0.58 -6.04
N SER A 90 -17.13 -1.47 -6.33
CA SER A 90 -16.75 -2.59 -5.46
C SER A 90 -15.22 -2.74 -5.43
N THR A 91 -14.69 -3.36 -4.36
CA THR A 91 -13.25 -3.58 -4.16
C THR A 91 -12.79 -4.93 -4.71
N LEU A 92 -11.47 -5.11 -4.73
CA LEU A 92 -10.81 -6.37 -5.04
C LEU A 92 -10.75 -7.23 -3.77
N LYS A 93 -10.72 -8.57 -3.93
CA LYS A 93 -10.77 -9.53 -2.81
C LYS A 93 -9.52 -9.43 -1.91
N VAL A 94 -8.45 -8.82 -2.44
CA VAL A 94 -7.24 -8.49 -1.69
C VAL A 94 -7.56 -7.34 -0.68
N THR A 95 -7.79 -7.73 0.57
CA THR A 95 -8.10 -6.82 1.68
C THR A 95 -7.44 -7.37 2.98
N GLY A 1 2.23 8.89 -9.20
CA GLY A 1 2.66 7.51 -9.56
C GLY A 1 4.05 7.19 -9.06
N ASN A 2 4.29 7.46 -7.76
CA ASN A 2 5.60 7.24 -7.12
C ASN A 2 5.41 7.12 -5.59
N LEU A 3 6.26 6.29 -4.98
CA LEU A 3 6.18 5.93 -3.55
C LEU A 3 7.59 5.61 -3.04
N ALA A 4 8.12 6.48 -2.15
CA ALA A 4 9.49 6.35 -1.57
C ALA A 4 10.60 6.43 -2.65
N GLY A 5 10.26 7.07 -3.79
CA GLY A 5 11.16 7.18 -4.95
C GLY A 5 10.92 6.08 -6.00
N ALA A 6 10.15 5.05 -5.61
CA ALA A 6 9.87 3.87 -6.45
C ALA A 6 8.59 4.09 -7.28
N VAL A 7 8.71 3.96 -8.62
CA VAL A 7 7.63 4.28 -9.57
C VAL A 7 6.95 2.99 -10.09
N GLU A 8 7.69 2.21 -10.89
CA GLU A 8 7.14 1.01 -11.57
C GLU A 8 7.10 -0.19 -10.63
N PHE A 9 6.39 -1.25 -11.08
CA PHE A 9 5.99 -2.42 -10.25
C PHE A 9 7.11 -2.95 -9.33
N ASN A 10 8.22 -3.37 -9.96
CA ASN A 10 9.31 -4.08 -9.27
C ASN A 10 10.11 -3.15 -8.36
N ASP A 11 10.16 -1.86 -8.72
CA ASP A 11 10.78 -0.81 -7.89
C ASP A 11 10.00 -0.69 -6.57
N VAL A 12 8.66 -0.60 -6.68
CA VAL A 12 7.76 -0.42 -5.53
C VAL A 12 7.85 -1.62 -4.58
N LYS A 13 7.62 -2.83 -5.12
CA LYS A 13 7.56 -4.05 -4.30
C LYS A 13 8.90 -4.32 -3.60
N THR A 14 10.02 -4.20 -4.33
CA THR A 14 11.37 -4.43 -3.78
C THR A 14 11.76 -3.39 -2.70
N LEU A 15 11.76 -2.09 -3.07
CA LEU A 15 12.26 -1.01 -2.17
C LEU A 15 11.39 -0.87 -0.92
N LEU A 16 10.05 -0.95 -1.10
CA LEU A 16 9.10 -0.87 0.03
C LEU A 16 9.14 -2.15 0.89
N ARG A 17 9.50 -3.31 0.29
CA ARG A 17 9.79 -4.55 1.05
C ARG A 17 10.99 -4.34 1.97
N GLU A 18 12.10 -3.90 1.38
CA GLU A 18 13.38 -3.68 2.09
C GLU A 18 13.25 -2.56 3.14
N TRP A 19 12.24 -1.69 2.95
CA TRP A 19 11.89 -0.65 3.92
C TRP A 19 11.12 -1.26 5.12
N ILE A 20 9.98 -1.93 4.84
CA ILE A 20 9.07 -2.50 5.90
C ILE A 20 9.80 -3.52 6.80
N THR A 21 10.62 -4.38 6.17
CA THR A 21 11.28 -5.52 6.84
C THR A 21 12.43 -5.08 7.77
N THR A 22 12.99 -3.86 7.56
CA THR A 22 14.10 -3.32 8.39
C THR A 22 13.61 -2.16 9.26
N ILE A 23 13.06 -1.11 8.60
CA ILE A 23 12.41 0.02 9.28
C ILE A 23 11.06 -0.46 9.86
N SER A 24 11.13 -0.99 11.08
CA SER A 24 9.98 -1.57 11.78
C SER A 24 9.14 -0.48 12.47
N ASP A 25 9.74 0.71 12.64
CA ASP A 25 9.03 1.93 13.09
C ASP A 25 9.18 3.01 11.98
N PRO A 26 8.19 3.09 11.03
CA PRO A 26 8.26 4.02 9.87
C PRO A 26 7.94 5.49 10.24
N MET A 27 8.18 6.39 9.27
CA MET A 27 7.73 7.79 9.36
C MET A 27 6.29 7.88 8.80
N GLU A 28 5.45 8.70 9.46
CA GLU A 28 4.03 8.84 9.09
C GLU A 28 3.86 9.46 7.69
N GLU A 29 4.81 10.34 7.28
CA GLU A 29 4.79 10.96 5.94
C GLU A 29 4.81 9.87 4.85
N ASP A 30 5.68 8.88 5.06
CA ASP A 30 5.85 7.71 4.17
C ASP A 30 4.57 6.87 4.15
N ILE A 31 3.97 6.65 5.34
CA ILE A 31 2.69 5.91 5.50
C ILE A 31 1.57 6.56 4.65
N LEU A 32 1.52 7.90 4.69
CA LEU A 32 0.55 8.70 3.93
C LEU A 32 0.83 8.61 2.42
N GLN A 33 2.13 8.57 2.05
CA GLN A 33 2.56 8.40 0.64
C GLN A 33 2.06 7.07 0.06
N VAL A 34 2.04 6.01 0.90
CA VAL A 34 1.56 4.67 0.50
C VAL A 34 0.06 4.73 0.19
N VAL A 35 -0.68 5.43 1.06
CA VAL A 35 -2.14 5.66 0.90
C VAL A 35 -2.40 6.37 -0.44
N LYS A 36 -1.71 7.50 -0.64
CA LYS A 36 -1.92 8.42 -1.78
C LYS A 36 -1.47 7.78 -3.11
N TYR A 37 -0.48 6.88 -3.05
CA TYR A 37 0.02 6.14 -4.23
C TYR A 37 -1.03 5.13 -4.71
N CYS A 38 -1.46 4.28 -3.76
CA CYS A 38 -2.44 3.23 -4.02
C CYS A 38 -3.84 3.83 -4.31
N THR A 39 -4.05 5.11 -3.92
CA THR A 39 -5.25 5.89 -4.31
C THR A 39 -5.07 6.47 -5.74
N ASP A 40 -3.84 6.96 -6.03
CA ASP A 40 -3.50 7.65 -7.30
C ASP A 40 -3.78 6.77 -8.52
N LEU A 41 -3.36 5.51 -8.42
CA LEU A 41 -3.55 4.51 -9.51
C LEU A 41 -5.03 4.04 -9.64
N ILE A 42 -5.84 4.14 -8.55
CA ILE A 42 -7.31 3.93 -8.63
C ILE A 42 -7.94 5.06 -9.48
N GLU A 43 -7.41 6.27 -9.28
CA GLU A 43 -7.82 7.47 -10.04
C GLU A 43 -7.35 7.36 -11.50
N GLU A 44 -6.21 6.68 -11.73
CA GLU A 44 -5.71 6.35 -13.09
C GLU A 44 -6.45 5.14 -13.71
N LYS A 45 -7.43 4.58 -12.94
CA LYS A 45 -8.33 3.48 -13.35
C LYS A 45 -7.61 2.12 -13.46
N ASP A 46 -6.37 2.03 -12.94
CA ASP A 46 -5.53 0.84 -13.03
C ASP A 46 -5.63 0.03 -11.72
N LEU A 47 -6.48 -1.00 -11.74
CA LEU A 47 -6.69 -1.91 -10.59
C LEU A 47 -5.68 -3.06 -10.57
N GLU A 48 -4.88 -3.20 -11.64
CA GLU A 48 -3.86 -4.27 -11.75
C GLU A 48 -2.71 -3.97 -10.78
N LYS A 49 -2.18 -2.74 -10.91
CA LYS A 49 -1.12 -2.20 -10.04
C LYS A 49 -1.62 -2.16 -8.58
N LEU A 50 -2.91 -1.84 -8.43
CA LEU A 50 -3.60 -1.79 -7.13
C LEU A 50 -3.58 -3.16 -6.45
N ASP A 51 -4.08 -4.18 -7.16
CA ASP A 51 -4.18 -5.55 -6.62
C ASP A 51 -2.82 -6.06 -6.17
N LEU A 52 -1.80 -5.82 -7.00
CA LEU A 52 -0.39 -6.19 -6.73
C LEU A 52 0.17 -5.50 -5.48
N VAL A 53 0.00 -4.16 -5.39
CA VAL A 53 0.61 -3.38 -4.29
C VAL A 53 -0.12 -3.69 -2.96
N ILE A 54 -1.45 -3.84 -3.01
CA ILE A 54 -2.29 -4.17 -1.84
C ILE A 54 -1.94 -5.57 -1.28
N LYS A 55 -1.88 -6.58 -2.17
CA LYS A 55 -1.68 -7.98 -1.77
C LYS A 55 -0.25 -8.22 -1.27
N TYR A 56 0.73 -7.50 -1.88
CA TYR A 56 2.15 -7.67 -1.56
C TYR A 56 2.46 -6.97 -0.23
N MET A 57 1.94 -5.73 -0.05
CA MET A 57 2.06 -4.99 1.24
C MET A 57 1.31 -5.71 2.34
N LYS A 58 0.25 -6.44 1.99
CA LYS A 58 -0.46 -7.32 2.93
C LYS A 58 0.51 -8.38 3.46
N ARG A 59 1.22 -9.06 2.54
CA ARG A 59 2.24 -10.07 2.90
C ARG A 59 3.33 -9.47 3.83
N LEU A 60 3.83 -8.27 3.47
CA LEU A 60 4.96 -7.62 4.17
C LEU A 60 4.57 -7.11 5.56
N MET A 61 3.45 -6.36 5.62
CA MET A 61 2.95 -5.73 6.86
C MET A 61 2.35 -6.76 7.84
N GLN A 62 1.97 -7.96 7.33
CA GLN A 62 1.57 -9.11 8.17
C GLN A 62 2.79 -9.99 8.50
N GLN A 63 3.85 -9.90 7.67
CA GLN A 63 5.16 -10.54 7.94
C GLN A 63 5.82 -9.87 9.15
N SER A 64 5.70 -8.53 9.19
CA SER A 64 6.11 -7.73 10.34
C SER A 64 5.02 -7.83 11.43
N VAL A 65 5.42 -8.24 12.64
CA VAL A 65 4.51 -8.43 13.78
C VAL A 65 4.51 -7.17 14.69
N GLU A 66 4.83 -6.02 14.06
CA GLU A 66 5.01 -4.74 14.73
C GLU A 66 3.63 -4.09 14.95
N SER A 67 3.40 -3.55 16.15
CA SER A 67 2.13 -2.93 16.55
C SER A 67 1.83 -1.67 15.70
N VAL A 68 2.90 -0.93 15.34
CA VAL A 68 2.78 0.26 14.49
C VAL A 68 2.46 -0.14 13.04
N TRP A 69 3.06 -1.26 12.56
CA TRP A 69 2.78 -1.81 11.22
C TRP A 69 1.42 -2.50 11.15
N ASN A 70 0.91 -2.92 12.31
CA ASN A 70 -0.41 -3.57 12.43
C ASN A 70 -1.51 -2.52 12.13
N MET A 71 -1.35 -1.36 12.79
CA MET A 71 -2.29 -0.22 12.68
C MET A 71 -2.04 0.61 11.42
N ALA A 72 -0.77 0.62 10.95
CA ALA A 72 -0.38 1.32 9.70
C ALA A 72 -0.96 0.59 8.50
N PHE A 73 -0.87 -0.76 8.52
CA PHE A 73 -1.49 -1.63 7.51
C PHE A 73 -3.00 -1.38 7.46
N ASP A 74 -3.64 -1.43 8.65
CA ASP A 74 -5.09 -1.28 8.78
C ASP A 74 -5.55 0.10 8.27
N PHE A 75 -4.78 1.15 8.58
CA PHE A 75 -5.04 2.54 8.16
C PHE A 75 -4.94 2.67 6.62
N ILE A 76 -3.74 2.37 6.08
CA ILE A 76 -3.43 2.50 4.63
C ILE A 76 -4.44 1.72 3.78
N LEU A 77 -4.57 0.42 4.12
CA LEU A 77 -5.49 -0.50 3.43
C LEU A 77 -6.91 0.08 3.43
N ASP A 78 -7.38 0.50 4.63
CA ASP A 78 -8.75 1.01 4.83
C ASP A 78 -9.07 2.17 3.87
N ASN A 79 -8.29 3.27 3.97
CA ASN A 79 -8.49 4.51 3.18
C ASN A 79 -8.49 4.21 1.65
N VAL A 80 -7.50 3.43 1.20
CA VAL A 80 -7.36 3.05 -0.22
C VAL A 80 -8.58 2.25 -0.71
N GLN A 81 -8.98 1.23 0.07
CA GLN A 81 -10.10 0.35 -0.27
C GLN A 81 -11.44 1.13 -0.25
N VAL A 82 -11.54 2.17 0.62
CA VAL A 82 -12.73 3.05 0.66
C VAL A 82 -12.87 3.83 -0.66
N VAL A 83 -11.74 4.44 -1.14
CA VAL A 83 -11.70 5.16 -2.44
C VAL A 83 -12.16 4.21 -3.57
N LEU A 84 -11.66 2.98 -3.49
CA LEU A 84 -11.96 1.89 -4.44
C LEU A 84 -13.48 1.54 -4.43
N GLN A 85 -14.11 1.60 -3.24
CA GLN A 85 -15.57 1.37 -3.07
C GLN A 85 -16.39 2.60 -3.55
N GLN A 86 -15.79 3.79 -3.50
CA GLN A 86 -16.43 5.03 -3.98
C GLN A 86 -16.40 5.08 -5.52
N THR A 87 -15.34 4.51 -6.12
CA THR A 87 -15.11 4.56 -7.57
C THR A 87 -15.81 3.37 -8.29
N TYR A 88 -15.44 2.14 -7.90
CA TYR A 88 -15.89 0.89 -8.59
C TYR A 88 -17.01 0.17 -7.82
N GLY A 89 -17.40 0.70 -6.65
CA GLY A 89 -18.48 0.09 -5.84
C GLY A 89 -17.94 -0.98 -4.90
N SER A 90 -17.29 -2.01 -5.48
CA SER A 90 -16.66 -3.11 -4.73
C SER A 90 -15.13 -2.99 -4.79
N THR A 91 -14.44 -3.77 -3.93
CA THR A 91 -12.96 -3.84 -3.90
C THR A 91 -12.44 -5.00 -4.78
N LEU A 92 -11.12 -5.17 -4.82
CA LEU A 92 -10.45 -6.36 -5.35
C LEU A 92 -10.34 -7.39 -4.21
N LYS A 93 -10.85 -8.63 -4.45
CA LYS A 93 -10.70 -9.75 -3.50
C LYS A 93 -9.24 -10.27 -3.56
N VAL A 94 -8.34 -9.53 -2.89
CA VAL A 94 -6.90 -9.78 -2.95
C VAL A 94 -6.55 -11.11 -2.25
N THR A 95 -6.29 -12.12 -3.07
CA THR A 95 -5.90 -13.46 -2.64
C THR A 95 -4.37 -13.48 -2.38
N GLY A 1 4.91 10.51 -11.20
CA GLY A 1 4.63 10.01 -9.84
C GLY A 1 5.42 8.74 -9.52
N ASN A 2 5.77 8.59 -8.24
CA ASN A 2 6.55 7.44 -7.72
C ASN A 2 6.22 7.23 -6.24
N LEU A 3 6.96 6.32 -5.58
CA LEU A 3 6.80 6.05 -4.14
C LEU A 3 8.15 5.57 -3.57
N ALA A 4 8.70 6.38 -2.62
CA ALA A 4 10.00 6.13 -1.95
C ALA A 4 11.17 6.18 -2.96
N GLY A 5 10.95 6.90 -4.08
CA GLY A 5 11.91 6.96 -5.21
C GLY A 5 11.67 5.87 -6.25
N ALA A 6 10.87 4.86 -5.88
CA ALA A 6 10.55 3.71 -6.72
C ALA A 6 9.37 4.04 -7.65
N VAL A 7 9.65 4.12 -8.96
CA VAL A 7 8.68 4.56 -9.96
C VAL A 7 7.81 3.38 -10.42
N GLU A 8 8.47 2.39 -11.04
CA GLU A 8 7.79 1.29 -11.73
C GLU A 8 7.31 0.21 -10.74
N PHE A 9 6.59 -0.78 -11.27
CA PHE A 9 5.84 -1.78 -10.48
C PHE A 9 6.75 -2.56 -9.51
N ASN A 10 7.77 -3.23 -10.08
CA ASN A 10 8.67 -4.12 -9.33
C ASN A 10 9.69 -3.33 -8.49
N ASP A 11 9.92 -2.06 -8.88
CA ASP A 11 10.71 -1.11 -8.08
C ASP A 11 10.00 -0.84 -6.75
N VAL A 12 8.69 -0.52 -6.85
CA VAL A 12 7.83 -0.28 -5.67
C VAL A 12 7.81 -1.53 -4.76
N LYS A 13 7.74 -2.71 -5.39
CA LYS A 13 7.81 -3.99 -4.67
C LYS A 13 9.12 -4.10 -3.84
N THR A 14 10.26 -3.87 -4.51
CA THR A 14 11.61 -4.05 -3.90
C THR A 14 11.86 -3.07 -2.72
N LEU A 15 11.63 -1.77 -2.99
CA LEU A 15 11.97 -0.68 -2.06
C LEU A 15 11.02 -0.64 -0.86
N LEU A 16 9.73 -0.90 -1.09
CA LEU A 16 8.73 -0.94 0.00
C LEU A 16 8.85 -2.25 0.80
N ARG A 17 9.41 -3.33 0.17
CA ARG A 17 9.72 -4.57 0.90
C ARG A 17 10.82 -4.32 1.94
N GLU A 18 11.98 -3.84 1.46
CA GLU A 18 13.15 -3.57 2.34
C GLU A 18 12.84 -2.46 3.36
N TRP A 19 11.85 -1.58 3.05
CA TRP A 19 11.35 -0.59 4.02
C TRP A 19 10.63 -1.30 5.18
N ILE A 20 9.53 -2.02 4.86
CA ILE A 20 8.64 -2.61 5.89
C ILE A 20 9.34 -3.70 6.73
N THR A 21 10.20 -4.51 6.09
CA THR A 21 10.85 -5.67 6.72
C THR A 21 12.01 -5.25 7.64
N THR A 22 12.78 -4.23 7.21
CA THR A 22 13.99 -3.79 7.95
C THR A 22 13.63 -2.72 8.98
N ILE A 23 12.90 -1.69 8.52
CA ILE A 23 12.48 -0.55 9.34
C ILE A 23 11.25 -0.95 10.17
N SER A 24 11.42 -1.02 11.50
CA SER A 24 10.31 -1.28 12.44
C SER A 24 9.54 0.01 12.77
N ASP A 25 10.17 1.18 12.54
CA ASP A 25 9.62 2.51 12.85
C ASP A 25 9.01 3.14 11.57
N PRO A 26 7.67 3.07 11.34
CA PRO A 26 7.05 3.70 10.17
C PRO A 26 6.82 5.20 10.42
N MET A 27 7.31 6.05 9.51
CA MET A 27 7.13 7.51 9.58
C MET A 27 5.75 7.86 9.00
N GLU A 28 5.02 8.75 9.71
CA GLU A 28 3.63 9.14 9.37
C GLU A 28 3.52 9.60 7.90
N GLU A 29 4.46 10.48 7.49
CA GLU A 29 4.52 11.05 6.13
C GLU A 29 4.59 9.95 5.06
N ASP A 30 5.56 9.03 5.23
CA ASP A 30 5.82 7.92 4.27
C ASP A 30 4.57 7.03 4.11
N ILE A 31 3.89 6.76 5.25
CA ILE A 31 2.59 6.05 5.29
C ILE A 31 1.55 6.77 4.40
N LEU A 32 1.44 8.10 4.61
CA LEU A 32 0.46 8.96 3.90
C LEU A 32 0.70 8.95 2.38
N GLN A 33 2.00 8.94 1.99
CA GLN A 33 2.41 8.82 0.57
C GLN A 33 1.95 7.46 -0.01
N VAL A 34 2.16 6.36 0.74
CA VAL A 34 1.76 4.99 0.31
C VAL A 34 0.24 4.93 0.03
N VAL A 35 -0.54 5.61 0.90
CA VAL A 35 -2.00 5.73 0.76
C VAL A 35 -2.33 6.45 -0.57
N LYS A 36 -1.69 7.62 -0.76
CA LYS A 36 -1.92 8.51 -1.92
C LYS A 36 -1.52 7.85 -3.25
N TYR A 37 -0.52 6.97 -3.22
CA TYR A 37 -0.05 6.23 -4.42
C TYR A 37 -1.05 5.14 -4.80
N CYS A 38 -1.45 4.35 -3.78
CA CYS A 38 -2.42 3.26 -3.94
C CYS A 38 -3.83 3.79 -4.26
N THR A 39 -4.07 5.08 -3.98
CA THR A 39 -5.29 5.82 -4.38
C THR A 39 -5.12 6.39 -5.81
N ASP A 40 -3.91 6.89 -6.10
CA ASP A 40 -3.56 7.59 -7.37
C ASP A 40 -3.81 6.68 -8.59
N LEU A 41 -3.39 5.41 -8.44
CA LEU A 41 -3.55 4.40 -9.47
C LEU A 41 -5.04 3.96 -9.64
N ILE A 42 -5.85 4.03 -8.55
CA ILE A 42 -7.32 3.76 -8.61
C ILE A 42 -8.01 4.84 -9.47
N GLU A 43 -7.52 6.08 -9.33
CA GLU A 43 -8.03 7.23 -10.09
C GLU A 43 -7.69 7.13 -11.59
N GLU A 44 -6.65 6.36 -11.93
CA GLU A 44 -6.29 6.05 -13.33
C GLU A 44 -6.82 4.66 -13.75
N LYS A 45 -7.63 4.03 -12.86
CA LYS A 45 -8.29 2.72 -13.10
C LYS A 45 -7.29 1.58 -13.34
N ASP A 46 -6.10 1.70 -12.73
CA ASP A 46 -5.07 0.65 -12.73
C ASP A 46 -5.27 -0.24 -11.49
N LEU A 47 -6.17 -1.23 -11.64
CA LEU A 47 -6.46 -2.22 -10.59
C LEU A 47 -5.41 -3.34 -10.56
N GLU A 48 -4.57 -3.42 -11.62
CA GLU A 48 -3.51 -4.43 -11.70
C GLU A 48 -2.49 -4.20 -10.59
N LYS A 49 -1.92 -2.98 -10.57
CA LYS A 49 -0.98 -2.56 -9.56
C LYS A 49 -1.68 -2.35 -8.20
N LEU A 50 -3.02 -2.17 -8.20
CA LEU A 50 -3.80 -2.10 -6.94
C LEU A 50 -3.74 -3.47 -6.23
N ASP A 51 -4.14 -4.54 -6.96
CA ASP A 51 -4.09 -5.93 -6.47
C ASP A 51 -2.70 -6.24 -5.91
N LEU A 52 -1.68 -5.93 -6.74
CA LEU A 52 -0.26 -6.15 -6.40
C LEU A 52 0.12 -5.44 -5.10
N VAL A 53 -0.09 -4.10 -5.06
CA VAL A 53 0.42 -3.26 -3.97
C VAL A 53 -0.28 -3.59 -2.64
N ILE A 54 -1.58 -3.96 -2.69
CA ILE A 54 -2.38 -4.29 -1.50
C ILE A 54 -1.96 -5.64 -0.88
N LYS A 55 -1.99 -6.72 -1.69
CA LYS A 55 -1.73 -8.10 -1.20
C LYS A 55 -0.26 -8.26 -0.76
N TYR A 56 0.64 -7.54 -1.46
CA TYR A 56 2.07 -7.56 -1.20
C TYR A 56 2.37 -6.76 0.08
N MET A 57 1.76 -5.55 0.20
CA MET A 57 1.87 -4.68 1.39
C MET A 57 1.47 -5.45 2.66
N LYS A 58 0.36 -6.18 2.54
CA LYS A 58 -0.16 -7.08 3.58
C LYS A 58 0.90 -8.10 3.97
N ARG A 59 1.46 -8.80 2.96
CA ARG A 59 2.45 -9.87 3.16
C ARG A 59 3.69 -9.35 3.91
N LEU A 60 4.08 -8.09 3.65
CA LEU A 60 5.26 -7.45 4.27
C LEU A 60 4.96 -7.01 5.71
N MET A 61 3.76 -6.42 5.92
CA MET A 61 3.33 -5.87 7.22
C MET A 61 2.89 -6.98 8.18
N GLN A 62 2.61 -8.18 7.62
CA GLN A 62 2.35 -9.41 8.41
C GLN A 62 3.64 -10.23 8.57
N GLN A 63 4.61 -10.01 7.64
CA GLN A 63 5.99 -10.56 7.76
C GLN A 63 6.65 -9.98 9.01
N SER A 64 6.39 -8.68 9.22
CA SER A 64 6.72 -7.96 10.46
C SER A 64 5.60 -8.21 11.49
N VAL A 65 5.98 -8.60 12.72
CA VAL A 65 5.02 -8.87 13.81
C VAL A 65 4.63 -7.56 14.53
N GLU A 66 5.36 -6.47 14.20
CA GLU A 66 5.17 -5.15 14.79
C GLU A 66 3.72 -4.69 14.57
N SER A 67 2.98 -4.54 15.69
CA SER A 67 1.58 -4.14 15.68
C SER A 67 1.41 -2.72 15.10
N VAL A 68 2.51 -1.94 15.10
CA VAL A 68 2.53 -0.60 14.49
C VAL A 68 2.45 -0.69 12.95
N TRP A 69 3.04 -1.75 12.36
CA TRP A 69 2.92 -2.05 10.91
C TRP A 69 1.52 -2.58 10.59
N ASN A 70 0.89 -3.25 11.57
CA ASN A 70 -0.48 -3.77 11.43
C ASN A 70 -1.51 -2.62 11.52
N MET A 71 -1.21 -1.60 12.34
CA MET A 71 -2.05 -0.39 12.49
C MET A 71 -1.83 0.55 11.27
N ALA A 72 -0.58 0.60 10.79
CA ALA A 72 -0.21 1.35 9.58
C ALA A 72 -0.91 0.74 8.36
N PHE A 73 -0.91 -0.61 8.31
CA PHE A 73 -1.63 -1.38 7.29
C PHE A 73 -3.13 -1.10 7.33
N ASP A 74 -3.69 -1.10 8.55
CA ASP A 74 -5.13 -0.89 8.76
C ASP A 74 -5.55 0.50 8.25
N PHE A 75 -4.71 1.51 8.48
CA PHE A 75 -4.94 2.90 8.01
C PHE A 75 -4.90 2.99 6.47
N ILE A 76 -3.76 2.53 5.89
CA ILE A 76 -3.51 2.61 4.43
C ILE A 76 -4.61 1.87 3.67
N LEU A 77 -4.80 0.60 4.05
CA LEU A 77 -5.82 -0.29 3.47
C LEU A 77 -7.20 0.37 3.55
N ASP A 78 -7.56 0.88 4.76
CA ASP A 78 -8.86 1.54 5.04
C ASP A 78 -9.19 2.62 3.98
N ASN A 79 -8.30 3.64 3.89
CA ASN A 79 -8.52 4.81 3.02
C ASN A 79 -8.59 4.43 1.53
N VAL A 80 -7.69 3.50 1.13
CA VAL A 80 -7.61 2.99 -0.25
C VAL A 80 -8.89 2.21 -0.63
N GLN A 81 -9.41 1.40 0.31
CA GLN A 81 -10.63 0.58 0.10
C GLN A 81 -11.87 1.49 0.02
N VAL A 82 -11.86 2.60 0.79
CA VAL A 82 -12.94 3.59 0.77
C VAL A 82 -13.05 4.22 -0.63
N VAL A 83 -11.92 4.74 -1.16
CA VAL A 83 -11.86 5.38 -2.49
C VAL A 83 -12.22 4.35 -3.59
N LEU A 84 -11.85 3.09 -3.37
CA LEU A 84 -12.21 1.96 -4.26
C LEU A 84 -13.75 1.78 -4.32
N GLN A 85 -14.42 1.93 -3.17
CA GLN A 85 -15.89 1.85 -3.05
C GLN A 85 -16.57 3.09 -3.66
N GLN A 86 -15.86 4.24 -3.62
CA GLN A 86 -16.37 5.51 -4.19
C GLN A 86 -16.32 5.47 -5.73
N THR A 87 -15.27 4.83 -6.27
CA THR A 87 -15.01 4.78 -7.72
C THR A 87 -15.79 3.64 -8.41
N TYR A 88 -15.68 2.43 -7.86
CA TYR A 88 -16.26 1.19 -8.48
C TYR A 88 -17.55 0.75 -7.79
N GLY A 89 -17.65 1.00 -6.48
CA GLY A 89 -18.77 0.50 -5.67
C GLY A 89 -18.35 -0.62 -4.74
N SER A 90 -17.29 -1.34 -5.12
CA SER A 90 -16.75 -2.46 -4.35
C SER A 90 -15.20 -2.39 -4.36
N THR A 91 -14.56 -3.31 -3.63
CA THR A 91 -13.10 -3.44 -3.57
C THR A 91 -12.66 -4.76 -4.21
N LEU A 92 -11.33 -4.95 -4.36
CA LEU A 92 -10.75 -6.20 -4.87
C LEU A 92 -10.72 -7.26 -3.76
N LYS A 93 -10.76 -8.54 -4.20
CA LYS A 93 -10.80 -9.73 -3.30
C LYS A 93 -9.58 -9.78 -2.34
N VAL A 94 -8.47 -9.16 -2.78
CA VAL A 94 -7.22 -9.11 -2.00
C VAL A 94 -7.36 -8.19 -0.77
N THR A 95 -7.85 -8.77 0.33
CA THR A 95 -7.99 -8.11 1.63
C THR A 95 -7.91 -9.18 2.74
N GLY A 1 10.32 9.97 -7.74
CA GLY A 1 9.71 8.68 -7.33
C GLY A 1 8.20 8.80 -7.11
N ASN A 2 7.48 7.68 -7.27
CA ASN A 2 6.02 7.60 -7.04
C ASN A 2 5.73 7.21 -5.58
N LEU A 3 6.56 6.30 -5.04
CA LEU A 3 6.48 5.87 -3.64
C LEU A 3 7.85 5.34 -3.18
N ALA A 4 8.41 5.99 -2.14
CA ALA A 4 9.72 5.62 -1.52
C ALA A 4 10.89 5.69 -2.54
N GLY A 5 10.73 6.55 -3.57
CA GLY A 5 11.73 6.70 -4.65
C GLY A 5 11.44 5.78 -5.83
N ALA A 6 10.67 4.71 -5.59
CA ALA A 6 10.34 3.68 -6.58
C ALA A 6 9.15 4.13 -7.47
N VAL A 7 9.17 3.73 -8.76
CA VAL A 7 8.18 4.15 -9.77
C VAL A 7 7.52 2.91 -10.44
N GLU A 8 8.37 2.10 -11.11
CA GLU A 8 7.93 0.90 -11.88
C GLU A 8 7.39 -0.19 -10.93
N PHE A 9 6.55 -1.10 -11.46
CA PHE A 9 5.86 -2.16 -10.67
C PHE A 9 6.79 -2.91 -9.69
N ASN A 10 7.81 -3.56 -10.26
CA ASN A 10 8.71 -4.47 -9.54
C ASN A 10 9.70 -3.66 -8.70
N ASP A 11 10.04 -2.46 -9.20
CA ASP A 11 10.86 -1.45 -8.50
C ASP A 11 10.18 -1.04 -7.17
N VAL A 12 8.84 -0.85 -7.25
CA VAL A 12 7.99 -0.52 -6.07
C VAL A 12 8.03 -1.68 -5.08
N LYS A 13 7.87 -2.91 -5.57
CA LYS A 13 7.92 -4.10 -4.70
C LYS A 13 9.27 -4.21 -3.95
N THR A 14 10.37 -3.94 -4.67
CA THR A 14 11.74 -4.07 -4.13
C THR A 14 12.00 -3.07 -2.99
N LEU A 15 11.82 -1.76 -3.31
CA LEU A 15 12.16 -0.66 -2.38
C LEU A 15 11.22 -0.61 -1.17
N LEU A 16 9.91 -0.84 -1.41
CA LEU A 16 8.92 -0.86 -0.33
C LEU A 16 9.12 -2.12 0.55
N ARG A 17 9.55 -3.25 -0.03
CA ARG A 17 9.83 -4.48 0.74
C ARG A 17 10.99 -4.27 1.71
N GLU A 18 12.14 -3.84 1.15
CA GLU A 18 13.38 -3.64 1.93
C GLU A 18 13.20 -2.53 2.98
N TRP A 19 12.27 -1.60 2.70
CA TRP A 19 11.83 -0.60 3.69
C TRP A 19 11.11 -1.28 4.88
N ILE A 20 9.99 -1.98 4.58
CA ILE A 20 9.08 -2.55 5.61
C ILE A 20 9.81 -3.57 6.52
N THR A 21 10.63 -4.44 5.91
CA THR A 21 11.27 -5.57 6.59
C THR A 21 12.38 -5.14 7.58
N THR A 22 13.03 -3.98 7.31
CA THR A 22 14.17 -3.49 8.11
C THR A 22 13.72 -2.44 9.15
N ILE A 23 12.87 -1.50 8.71
CA ILE A 23 12.36 -0.39 9.56
C ILE A 23 11.37 -0.95 10.58
N SER A 24 11.62 -0.65 11.86
CA SER A 24 10.84 -1.14 12.99
C SER A 24 9.44 -0.51 13.03
N ASP A 25 9.37 0.80 12.76
CA ASP A 25 8.11 1.58 12.83
C ASP A 25 8.09 2.67 11.75
N PRO A 26 6.99 2.76 10.92
CA PRO A 26 6.88 3.79 9.86
C PRO A 26 6.39 5.13 10.42
N MET A 27 6.81 6.22 9.76
CA MET A 27 6.36 7.58 10.12
C MET A 27 5.01 7.87 9.46
N GLU A 28 4.28 8.85 10.02
CA GLU A 28 2.95 9.28 9.50
C GLU A 28 3.07 9.72 8.02
N GLU A 29 4.19 10.40 7.72
CA GLU A 29 4.52 10.84 6.34
C GLU A 29 4.47 9.66 5.35
N ASP A 30 5.25 8.61 5.68
CA ASP A 30 5.34 7.37 4.86
C ASP A 30 3.95 6.80 4.59
N ILE A 31 3.19 6.64 5.68
CA ILE A 31 1.81 6.12 5.67
C ILE A 31 0.93 6.89 4.66
N LEU A 32 1.03 8.24 4.70
CA LEU A 32 0.24 9.13 3.83
C LEU A 32 0.64 9.01 2.35
N GLN A 33 1.97 8.88 2.08
CA GLN A 33 2.49 8.71 0.70
C GLN A 33 2.08 7.35 0.09
N VAL A 34 1.92 6.32 0.94
CA VAL A 34 1.46 4.99 0.48
C VAL A 34 -0.04 5.05 0.11
N VAL A 35 -0.84 5.76 0.95
CA VAL A 35 -2.27 6.05 0.68
C VAL A 35 -2.40 6.84 -0.64
N LYS A 36 -1.50 7.85 -0.81
CA LYS A 36 -1.44 8.71 -2.01
C LYS A 36 -1.27 7.84 -3.27
N TYR A 37 -0.17 7.06 -3.29
CA TYR A 37 0.23 6.22 -4.44
C TYR A 37 -0.90 5.25 -4.85
N CYS A 38 -1.48 4.59 -3.84
CA CYS A 38 -2.54 3.60 -4.05
C CYS A 38 -3.84 4.25 -4.57
N THR A 39 -4.11 5.51 -4.18
CA THR A 39 -5.27 6.27 -4.71
C THR A 39 -4.96 6.84 -6.13
N ASP A 40 -3.68 7.16 -6.37
CA ASP A 40 -3.23 7.73 -7.66
C ASP A 40 -3.48 6.72 -8.79
N LEU A 41 -3.09 5.44 -8.55
CA LEU A 41 -3.27 4.35 -9.51
C LEU A 41 -4.77 3.94 -9.64
N ILE A 42 -5.57 4.20 -8.58
CA ILE A 42 -7.05 4.02 -8.62
C ILE A 42 -7.64 4.98 -9.66
N GLU A 43 -7.15 6.25 -9.67
CA GLU A 43 -7.57 7.26 -10.67
C GLU A 43 -7.09 6.89 -12.09
N GLU A 44 -5.91 6.24 -12.15
CA GLU A 44 -5.32 5.72 -13.42
C GLU A 44 -6.04 4.44 -13.91
N LYS A 45 -7.04 3.99 -13.10
CA LYS A 45 -7.96 2.87 -13.42
C LYS A 45 -7.23 1.51 -13.46
N ASP A 46 -5.98 1.47 -12.95
CA ASP A 46 -5.16 0.25 -13.00
C ASP A 46 -5.37 -0.55 -11.71
N LEU A 47 -6.42 -1.40 -11.72
CA LEU A 47 -6.79 -2.27 -10.60
C LEU A 47 -5.81 -3.45 -10.44
N GLU A 48 -4.96 -3.68 -11.45
CA GLU A 48 -3.89 -4.70 -11.37
C GLU A 48 -2.74 -4.18 -10.49
N LYS A 49 -2.39 -2.90 -10.69
CA LYS A 49 -1.37 -2.19 -9.87
C LYS A 49 -1.84 -2.16 -8.40
N LEU A 50 -3.17 -2.02 -8.25
CA LEU A 50 -3.85 -1.99 -6.95
C LEU A 50 -3.81 -3.35 -6.27
N ASP A 51 -4.23 -4.39 -7.02
CA ASP A 51 -4.25 -5.79 -6.55
C ASP A 51 -2.88 -6.16 -5.96
N LEU A 52 -1.83 -5.92 -6.77
CA LEU A 52 -0.43 -6.20 -6.43
C LEU A 52 -0.01 -5.46 -5.14
N VAL A 53 -0.21 -4.13 -5.11
CA VAL A 53 0.30 -3.28 -4.01
C VAL A 53 -0.41 -3.62 -2.67
N ILE A 54 -1.74 -3.89 -2.73
CA ILE A 54 -2.56 -4.25 -1.55
C ILE A 54 -2.05 -5.57 -0.92
N LYS A 55 -2.06 -6.64 -1.73
CA LYS A 55 -1.81 -8.01 -1.26
C LYS A 55 -0.34 -8.19 -0.84
N TYR A 56 0.57 -7.47 -1.52
CA TYR A 56 2.01 -7.55 -1.25
C TYR A 56 2.34 -6.78 0.03
N MET A 57 1.73 -5.59 0.22
CA MET A 57 1.87 -4.80 1.47
C MET A 57 1.26 -5.54 2.65
N LYS A 58 0.23 -6.34 2.39
CA LYS A 58 -0.35 -7.21 3.43
C LYS A 58 0.69 -8.24 3.86
N ARG A 59 1.28 -8.93 2.88
CA ARG A 59 2.32 -9.94 3.12
C ARG A 59 3.48 -9.36 3.96
N LEU A 60 3.92 -8.15 3.60
CA LEU A 60 5.11 -7.52 4.21
C LEU A 60 4.81 -6.88 5.59
N MET A 61 3.75 -6.06 5.65
CA MET A 61 3.38 -5.30 6.88
C MET A 61 2.85 -6.23 7.99
N GLN A 62 2.31 -7.41 7.60
CA GLN A 62 1.90 -8.45 8.55
C GLN A 62 3.09 -9.40 8.86
N GLN A 63 4.02 -9.56 7.88
CA GLN A 63 5.32 -10.26 8.10
C GLN A 63 6.14 -9.55 9.17
N SER A 64 6.09 -8.21 9.12
CA SER A 64 6.63 -7.34 10.15
C SER A 64 5.73 -7.46 11.39
N VAL A 65 6.16 -8.31 12.33
CA VAL A 65 5.38 -8.76 13.50
C VAL A 65 5.16 -7.63 14.53
N GLU A 66 5.82 -6.48 14.34
CA GLU A 66 5.63 -5.31 15.21
C GLU A 66 4.27 -4.66 14.88
N SER A 67 3.46 -4.45 15.94
CA SER A 67 2.03 -4.05 15.83
C SER A 67 1.83 -2.68 15.17
N VAL A 68 2.86 -1.84 15.17
CA VAL A 68 2.83 -0.50 14.54
C VAL A 68 2.60 -0.61 13.02
N TRP A 69 3.22 -1.62 12.38
CA TRP A 69 3.04 -1.90 10.93
C TRP A 69 1.68 -2.51 10.65
N ASN A 70 1.14 -3.25 11.63
CA ASN A 70 -0.17 -3.90 11.53
C ASN A 70 -1.28 -2.83 11.54
N MET A 71 -1.10 -1.82 12.42
CA MET A 71 -2.03 -0.69 12.57
C MET A 71 -1.91 0.29 11.40
N ALA A 72 -0.65 0.55 11.00
CA ALA A 72 -0.31 1.44 9.87
C ALA A 72 -0.89 0.88 8.58
N PHE A 73 -0.73 -0.44 8.38
CA PHE A 73 -1.32 -1.18 7.26
C PHE A 73 -2.84 -1.05 7.28
N ASP A 74 -3.43 -1.24 8.46
CA ASP A 74 -4.89 -1.21 8.65
C ASP A 74 -5.47 0.17 8.25
N PHE A 75 -4.71 1.25 8.55
CA PHE A 75 -5.10 2.63 8.17
C PHE A 75 -4.98 2.83 6.65
N ILE A 76 -3.79 2.50 6.09
CA ILE A 76 -3.50 2.66 4.66
C ILE A 76 -4.53 1.91 3.82
N LEU A 77 -4.63 0.59 4.10
CA LEU A 77 -5.57 -0.32 3.45
C LEU A 77 -6.99 0.25 3.50
N ASP A 78 -7.44 0.61 4.71
CA ASP A 78 -8.79 1.17 4.96
C ASP A 78 -9.10 2.32 4.00
N ASN A 79 -8.20 3.31 3.98
CA ASN A 79 -8.34 4.54 3.17
C ASN A 79 -8.49 4.21 1.68
N VAL A 80 -7.62 3.31 1.20
CA VAL A 80 -7.60 2.84 -0.19
C VAL A 80 -8.92 2.12 -0.55
N GLN A 81 -9.40 1.27 0.38
CA GLN A 81 -10.61 0.45 0.19
C GLN A 81 -11.88 1.35 0.16
N VAL A 82 -11.88 2.43 0.98
CA VAL A 82 -13.00 3.39 1.01
C VAL A 82 -13.11 4.12 -0.33
N VAL A 83 -11.95 4.69 -0.79
CA VAL A 83 -11.84 5.38 -2.10
C VAL A 83 -12.23 4.43 -3.25
N LEU A 84 -11.88 3.15 -3.09
CA LEU A 84 -12.19 2.06 -4.03
C LEU A 84 -13.73 1.91 -4.19
N GLN A 85 -14.45 1.97 -3.05
CA GLN A 85 -15.93 1.91 -3.01
C GLN A 85 -16.57 3.21 -3.55
N GLN A 86 -15.87 4.35 -3.42
CA GLN A 86 -16.37 5.64 -3.92
C GLN A 86 -16.19 5.76 -5.44
N THR A 87 -15.18 5.07 -6.00
CA THR A 87 -14.88 5.11 -7.43
C THR A 87 -15.66 4.00 -8.18
N TYR A 88 -15.41 2.74 -7.77
CA TYR A 88 -15.92 1.54 -8.49
C TYR A 88 -17.22 0.97 -7.86
N GLY A 89 -17.66 1.56 -6.74
CA GLY A 89 -18.88 1.09 -6.04
C GLY A 89 -18.56 0.06 -4.96
N SER A 90 -17.64 -0.86 -5.29
CA SER A 90 -17.18 -1.92 -4.37
C SER A 90 -15.65 -2.00 -4.41
N THR A 91 -15.07 -2.72 -3.43
CA THR A 91 -13.62 -2.93 -3.34
C THR A 91 -13.14 -3.99 -4.35
N LEU A 92 -11.81 -4.09 -4.47
CA LEU A 92 -11.13 -5.08 -5.30
C LEU A 92 -11.17 -6.44 -4.56
N LYS A 93 -11.12 -7.54 -5.32
CA LYS A 93 -11.28 -8.94 -4.81
C LYS A 93 -10.38 -9.24 -3.57
N VAL A 94 -9.20 -8.57 -3.50
CA VAL A 94 -8.19 -8.72 -2.43
C VAL A 94 -8.81 -8.75 -1.00
N THR A 95 -8.97 -9.98 -0.48
CA THR A 95 -9.56 -10.27 0.82
C THR A 95 -8.53 -10.00 1.96
N GLY A 1 2.00 9.87 -8.64
CA GLY A 1 2.44 9.27 -7.37
C GLY A 1 3.70 8.43 -7.53
N ASN A 2 4.63 8.56 -6.54
CA ASN A 2 5.88 7.78 -6.47
C ASN A 2 6.12 7.38 -5.00
N LEU A 3 6.58 6.14 -4.78
CA LEU A 3 6.85 5.60 -3.43
C LEU A 3 8.28 5.05 -3.40
N ALA A 4 9.09 5.57 -2.45
CA ALA A 4 10.52 5.23 -2.30
C ALA A 4 11.30 5.55 -3.61
N GLY A 5 10.81 6.59 -4.33
CA GLY A 5 11.36 6.99 -5.62
C GLY A 5 11.09 5.98 -6.74
N ALA A 6 10.04 5.17 -6.57
CA ALA A 6 9.67 4.08 -7.50
C ALA A 6 8.22 4.25 -7.98
N VAL A 7 8.00 4.17 -9.31
CA VAL A 7 6.65 4.28 -9.93
C VAL A 7 6.23 2.96 -10.60
N GLU A 8 7.15 2.34 -11.36
CA GLU A 8 6.91 1.08 -12.07
C GLU A 8 6.76 -0.08 -11.07
N PHE A 9 6.04 -1.11 -11.51
CA PHE A 9 5.45 -2.16 -10.66
C PHE A 9 6.53 -2.86 -9.79
N ASN A 10 7.56 -3.37 -10.46
CA ASN A 10 8.60 -4.23 -9.85
C ASN A 10 9.61 -3.43 -9.01
N ASP A 11 9.79 -2.15 -9.36
CA ASP A 11 10.62 -1.22 -8.55
C ASP A 11 9.97 -1.02 -7.18
N VAL A 12 8.66 -0.70 -7.20
CA VAL A 12 7.85 -0.51 -5.97
C VAL A 12 7.89 -1.77 -5.09
N LYS A 13 7.84 -2.95 -5.74
CA LYS A 13 7.97 -4.24 -5.06
C LYS A 13 9.30 -4.32 -4.26
N THR A 14 10.42 -4.11 -4.98
CA THR A 14 11.77 -4.27 -4.40
C THR A 14 12.03 -3.26 -3.26
N LEU A 15 11.83 -1.96 -3.57
CA LEU A 15 12.06 -0.85 -2.62
C LEU A 15 11.22 -1.01 -1.34
N LEU A 16 9.89 -1.16 -1.50
CA LEU A 16 8.97 -1.23 -0.36
C LEU A 16 9.16 -2.51 0.47
N ARG A 17 9.56 -3.62 -0.18
CA ARG A 17 9.83 -4.88 0.55
C ARG A 17 10.99 -4.70 1.52
N GLU A 18 12.15 -4.30 0.98
CA GLU A 18 13.38 -4.15 1.75
C GLU A 18 13.24 -3.04 2.81
N TRP A 19 12.39 -2.04 2.53
CA TRP A 19 12.09 -0.94 3.47
C TRP A 19 11.26 -1.48 4.66
N ILE A 20 10.02 -1.98 4.37
CA ILE A 20 9.05 -2.41 5.40
C ILE A 20 9.62 -3.46 6.37
N THR A 21 10.36 -4.44 5.83
CA THR A 21 10.85 -5.60 6.60
C THR A 21 12.08 -5.28 7.49
N THR A 22 12.75 -4.11 7.27
CA THR A 22 13.94 -3.70 8.06
C THR A 22 13.61 -2.58 9.06
N ILE A 23 12.75 -1.63 8.64
CA ILE A 23 12.36 -0.47 9.45
C ILE A 23 11.46 -0.92 10.61
N SER A 24 11.67 -0.36 11.80
CA SER A 24 10.92 -0.69 13.01
C SER A 24 9.72 0.26 13.20
N ASP A 25 9.96 1.56 12.94
CA ASP A 25 8.95 2.63 13.15
C ASP A 25 8.73 3.41 11.83
N PRO A 26 7.59 3.16 11.11
CA PRO A 26 7.21 3.97 9.93
C PRO A 26 6.65 5.34 10.37
N MET A 27 7.18 6.44 9.78
CA MET A 27 6.77 7.81 10.15
C MET A 27 5.41 8.15 9.53
N GLU A 28 4.80 9.26 10.02
CA GLU A 28 3.48 9.73 9.54
C GLU A 28 3.50 9.96 8.01
N GLU A 29 4.60 10.62 7.53
CA GLU A 29 4.83 10.89 6.09
C GLU A 29 4.73 9.60 5.26
N ASP A 30 5.37 8.52 5.76
CA ASP A 30 5.47 7.22 5.05
C ASP A 30 4.10 6.54 4.95
N ILE A 31 3.40 6.46 6.09
CA ILE A 31 2.06 5.83 6.19
C ILE A 31 1.05 6.54 5.24
N LEU A 32 1.13 7.88 5.22
CA LEU A 32 0.27 8.72 4.37
C LEU A 32 0.65 8.59 2.89
N GLN A 33 1.97 8.53 2.61
CA GLN A 33 2.51 8.40 1.23
C GLN A 33 1.92 7.17 0.52
N VAL A 34 1.91 6.03 1.24
CA VAL A 34 1.42 4.74 0.71
C VAL A 34 -0.10 4.81 0.40
N VAL A 35 -0.84 5.58 1.20
CA VAL A 35 -2.28 5.88 0.94
C VAL A 35 -2.42 6.64 -0.39
N LYS A 36 -1.68 7.76 -0.48
CA LYS A 36 -1.72 8.69 -1.64
C LYS A 36 -1.31 8.00 -2.94
N TYR A 37 -0.38 7.04 -2.83
CA TYR A 37 0.16 6.28 -3.97
C TYR A 37 -0.87 5.25 -4.48
N CYS A 38 -1.38 4.45 -3.54
CA CYS A 38 -2.35 3.38 -3.85
C CYS A 38 -3.72 3.96 -4.26
N THR A 39 -3.95 5.25 -3.95
CA THR A 39 -5.11 6.03 -4.43
C THR A 39 -4.81 6.66 -5.82
N ASP A 40 -3.53 7.07 -6.03
CA ASP A 40 -3.07 7.66 -7.31
C ASP A 40 -3.28 6.69 -8.48
N LEU A 41 -2.89 5.42 -8.27
CA LEU A 41 -3.02 4.36 -9.29
C LEU A 41 -4.51 3.96 -9.52
N ILE A 42 -5.38 4.20 -8.51
CA ILE A 42 -6.86 4.10 -8.69
C ILE A 42 -7.33 5.17 -9.69
N GLU A 43 -6.77 6.38 -9.57
CA GLU A 43 -7.03 7.51 -10.48
C GLU A 43 -6.26 7.35 -11.82
N GLU A 44 -5.26 6.46 -11.85
CA GLU A 44 -4.58 6.03 -13.10
C GLU A 44 -5.30 4.83 -13.74
N LYS A 45 -6.37 4.37 -13.06
CA LYS A 45 -7.26 3.27 -13.53
C LYS A 45 -6.55 1.90 -13.56
N ASP A 46 -5.34 1.80 -12.95
CA ASP A 46 -4.56 0.57 -12.94
C ASP A 46 -4.86 -0.21 -11.64
N LEU A 47 -5.97 -0.97 -11.68
CA LEU A 47 -6.43 -1.82 -10.59
C LEU A 47 -5.61 -3.11 -10.50
N GLU A 48 -4.80 -3.40 -11.53
CA GLU A 48 -3.86 -4.52 -11.53
C GLU A 48 -2.72 -4.23 -10.51
N LYS A 49 -2.17 -3.01 -10.59
CA LYS A 49 -1.13 -2.53 -9.68
C LYS A 49 -1.70 -2.34 -8.26
N LEU A 50 -3.02 -2.02 -8.18
CA LEU A 50 -3.75 -1.98 -6.90
C LEU A 50 -3.73 -3.38 -6.27
N ASP A 51 -4.23 -4.37 -7.02
CA ASP A 51 -4.30 -5.79 -6.62
C ASP A 51 -2.92 -6.28 -6.09
N LEU A 52 -1.87 -5.98 -6.88
CA LEU A 52 -0.49 -6.36 -6.57
C LEU A 52 0.01 -5.68 -5.28
N VAL A 53 -0.21 -4.35 -5.16
CA VAL A 53 0.33 -3.58 -4.02
C VAL A 53 -0.40 -3.95 -2.71
N ILE A 54 -1.71 -4.29 -2.80
CA ILE A 54 -2.53 -4.69 -1.63
C ILE A 54 -2.04 -6.03 -1.05
N LYS A 55 -1.92 -7.06 -1.92
CA LYS A 55 -1.48 -8.40 -1.48
C LYS A 55 -0.02 -8.38 -1.01
N TYR A 56 0.81 -7.56 -1.70
CA TYR A 56 2.25 -7.47 -1.44
C TYR A 56 2.50 -6.81 -0.07
N MET A 57 1.89 -5.62 0.14
CA MET A 57 1.96 -4.90 1.41
C MET A 57 1.36 -5.72 2.54
N LYS A 58 0.34 -6.54 2.24
CA LYS A 58 -0.28 -7.40 3.26
C LYS A 58 0.76 -8.40 3.80
N ARG A 59 1.50 -9.03 2.87
CA ARG A 59 2.59 -9.97 3.21
C ARG A 59 3.66 -9.28 4.09
N LEU A 60 4.08 -8.06 3.69
CA LEU A 60 5.21 -7.35 4.32
C LEU A 60 4.84 -6.72 5.69
N MET A 61 3.69 -6.04 5.72
CA MET A 61 3.17 -5.35 6.92
C MET A 61 2.76 -6.36 8.02
N GLN A 62 2.30 -7.56 7.61
CA GLN A 62 1.95 -8.64 8.56
C GLN A 62 3.17 -9.53 8.85
N GLN A 63 4.21 -9.43 7.99
CA GLN A 63 5.56 -9.97 8.28
C GLN A 63 6.17 -9.19 9.45
N SER A 64 5.99 -7.87 9.38
CA SER A 64 6.33 -6.93 10.44
C SER A 64 5.23 -6.98 11.51
N VAL A 65 5.35 -7.97 12.42
CA VAL A 65 4.31 -8.31 13.43
C VAL A 65 4.19 -7.24 14.55
N GLU A 66 4.99 -6.16 14.43
CA GLU A 66 4.91 -4.99 15.31
C GLU A 66 3.54 -4.30 15.15
N SER A 67 2.99 -3.84 16.29
CA SER A 67 1.66 -3.21 16.35
C SER A 67 1.58 -1.98 15.43
N VAL A 68 2.68 -1.21 15.35
CA VAL A 68 2.75 0.01 14.53
C VAL A 68 2.53 -0.29 13.02
N TRP A 69 3.16 -1.37 12.52
CA TRP A 69 3.06 -1.78 11.10
C TRP A 69 1.69 -2.39 10.79
N ASN A 70 1.15 -3.12 11.77
CA ASN A 70 -0.16 -3.80 11.65
C ASN A 70 -1.30 -2.77 11.58
N MET A 71 -1.23 -1.75 12.46
CA MET A 71 -2.21 -0.65 12.52
C MET A 71 -2.06 0.27 11.30
N ALA A 72 -0.80 0.51 10.90
CA ALA A 72 -0.46 1.30 9.71
C ALA A 72 -1.07 0.65 8.47
N PHE A 73 -0.91 -0.68 8.37
CA PHE A 73 -1.50 -1.48 7.28
C PHE A 73 -3.03 -1.34 7.25
N ASP A 74 -3.65 -1.57 8.42
CA ASP A 74 -5.10 -1.55 8.59
C ASP A 74 -5.69 -0.17 8.21
N PHE A 75 -4.91 0.89 8.51
CA PHE A 75 -5.28 2.29 8.23
C PHE A 75 -5.18 2.59 6.73
N ILE A 76 -3.97 2.35 6.15
CA ILE A 76 -3.69 2.55 4.72
C ILE A 76 -4.70 1.80 3.85
N LEU A 77 -4.88 0.51 4.18
CA LEU A 77 -5.80 -0.40 3.49
C LEU A 77 -7.22 0.20 3.54
N ASP A 78 -7.68 0.58 4.75
CA ASP A 78 -9.03 1.18 4.96
C ASP A 78 -9.27 2.38 4.02
N ASN A 79 -8.34 3.35 4.04
CA ASN A 79 -8.43 4.59 3.23
C ASN A 79 -8.54 4.28 1.72
N VAL A 80 -7.59 3.49 1.22
CA VAL A 80 -7.47 3.14 -0.21
C VAL A 80 -8.70 2.33 -0.70
N GLN A 81 -9.12 1.36 0.12
CA GLN A 81 -10.24 0.45 -0.20
C GLN A 81 -11.59 1.19 -0.19
N VAL A 82 -11.77 2.16 0.74
CA VAL A 82 -12.99 2.99 0.77
C VAL A 82 -13.07 3.89 -0.49
N VAL A 83 -11.93 4.52 -0.87
CA VAL A 83 -11.84 5.32 -2.11
C VAL A 83 -12.15 4.44 -3.35
N LEU A 84 -11.71 3.17 -3.29
CA LEU A 84 -11.97 2.16 -4.34
C LEU A 84 -13.49 1.85 -4.39
N GLN A 85 -14.14 1.78 -3.21
CA GLN A 85 -15.60 1.53 -3.10
C GLN A 85 -16.42 2.74 -3.51
N GLN A 86 -15.82 3.95 -3.47
CA GLN A 86 -16.46 5.18 -3.95
C GLN A 86 -16.41 5.23 -5.48
N THR A 87 -15.24 4.89 -6.04
CA THR A 87 -14.94 5.05 -7.47
C THR A 87 -15.51 3.84 -8.28
N TYR A 88 -15.01 2.63 -7.99
CA TYR A 88 -15.35 1.40 -8.76
C TYR A 88 -16.44 0.56 -8.07
N GLY A 89 -16.74 0.83 -6.79
CA GLY A 89 -17.81 0.14 -6.08
C GLY A 89 -17.30 -1.02 -5.22
N SER A 90 -16.52 -1.93 -5.83
CA SER A 90 -15.95 -3.11 -5.13
C SER A 90 -14.45 -2.90 -4.83
N THR A 91 -13.81 -3.91 -4.22
CA THR A 91 -12.41 -3.84 -3.75
C THR A 91 -11.64 -5.15 -4.01
N LEU A 92 -10.32 -5.04 -4.19
CA LEU A 92 -9.41 -6.19 -4.21
C LEU A 92 -8.92 -6.45 -2.79
N LYS A 93 -9.45 -7.51 -2.18
CA LYS A 93 -9.14 -7.91 -0.79
C LYS A 93 -8.06 -9.00 -0.79
N VAL A 94 -8.10 -9.83 -1.85
CA VAL A 94 -7.15 -10.91 -2.13
C VAL A 94 -7.23 -12.03 -1.06
N THR A 95 -7.88 -13.15 -1.39
CA THR A 95 -7.99 -14.31 -0.49
C THR A 95 -8.11 -15.62 -1.33
N GLY A 1 2.81 7.11 -10.06
CA GLY A 1 3.39 5.75 -10.15
C GLY A 1 4.82 5.67 -9.61
N ASN A 2 5.04 6.23 -8.42
CA ASN A 2 6.35 6.16 -7.71
C ASN A 2 6.11 6.25 -6.20
N LEU A 3 6.93 5.54 -5.39
CA LEU A 3 6.77 5.50 -3.93
C LEU A 3 8.06 4.95 -3.25
N ALA A 4 8.53 5.67 -2.21
CA ALA A 4 9.70 5.30 -1.37
C ALA A 4 10.94 4.96 -2.22
N GLY A 5 11.28 5.87 -3.16
CA GLY A 5 12.47 5.73 -4.01
C GLY A 5 12.27 4.79 -5.21
N ALA A 6 11.11 4.12 -5.26
CA ALA A 6 10.77 3.15 -6.32
C ALA A 6 9.88 3.82 -7.37
N VAL A 7 9.86 3.26 -8.60
CA VAL A 7 9.01 3.75 -9.70
C VAL A 7 8.20 2.58 -10.31
N GLU A 8 8.91 1.69 -11.04
CA GLU A 8 8.28 0.57 -11.80
C GLU A 8 7.72 -0.49 -10.86
N PHE A 9 6.78 -1.33 -11.37
CA PHE A 9 6.04 -2.36 -10.60
C PHE A 9 6.95 -3.21 -9.70
N ASN A 10 8.08 -3.65 -10.29
CA ASN A 10 9.03 -4.55 -9.64
C ASN A 10 9.88 -3.80 -8.62
N ASP A 11 10.25 -2.54 -8.95
CA ASP A 11 10.94 -1.63 -8.01
C ASP A 11 10.08 -1.36 -6.77
N VAL A 12 8.77 -1.22 -7.00
CA VAL A 12 7.81 -0.97 -5.90
C VAL A 12 7.77 -2.17 -4.96
N LYS A 13 7.66 -3.38 -5.53
CA LYS A 13 7.65 -4.61 -4.74
C LYS A 13 8.96 -4.79 -3.95
N THR A 14 10.11 -4.60 -4.62
CA THR A 14 11.45 -4.77 -4.01
C THR A 14 11.70 -3.73 -2.89
N LEU A 15 11.64 -2.44 -3.25
CA LEU A 15 12.05 -1.32 -2.36
C LEU A 15 11.04 -1.08 -1.22
N LEU A 16 9.74 -1.36 -1.44
CA LEU A 16 8.72 -1.26 -0.37
C LEU A 16 8.81 -2.49 0.57
N ARG A 17 9.24 -3.65 0.02
CA ARG A 17 9.57 -4.84 0.84
C ARG A 17 10.72 -4.52 1.80
N GLU A 18 11.79 -3.95 1.24
CA GLU A 18 12.96 -3.49 2.01
C GLU A 18 12.51 -2.50 3.09
N TRP A 19 11.76 -1.46 2.65
CA TRP A 19 11.23 -0.36 3.52
C TRP A 19 10.51 -0.90 4.78
N ILE A 20 9.60 -1.87 4.59
CA ILE A 20 8.81 -2.44 5.71
C ILE A 20 9.67 -3.34 6.64
N THR A 21 10.61 -4.10 6.05
CA THR A 21 11.45 -5.06 6.80
C THR A 21 12.71 -4.41 7.42
N THR A 22 13.10 -3.20 6.95
CA THR A 22 14.29 -2.47 7.47
C THR A 22 13.85 -1.44 8.52
N ILE A 23 12.97 -0.50 8.10
CA ILE A 23 12.41 0.53 8.99
C ILE A 23 11.44 -0.14 9.97
N SER A 24 11.67 0.09 11.28
CA SER A 24 10.82 -0.43 12.36
C SER A 24 9.81 0.62 12.85
N ASP A 25 10.14 1.91 12.63
CA ASP A 25 9.28 3.05 13.05
C ASP A 25 8.90 3.89 11.81
N PRO A 26 7.77 3.54 11.10
CA PRO A 26 7.25 4.38 9.98
C PRO A 26 6.56 5.66 10.51
N MET A 27 6.95 6.82 9.95
CA MET A 27 6.40 8.14 10.34
C MET A 27 5.00 8.35 9.72
N GLU A 28 4.31 9.44 10.11
CA GLU A 28 2.93 9.73 9.64
C GLU A 28 2.90 9.89 8.11
N GLU A 29 3.67 10.87 7.60
CA GLU A 29 3.79 11.17 6.15
C GLU A 29 4.33 9.95 5.36
N ASP A 30 5.17 9.17 6.05
CA ASP A 30 5.81 7.96 5.52
C ASP A 30 4.76 6.85 5.25
N ILE A 31 3.75 6.79 6.14
CA ILE A 31 2.57 5.89 6.00
C ILE A 31 1.57 6.49 4.98
N LEU A 32 1.43 7.83 5.00
CA LEU A 32 0.53 8.58 4.10
C LEU A 32 0.97 8.42 2.64
N GLN A 33 2.27 8.16 2.43
CA GLN A 33 2.84 7.85 1.09
C GLN A 33 2.00 6.80 0.36
N VAL A 34 1.87 5.61 0.99
CA VAL A 34 1.23 4.43 0.38
C VAL A 34 -0.29 4.63 0.26
N VAL A 35 -0.85 5.46 1.15
CA VAL A 35 -2.27 5.87 1.09
C VAL A 35 -2.55 6.63 -0.23
N LYS A 36 -1.77 7.72 -0.43
CA LYS A 36 -1.89 8.62 -1.60
C LYS A 36 -1.58 7.86 -2.90
N TYR A 37 -0.61 6.95 -2.83
CA TYR A 37 -0.11 6.14 -3.97
C TYR A 37 -1.18 5.19 -4.49
N CYS A 38 -1.71 4.38 -3.57
CA CYS A 38 -2.71 3.36 -3.89
C CYS A 38 -4.07 3.98 -4.26
N THR A 39 -4.30 5.23 -3.83
CA THR A 39 -5.45 6.04 -4.27
C THR A 39 -5.19 6.63 -5.68
N ASP A 40 -3.93 7.05 -5.93
CA ASP A 40 -3.51 7.73 -7.17
C ASP A 40 -3.68 6.83 -8.39
N LEU A 41 -3.32 5.55 -8.23
CA LEU A 41 -3.42 4.54 -9.29
C LEU A 41 -4.89 4.09 -9.52
N ILE A 42 -5.76 4.25 -8.50
CA ILE A 42 -7.23 4.09 -8.67
C ILE A 42 -7.77 5.22 -9.55
N GLU A 43 -7.17 6.42 -9.39
CA GLU A 43 -7.47 7.61 -10.22
C GLU A 43 -6.92 7.43 -11.65
N GLU A 44 -5.80 6.68 -11.77
CA GLU A 44 -5.25 6.24 -13.07
C GLU A 44 -6.03 5.04 -13.63
N LYS A 45 -7.05 4.59 -12.86
CA LYS A 45 -8.02 3.55 -13.26
C LYS A 45 -7.37 2.17 -13.38
N ASP A 46 -6.13 2.04 -12.87
CA ASP A 46 -5.33 0.82 -12.99
C ASP A 46 -5.41 0.00 -11.71
N LEU A 47 -6.35 -0.95 -11.71
CA LEU A 47 -6.55 -1.90 -10.62
C LEU A 47 -5.54 -3.04 -10.65
N GLU A 48 -4.70 -3.10 -11.71
CA GLU A 48 -3.56 -4.04 -11.77
C GLU A 48 -2.55 -3.65 -10.68
N LYS A 49 -2.20 -2.36 -10.68
CA LYS A 49 -1.30 -1.75 -9.68
C LYS A 49 -1.92 -1.84 -8.26
N LEU A 50 -3.26 -1.71 -8.18
CA LEU A 50 -4.01 -1.80 -6.89
C LEU A 50 -3.89 -3.21 -6.33
N ASP A 51 -4.25 -4.19 -7.17
CA ASP A 51 -4.21 -5.62 -6.84
C ASP A 51 -2.83 -6.01 -6.26
N LEU A 52 -1.77 -5.65 -7.00
CA LEU A 52 -0.37 -5.92 -6.61
C LEU A 52 0.01 -5.24 -5.28
N VAL A 53 -0.24 -3.92 -5.17
CA VAL A 53 0.25 -3.13 -4.02
C VAL A 53 -0.45 -3.56 -2.72
N ILE A 54 -1.75 -3.89 -2.82
CA ILE A 54 -2.58 -4.27 -1.66
C ILE A 54 -2.19 -5.66 -1.13
N LYS A 55 -2.13 -6.68 -2.03
CA LYS A 55 -1.80 -8.06 -1.62
C LYS A 55 -0.37 -8.15 -1.08
N TYR A 56 0.57 -7.43 -1.73
CA TYR A 56 2.00 -7.52 -1.42
C TYR A 56 2.31 -6.79 -0.10
N MET A 57 1.81 -5.53 0.02
CA MET A 57 1.94 -4.70 1.26
C MET A 57 1.41 -5.46 2.47
N LYS A 58 0.26 -6.13 2.27
CA LYS A 58 -0.36 -7.02 3.26
C LYS A 58 0.64 -8.07 3.74
N ARG A 59 1.15 -8.87 2.79
CA ARG A 59 2.10 -9.98 3.09
C ARG A 59 3.34 -9.48 3.86
N LEU A 60 3.81 -8.26 3.54
CA LEU A 60 4.99 -7.65 4.17
C LEU A 60 4.70 -7.17 5.60
N MET A 61 3.49 -6.65 5.82
CA MET A 61 3.07 -6.10 7.14
C MET A 61 2.55 -7.22 8.07
N GLN A 62 2.20 -8.37 7.48
CA GLN A 62 1.86 -9.61 8.23
C GLN A 62 3.13 -10.46 8.43
N GLN A 63 4.17 -10.18 7.61
CA GLN A 63 5.53 -10.76 7.77
C GLN A 63 6.24 -10.05 8.93
N SER A 64 6.31 -8.73 8.83
CA SER A 64 6.80 -7.85 9.88
C SER A 64 5.62 -7.51 10.82
N VAL A 65 5.43 -8.37 11.85
CA VAL A 65 4.28 -8.31 12.77
C VAL A 65 4.44 -7.21 13.85
N GLU A 66 5.36 -6.25 13.62
CA GLU A 66 5.48 -5.01 14.38
C GLU A 66 4.13 -4.29 14.39
N SER A 67 3.61 -4.02 15.60
CA SER A 67 2.27 -3.47 15.83
C SER A 67 2.03 -2.15 15.10
N VAL A 68 3.11 -1.38 14.91
CA VAL A 68 3.07 -0.10 14.20
C VAL A 68 2.82 -0.31 12.68
N TRP A 69 3.39 -1.39 12.11
CA TRP A 69 3.19 -1.77 10.70
C TRP A 69 1.81 -2.41 10.49
N ASN A 70 1.25 -2.98 11.57
CA ASN A 70 -0.11 -3.58 11.56
C ASN A 70 -1.19 -2.48 11.59
N MET A 71 -0.93 -1.42 12.36
CA MET A 71 -1.82 -0.23 12.43
C MET A 71 -1.66 0.62 11.16
N ALA A 72 -0.43 0.63 10.62
CA ALA A 72 -0.12 1.26 9.32
C ALA A 72 -0.94 0.57 8.22
N PHE A 73 -0.91 -0.78 8.23
CA PHE A 73 -1.68 -1.62 7.30
C PHE A 73 -3.19 -1.34 7.43
N ASP A 74 -3.67 -1.25 8.68
CA ASP A 74 -5.09 -1.02 8.98
C ASP A 74 -5.57 0.33 8.39
N PHE A 75 -4.75 1.38 8.56
CA PHE A 75 -5.06 2.75 8.11
C PHE A 75 -5.03 2.85 6.57
N ILE A 76 -3.91 2.36 5.96
CA ILE A 76 -3.70 2.43 4.51
C ILE A 76 -4.82 1.64 3.78
N LEU A 77 -5.01 0.37 4.20
CA LEU A 77 -6.01 -0.52 3.59
C LEU A 77 -7.42 0.07 3.75
N ASP A 78 -7.69 0.68 4.92
CA ASP A 78 -8.98 1.35 5.21
C ASP A 78 -9.28 2.42 4.14
N ASN A 79 -8.40 3.43 4.08
CA ASN A 79 -8.57 4.62 3.23
C ASN A 79 -8.69 4.26 1.74
N VAL A 80 -7.76 3.41 1.29
CA VAL A 80 -7.63 3.01 -0.12
C VAL A 80 -8.85 2.19 -0.59
N GLN A 81 -9.24 1.20 0.22
CA GLN A 81 -10.42 0.34 -0.07
C GLN A 81 -11.72 1.14 -0.09
N VAL A 82 -11.83 2.16 0.79
CA VAL A 82 -12.99 3.10 0.79
C VAL A 82 -13.07 3.85 -0.56
N VAL A 83 -11.91 4.39 -1.00
CA VAL A 83 -11.77 5.06 -2.32
C VAL A 83 -12.24 4.13 -3.45
N LEU A 84 -11.82 2.86 -3.36
CA LEU A 84 -12.12 1.83 -4.36
C LEU A 84 -13.63 1.46 -4.36
N GLN A 85 -14.28 1.58 -3.18
CA GLN A 85 -15.74 1.35 -3.03
C GLN A 85 -16.56 2.56 -3.51
N GLN A 86 -15.93 3.75 -3.54
CA GLN A 86 -16.56 4.98 -4.06
C GLN A 86 -16.36 5.11 -5.59
N THR A 87 -15.20 4.63 -6.08
CA THR A 87 -14.79 4.80 -7.49
C THR A 87 -15.35 3.65 -8.35
N TYR A 88 -15.14 2.40 -7.92
CA TYR A 88 -15.55 1.19 -8.67
C TYR A 88 -16.73 0.48 -8.00
N GLY A 89 -16.91 0.71 -6.69
CA GLY A 89 -18.00 0.09 -5.92
C GLY A 89 -17.54 -1.16 -5.18
N SER A 90 -16.70 -1.97 -5.82
CA SER A 90 -16.21 -3.24 -5.26
C SER A 90 -14.67 -3.20 -5.12
N THR A 91 -14.17 -3.97 -4.13
CA THR A 91 -12.74 -4.14 -3.87
C THR A 91 -12.24 -5.52 -4.40
N LEU A 92 -10.92 -5.74 -4.37
CA LEU A 92 -10.29 -7.01 -4.78
C LEU A 92 -10.50 -8.08 -3.70
N LYS A 93 -10.74 -9.34 -4.14
CA LYS A 93 -11.03 -10.49 -3.23
C LYS A 93 -9.77 -10.99 -2.48
N VAL A 94 -8.63 -10.28 -2.65
CA VAL A 94 -7.34 -10.58 -2.03
C VAL A 94 -7.48 -10.83 -0.50
N THR A 95 -7.28 -12.10 -0.10
CA THR A 95 -7.45 -12.54 1.30
C THR A 95 -6.10 -12.40 2.07
N GLY A 1 2.39 7.89 -9.75
CA GLY A 1 3.00 8.45 -8.54
C GLY A 1 4.34 7.79 -8.20
N ASN A 2 4.88 8.12 -7.01
CA ASN A 2 6.10 7.49 -6.48
C ASN A 2 5.95 7.26 -4.97
N LEU A 3 6.41 6.09 -4.50
CA LEU A 3 6.34 5.68 -3.09
C LEU A 3 7.67 5.03 -2.70
N ALA A 4 8.36 5.62 -1.68
CA ALA A 4 9.69 5.18 -1.21
C ALA A 4 10.74 5.24 -2.35
N GLY A 5 10.51 6.16 -3.31
CA GLY A 5 11.32 6.28 -4.52
C GLY A 5 11.11 5.12 -5.49
N ALA A 6 9.87 4.61 -5.54
CA ALA A 6 9.48 3.48 -6.40
C ALA A 6 8.21 3.80 -7.21
N VAL A 7 8.33 3.79 -8.55
CA VAL A 7 7.25 4.23 -9.46
C VAL A 7 6.62 3.03 -10.20
N GLU A 8 7.48 2.21 -10.82
CA GLU A 8 7.04 1.08 -11.67
C GLU A 8 6.83 -0.19 -10.83
N PHE A 9 6.28 -1.26 -11.43
CA PHE A 9 5.69 -2.41 -10.69
C PHE A 9 6.74 -3.13 -9.80
N ASN A 10 7.87 -3.52 -10.41
CA ASN A 10 8.97 -4.22 -9.69
C ASN A 10 9.70 -3.29 -8.72
N ASP A 11 9.70 -1.98 -9.05
CA ASP A 11 10.24 -0.93 -8.15
C ASP A 11 9.52 -1.00 -6.81
N VAL A 12 8.16 -0.99 -6.87
CA VAL A 12 7.30 -0.96 -5.69
C VAL A 12 7.49 -2.24 -4.86
N LYS A 13 7.46 -3.40 -5.53
CA LYS A 13 7.64 -4.70 -4.84
C LYS A 13 8.97 -4.73 -4.04
N THR A 14 10.07 -4.37 -4.71
CA THR A 14 11.42 -4.45 -4.15
C THR A 14 11.67 -3.39 -3.05
N LEU A 15 11.56 -2.10 -3.41
CA LEU A 15 11.91 -0.97 -2.50
C LEU A 15 10.98 -0.90 -1.28
N LEU A 16 9.68 -1.25 -1.45
CA LEU A 16 8.73 -1.27 -0.32
C LEU A 16 8.94 -2.52 0.53
N ARG A 17 9.37 -3.65 -0.06
CA ARG A 17 9.77 -4.84 0.72
C ARG A 17 10.92 -4.51 1.66
N GLU A 18 11.96 -3.85 1.09
CA GLU A 18 13.13 -3.41 1.85
C GLU A 18 12.70 -2.50 3.01
N TRP A 19 11.90 -1.47 2.69
CA TRP A 19 11.38 -0.48 3.67
C TRP A 19 10.64 -1.16 4.85
N ILE A 20 9.63 -1.99 4.53
CA ILE A 20 8.74 -2.60 5.55
C ILE A 20 9.53 -3.60 6.45
N THR A 21 10.51 -4.31 5.87
CA THR A 21 11.30 -5.32 6.62
C THR A 21 12.42 -4.69 7.48
N THR A 22 13.04 -3.60 6.98
CA THR A 22 14.20 -2.97 7.66
C THR A 22 13.73 -1.87 8.64
N ILE A 23 12.97 -0.88 8.11
CA ILE A 23 12.29 0.13 8.92
C ILE A 23 11.14 -0.57 9.67
N SER A 24 11.34 -0.80 10.98
CA SER A 24 10.35 -1.48 11.85
C SER A 24 9.32 -0.50 12.42
N ASP A 25 9.54 0.80 12.17
CA ASP A 25 8.69 1.89 12.68
C ASP A 25 8.57 3.01 11.62
N PRO A 26 7.45 3.05 10.81
CA PRO A 26 7.25 4.07 9.76
C PRO A 26 6.70 5.40 10.34
N MET A 27 7.02 6.53 9.66
CA MET A 27 6.50 7.87 10.03
C MET A 27 5.12 8.09 9.37
N GLU A 28 4.34 9.04 9.93
CA GLU A 28 2.99 9.40 9.41
C GLU A 28 3.08 9.84 7.94
N GLU A 29 4.17 10.58 7.64
CA GLU A 29 4.51 11.02 6.28
C GLU A 29 4.50 9.85 5.29
N ASP A 30 5.26 8.80 5.64
CA ASP A 30 5.43 7.59 4.81
C ASP A 30 4.10 6.84 4.67
N ILE A 31 3.36 6.72 5.79
CA ILE A 31 2.03 6.06 5.84
C ILE A 31 1.07 6.71 4.83
N LEU A 32 1.04 8.05 4.84
CA LEU A 32 0.18 8.86 3.95
C LEU A 32 0.68 8.81 2.51
N GLN A 33 2.00 8.63 2.29
CA GLN A 33 2.58 8.43 0.94
C GLN A 33 2.01 7.15 0.31
N VAL A 34 1.86 6.10 1.13
CA VAL A 34 1.34 4.80 0.69
C VAL A 34 -0.16 4.93 0.32
N VAL A 35 -0.91 5.68 1.15
CA VAL A 35 -2.33 5.99 0.89
C VAL A 35 -2.48 6.75 -0.45
N LYS A 36 -1.67 7.81 -0.61
CA LYS A 36 -1.68 8.70 -1.78
C LYS A 36 -1.33 7.94 -3.07
N TYR A 37 -0.36 7.01 -2.96
CA TYR A 37 0.15 6.24 -4.10
C TYR A 37 -0.90 5.22 -4.56
N CYS A 38 -1.41 4.44 -3.60
CA CYS A 38 -2.39 3.38 -3.87
C CYS A 38 -3.77 3.96 -4.24
N THR A 39 -4.00 5.26 -3.91
CA THR A 39 -5.15 6.03 -4.39
C THR A 39 -4.88 6.56 -5.82
N ASP A 40 -3.62 7.00 -6.06
CA ASP A 40 -3.21 7.63 -7.34
C ASP A 40 -3.36 6.66 -8.52
N LEU A 41 -2.99 5.40 -8.30
CA LEU A 41 -3.11 4.33 -9.32
C LEU A 41 -4.58 3.94 -9.56
N ILE A 42 -5.46 4.17 -8.55
CA ILE A 42 -6.93 4.04 -8.72
C ILE A 42 -7.42 5.16 -9.66
N GLU A 43 -6.84 6.36 -9.51
CA GLU A 43 -7.12 7.52 -10.38
C GLU A 43 -6.57 7.28 -11.81
N GLU A 44 -5.42 6.56 -11.89
CA GLU A 44 -4.81 6.14 -13.18
C GLU A 44 -5.59 4.97 -13.82
N LYS A 45 -6.63 4.48 -13.11
CA LYS A 45 -7.53 3.38 -13.52
C LYS A 45 -6.83 2.00 -13.51
N ASP A 46 -5.63 1.96 -12.91
CA ASP A 46 -4.77 0.76 -12.91
C ASP A 46 -5.08 -0.09 -11.66
N LEU A 47 -5.96 -1.09 -11.84
CA LEU A 47 -6.35 -2.04 -10.79
C LEU A 47 -5.39 -3.21 -10.67
N GLU A 48 -4.45 -3.32 -11.63
CA GLU A 48 -3.38 -4.34 -11.60
C GLU A 48 -2.29 -3.92 -10.61
N LYS A 49 -2.03 -2.61 -10.60
CA LYS A 49 -1.18 -1.93 -9.60
C LYS A 49 -1.80 -2.07 -8.19
N LEU A 50 -3.14 -1.89 -8.11
CA LEU A 50 -3.89 -2.00 -6.85
C LEU A 50 -3.78 -3.43 -6.32
N ASP A 51 -3.96 -4.41 -7.21
CA ASP A 51 -3.78 -5.84 -6.91
C ASP A 51 -2.42 -6.09 -6.23
N LEU A 52 -1.33 -5.75 -6.96
CA LEU A 52 0.07 -5.98 -6.52
C LEU A 52 0.37 -5.31 -5.17
N VAL A 53 0.03 -4.01 -5.06
CA VAL A 53 0.43 -3.19 -3.91
C VAL A 53 -0.31 -3.66 -2.63
N ILE A 54 -1.62 -3.96 -2.75
CA ILE A 54 -2.45 -4.38 -1.61
C ILE A 54 -2.06 -5.78 -1.10
N LYS A 55 -1.93 -6.74 -2.03
CA LYS A 55 -1.65 -8.15 -1.70
C LYS A 55 -0.24 -8.31 -1.10
N TYR A 56 0.74 -7.55 -1.64
CA TYR A 56 2.14 -7.71 -1.29
C TYR A 56 2.47 -6.93 0.00
N MET A 57 1.91 -5.71 0.15
CA MET A 57 2.03 -4.96 1.42
C MET A 57 1.33 -5.71 2.54
N LYS A 58 0.27 -6.46 2.20
CA LYS A 58 -0.40 -7.35 3.15
C LYS A 58 0.60 -8.41 3.63
N ARG A 59 1.27 -9.11 2.68
CA ARG A 59 2.32 -10.11 3.00
C ARG A 59 3.43 -9.52 3.93
N LEU A 60 3.92 -8.33 3.57
CA LEU A 60 5.11 -7.72 4.19
C LEU A 60 4.79 -7.11 5.56
N MET A 61 3.63 -6.43 5.67
CA MET A 61 3.17 -5.81 6.93
C MET A 61 2.60 -6.86 7.92
N GLN A 62 2.22 -8.06 7.41
CA GLN A 62 1.86 -9.22 8.26
C GLN A 62 3.12 -10.06 8.59
N GLN A 63 4.18 -9.89 7.77
CA GLN A 63 5.53 -10.43 8.07
C GLN A 63 6.19 -9.57 9.18
N SER A 64 5.89 -8.26 9.15
CA SER A 64 6.29 -7.32 10.18
C SER A 64 5.28 -7.40 11.34
N VAL A 65 5.65 -8.17 12.39
CA VAL A 65 4.82 -8.39 13.60
C VAL A 65 4.67 -7.09 14.44
N GLU A 66 5.50 -6.07 14.09
CA GLU A 66 5.47 -4.74 14.70
C GLU A 66 4.06 -4.14 14.70
N SER A 67 3.55 -3.83 15.91
CA SER A 67 2.19 -3.34 16.14
C SER A 67 1.95 -2.01 15.40
N VAL A 68 3.04 -1.21 15.22
CA VAL A 68 2.99 0.05 14.46
C VAL A 68 2.73 -0.21 12.95
N TRP A 69 3.25 -1.34 12.44
CA TRP A 69 2.99 -1.80 11.05
C TRP A 69 1.60 -2.41 10.92
N ASN A 70 1.05 -2.90 12.04
CA ASN A 70 -0.31 -3.48 12.08
C ASN A 70 -1.36 -2.35 12.02
N MET A 71 -1.04 -1.22 12.68
CA MET A 71 -1.89 0.00 12.68
C MET A 71 -1.74 0.74 11.34
N ALA A 72 -0.48 0.83 10.86
CA ALA A 72 -0.16 1.46 9.56
C ALA A 72 -0.88 0.73 8.43
N PHE A 73 -0.78 -0.62 8.44
CA PHE A 73 -1.46 -1.50 7.47
C PHE A 73 -2.98 -1.29 7.52
N ASP A 74 -3.53 -1.26 8.74
CA ASP A 74 -4.99 -1.13 8.94
C ASP A 74 -5.50 0.23 8.39
N PHE A 75 -4.73 1.29 8.63
CA PHE A 75 -5.08 2.67 8.22
C PHE A 75 -5.01 2.80 6.68
N ILE A 76 -3.86 2.39 6.12
CA ILE A 76 -3.60 2.45 4.67
C ILE A 76 -4.65 1.65 3.89
N LEU A 77 -4.84 0.38 4.30
CA LEU A 77 -5.77 -0.54 3.64
C LEU A 77 -7.20 0.02 3.71
N ASP A 78 -7.58 0.52 4.90
CA ASP A 78 -8.89 1.17 5.13
C ASP A 78 -9.14 2.29 4.10
N ASN A 79 -8.25 3.28 4.12
CA ASN A 79 -8.38 4.51 3.32
C ASN A 79 -8.43 4.22 1.81
N VAL A 80 -7.48 3.39 1.34
CA VAL A 80 -7.33 3.05 -0.08
C VAL A 80 -8.56 2.26 -0.60
N GLN A 81 -8.94 1.20 0.13
CA GLN A 81 -10.05 0.31 -0.28
C GLN A 81 -11.42 1.02 -0.18
N VAL A 82 -11.55 2.01 0.73
CA VAL A 82 -12.77 2.85 0.83
C VAL A 82 -12.89 3.77 -0.40
N VAL A 83 -11.75 4.41 -0.81
CA VAL A 83 -11.70 5.22 -2.05
C VAL A 83 -12.03 4.35 -3.27
N LEU A 84 -11.60 3.08 -3.21
CA LEU A 84 -11.85 2.08 -4.26
C LEU A 84 -13.35 1.71 -4.33
N GLN A 85 -14.04 1.74 -3.18
CA GLN A 85 -15.53 1.60 -3.10
C GLN A 85 -16.23 2.86 -3.63
N GLN A 86 -15.58 4.03 -3.47
CA GLN A 86 -16.10 5.32 -3.97
C GLN A 86 -15.94 5.42 -5.50
N THR A 87 -14.91 4.74 -6.05
CA THR A 87 -14.59 4.79 -7.49
C THR A 87 -15.31 3.68 -8.27
N TYR A 88 -15.02 2.41 -7.93
CA TYR A 88 -15.51 1.21 -8.68
C TYR A 88 -16.66 0.49 -7.97
N GLY A 89 -16.99 0.88 -6.73
CA GLY A 89 -18.07 0.24 -5.95
C GLY A 89 -17.55 -0.89 -5.07
N SER A 90 -16.80 -1.82 -5.68
CA SER A 90 -16.21 -2.97 -4.97
C SER A 90 -14.68 -2.78 -4.82
N THR A 91 -14.02 -3.72 -4.10
CA THR A 91 -12.58 -3.70 -3.85
C THR A 91 -11.88 -4.92 -4.48
N LEU A 92 -10.53 -4.87 -4.56
CA LEU A 92 -9.71 -6.06 -4.82
C LEU A 92 -9.73 -6.92 -3.54
N LYS A 93 -10.45 -8.04 -3.64
CA LYS A 93 -10.66 -9.03 -2.57
C LYS A 93 -9.44 -9.99 -2.42
N VAL A 94 -8.23 -9.45 -2.65
CA VAL A 94 -7.00 -10.24 -2.82
C VAL A 94 -6.17 -10.23 -1.52
N THR A 95 -5.91 -11.44 -1.02
CA THR A 95 -5.15 -11.69 0.19
C THR A 95 -4.02 -12.71 -0.13
N GLY A 1 2.17 8.96 -9.81
CA GLY A 1 3.18 9.33 -8.79
C GLY A 1 4.14 8.18 -8.48
N ASN A 2 4.99 8.39 -7.47
CA ASN A 2 5.97 7.38 -6.99
C ASN A 2 5.66 7.01 -5.53
N LEU A 3 6.31 5.95 -5.03
CA LEU A 3 6.23 5.52 -3.63
C LEU A 3 7.66 5.33 -3.11
N ALA A 4 8.08 6.26 -2.22
CA ALA A 4 9.44 6.31 -1.66
C ALA A 4 10.52 6.48 -2.76
N GLY A 5 10.09 7.02 -3.92
CA GLY A 5 10.94 7.17 -5.11
C GLY A 5 10.62 6.16 -6.21
N ALA A 6 10.18 4.95 -5.82
CA ALA A 6 9.93 3.84 -6.75
C ALA A 6 8.61 4.03 -7.53
N VAL A 7 8.72 4.25 -8.85
CA VAL A 7 7.57 4.40 -9.77
C VAL A 7 7.26 3.05 -10.45
N GLU A 8 8.31 2.45 -11.02
CA GLU A 8 8.23 1.18 -11.79
C GLU A 8 7.67 0.02 -10.94
N PHE A 9 6.88 -0.85 -11.60
CA PHE A 9 6.09 -1.94 -10.98
C PHE A 9 6.92 -2.79 -9.98
N ASN A 10 7.98 -3.42 -10.52
CA ASN A 10 8.84 -4.36 -9.78
C ASN A 10 9.74 -3.62 -8.78
N ASP A 11 10.01 -2.34 -9.06
CA ASP A 11 10.80 -1.46 -8.19
C ASP A 11 9.99 -1.06 -6.95
N VAL A 12 8.66 -0.89 -7.13
CA VAL A 12 7.73 -0.64 -6.01
C VAL A 12 7.72 -1.86 -5.08
N LYS A 13 7.48 -3.03 -5.68
CA LYS A 13 7.38 -4.29 -4.93
C LYS A 13 8.68 -4.57 -4.13
N THR A 14 9.82 -4.58 -4.84
CA THR A 14 11.14 -4.93 -4.27
C THR A 14 11.62 -3.91 -3.22
N LEU A 15 11.69 -2.62 -3.60
CA LEU A 15 12.25 -1.55 -2.73
C LEU A 15 11.38 -1.36 -1.48
N LEU A 16 10.05 -1.33 -1.65
CA LEU A 16 9.10 -1.17 -0.51
C LEU A 16 9.00 -2.45 0.35
N ARG A 17 9.35 -3.62 -0.24
CA ARG A 17 9.54 -4.87 0.54
C ARG A 17 10.70 -4.70 1.52
N GLU A 18 11.89 -4.39 0.97
CA GLU A 18 13.13 -4.22 1.73
C GLU A 18 12.98 -3.08 2.77
N TRP A 19 12.12 -2.10 2.43
CA TRP A 19 11.80 -0.95 3.29
C TRP A 19 11.00 -1.41 4.53
N ILE A 20 9.79 -1.98 4.32
CA ILE A 20 8.87 -2.38 5.42
C ILE A 20 9.52 -3.42 6.37
N THR A 21 10.31 -4.35 5.79
CA THR A 21 10.92 -5.46 6.55
C THR A 21 12.20 -5.05 7.33
N THR A 22 12.70 -3.80 7.13
CA THR A 22 13.84 -3.26 7.92
C THR A 22 13.33 -2.16 8.87
N ILE A 23 12.61 -1.18 8.29
CA ILE A 23 11.91 -0.13 9.03
C ILE A 23 10.83 -0.78 9.91
N SER A 24 11.12 -0.89 11.20
CA SER A 24 10.18 -1.37 12.23
C SER A 24 9.46 -0.16 12.90
N ASP A 25 9.96 1.04 12.60
CA ASP A 25 9.46 2.32 13.14
C ASP A 25 9.21 3.29 11.96
N PRO A 26 7.99 3.29 11.35
CA PRO A 26 7.63 4.24 10.26
C PRO A 26 7.18 5.62 10.80
N MET A 27 7.14 6.61 9.91
CA MET A 27 6.64 7.96 10.21
C MET A 27 5.33 8.18 9.45
N GLU A 28 4.49 9.11 9.93
CA GLU A 28 3.16 9.39 9.35
C GLU A 28 3.27 9.79 7.85
N GLU A 29 4.38 10.48 7.53
CA GLU A 29 4.68 10.98 6.16
C GLU A 29 4.69 9.83 5.14
N ASP A 30 5.52 8.81 5.43
CA ASP A 30 5.74 7.66 4.52
C ASP A 30 4.55 6.66 4.58
N ILE A 31 3.88 6.57 5.73
CA ILE A 31 2.60 5.82 5.88
C ILE A 31 1.54 6.40 4.92
N LEU A 32 1.44 7.74 4.89
CA LEU A 32 0.49 8.46 4.04
C LEU A 32 0.94 8.45 2.57
N GLN A 33 2.25 8.30 2.29
CA GLN A 33 2.77 8.10 0.91
C GLN A 33 2.19 6.82 0.30
N VAL A 34 2.09 5.75 1.13
CA VAL A 34 1.53 4.45 0.71
C VAL A 34 0.01 4.59 0.43
N VAL A 35 -0.69 5.39 1.28
CA VAL A 35 -2.12 5.71 1.09
C VAL A 35 -2.33 6.44 -0.26
N LYS A 36 -1.51 7.49 -0.46
CA LYS A 36 -1.58 8.39 -1.64
C LYS A 36 -1.20 7.67 -2.93
N TYR A 37 -0.31 6.67 -2.83
CA TYR A 37 0.14 5.90 -3.99
C TYR A 37 -0.95 4.92 -4.43
N CYS A 38 -1.50 4.20 -3.45
CA CYS A 38 -2.57 3.23 -3.67
C CYS A 38 -3.87 3.93 -4.12
N THR A 39 -4.00 5.24 -3.79
CA THR A 39 -5.09 6.09 -4.32
C THR A 39 -4.74 6.59 -5.75
N ASP A 40 -3.46 6.95 -5.95
CA ASP A 40 -2.92 7.50 -7.23
C ASP A 40 -3.18 6.57 -8.42
N LEU A 41 -2.90 5.28 -8.21
CA LEU A 41 -3.11 4.23 -9.24
C LEU A 41 -4.62 3.93 -9.44
N ILE A 42 -5.47 4.21 -8.42
CA ILE A 42 -6.96 4.14 -8.59
C ILE A 42 -7.44 5.35 -9.44
N GLU A 43 -6.72 6.49 -9.32
CA GLU A 43 -6.96 7.68 -10.14
C GLU A 43 -6.49 7.46 -11.60
N GLU A 44 -5.55 6.50 -11.77
CA GLU A 44 -5.14 6.01 -13.10
C GLU A 44 -5.99 4.78 -13.51
N LYS A 45 -6.85 4.33 -12.59
CA LYS A 45 -7.80 3.20 -12.79
C LYS A 45 -7.07 1.86 -13.00
N ASP A 46 -5.77 1.84 -12.66
CA ASP A 46 -4.89 0.69 -12.84
C ASP A 46 -5.05 -0.24 -11.63
N LEU A 47 -5.92 -1.25 -11.80
CA LEU A 47 -6.22 -2.23 -10.76
C LEU A 47 -5.17 -3.36 -10.72
N GLU A 48 -4.24 -3.36 -11.70
CA GLU A 48 -3.09 -4.30 -11.69
C GLU A 48 -2.15 -3.91 -10.54
N LYS A 49 -1.85 -2.61 -10.50
CA LYS A 49 -1.02 -1.98 -9.46
C LYS A 49 -1.71 -2.04 -8.10
N LEU A 50 -3.05 -1.93 -8.10
CA LEU A 50 -3.86 -2.06 -6.87
C LEU A 50 -3.74 -3.48 -6.32
N ASP A 51 -3.99 -4.44 -7.20
CA ASP A 51 -3.94 -5.89 -6.89
C ASP A 51 -2.61 -6.27 -6.20
N LEU A 52 -1.51 -5.86 -6.87
CA LEU A 52 -0.12 -6.06 -6.40
C LEU A 52 0.10 -5.37 -5.05
N VAL A 53 -0.09 -4.03 -5.02
CA VAL A 53 0.29 -3.21 -3.86
C VAL A 53 -0.49 -3.63 -2.60
N ILE A 54 -1.77 -4.01 -2.75
CA ILE A 54 -2.64 -4.41 -1.61
C ILE A 54 -2.19 -5.75 -0.99
N LYS A 55 -2.14 -6.84 -1.82
CA LYS A 55 -1.80 -8.18 -1.30
C LYS A 55 -0.35 -8.23 -0.76
N TYR A 56 0.55 -7.53 -1.47
CA TYR A 56 1.99 -7.53 -1.18
C TYR A 56 2.24 -6.72 0.11
N MET A 57 1.63 -5.52 0.21
CA MET A 57 1.69 -4.62 1.41
C MET A 57 1.28 -5.40 2.66
N LYS A 58 0.16 -6.12 2.54
CA LYS A 58 -0.38 -6.99 3.60
C LYS A 58 0.69 -7.96 4.11
N ARG A 59 1.23 -8.75 3.15
CA ARG A 59 2.28 -9.77 3.43
C ARG A 59 3.46 -9.15 4.19
N LEU A 60 3.95 -8.00 3.69
CA LEU A 60 5.15 -7.31 4.21
C LEU A 60 4.92 -6.71 5.61
N MET A 61 3.72 -6.16 5.83
CA MET A 61 3.35 -5.51 7.11
C MET A 61 3.00 -6.54 8.18
N GLN A 62 2.71 -7.79 7.75
CA GLN A 62 2.53 -8.94 8.65
C GLN A 62 3.89 -9.68 8.84
N GLN A 63 4.83 -9.48 7.89
CA GLN A 63 6.24 -9.96 8.03
C GLN A 63 6.95 -9.13 9.10
N SER A 64 6.72 -7.80 9.05
CA SER A 64 7.13 -6.89 10.11
C SER A 64 6.16 -7.04 11.30
N VAL A 65 6.62 -7.77 12.35
CA VAL A 65 5.77 -8.20 13.49
C VAL A 65 5.58 -7.08 14.55
N GLU A 66 5.72 -5.83 14.12
CA GLU A 66 5.43 -4.64 14.94
C GLU A 66 3.94 -4.29 14.86
N SER A 67 3.38 -3.89 16.01
CA SER A 67 1.95 -3.50 16.13
C SER A 67 1.68 -2.22 15.31
N VAL A 68 2.69 -1.35 15.20
CA VAL A 68 2.59 -0.08 14.43
C VAL A 68 2.31 -0.36 12.93
N TRP A 69 2.93 -1.41 12.37
CA TRP A 69 2.72 -1.82 10.95
C TRP A 69 1.38 -2.52 10.74
N ASN A 70 0.91 -3.19 11.79
CA ASN A 70 -0.38 -3.89 11.78
C ASN A 70 -1.54 -2.85 11.79
N MET A 71 -1.36 -1.79 12.61
CA MET A 71 -2.30 -0.65 12.73
C MET A 71 -2.24 0.22 11.47
N ALA A 72 -1.01 0.40 10.95
CA ALA A 72 -0.73 1.19 9.73
C ALA A 72 -1.38 0.55 8.53
N PHE A 73 -1.26 -0.79 8.40
CA PHE A 73 -1.89 -1.55 7.30
C PHE A 73 -3.42 -1.39 7.35
N ASP A 74 -3.99 -1.52 8.55
CA ASP A 74 -5.44 -1.39 8.75
C ASP A 74 -5.95 0.00 8.31
N PHE A 75 -5.18 1.04 8.64
CA PHE A 75 -5.49 2.44 8.27
C PHE A 75 -5.40 2.63 6.74
N ILE A 76 -4.22 2.30 6.18
CA ILE A 76 -3.92 2.49 4.74
C ILE A 76 -4.93 1.74 3.87
N LEU A 77 -5.07 0.43 4.14
CA LEU A 77 -6.03 -0.45 3.44
C LEU A 77 -7.43 0.17 3.48
N ASP A 78 -7.88 0.56 4.70
CA ASP A 78 -9.23 1.16 4.92
C ASP A 78 -9.50 2.32 3.93
N ASN A 79 -8.62 3.35 3.96
CA ASN A 79 -8.74 4.56 3.10
C ASN A 79 -8.80 4.19 1.60
N VAL A 80 -7.93 3.26 1.19
CA VAL A 80 -7.83 2.78 -0.21
C VAL A 80 -9.13 2.05 -0.65
N GLN A 81 -9.70 1.28 0.29
CA GLN A 81 -10.96 0.53 0.07
C GLN A 81 -12.14 1.50 -0.10
N VAL A 82 -12.12 2.60 0.69
CA VAL A 82 -13.15 3.67 0.62
C VAL A 82 -13.11 4.34 -0.77
N VAL A 83 -11.88 4.66 -1.23
CA VAL A 83 -11.65 5.26 -2.57
C VAL A 83 -12.23 4.35 -3.68
N LEU A 84 -11.95 3.04 -3.57
CA LEU A 84 -12.48 2.00 -4.49
C LEU A 84 -14.03 1.90 -4.44
N GLN A 85 -14.60 2.00 -3.23
CA GLN A 85 -16.07 1.93 -3.02
C GLN A 85 -16.77 3.16 -3.64
N GLN A 86 -16.05 4.28 -3.74
CA GLN A 86 -16.57 5.51 -4.37
C GLN A 86 -16.28 5.56 -5.89
N THR A 87 -15.12 5.03 -6.32
CA THR A 87 -14.67 5.07 -7.73
C THR A 87 -15.38 3.97 -8.56
N TYR A 88 -15.19 2.71 -8.15
CA TYR A 88 -15.75 1.53 -8.85
C TYR A 88 -17.09 1.09 -8.24
N GLY A 89 -17.29 1.42 -6.96
CA GLY A 89 -18.47 0.94 -6.21
C GLY A 89 -18.18 -0.35 -5.44
N SER A 90 -17.06 -0.99 -5.79
CA SER A 90 -16.59 -2.23 -5.16
C SER A 90 -15.06 -2.18 -5.01
N THR A 91 -14.50 -3.10 -4.19
CA THR A 91 -13.06 -3.26 -3.99
C THR A 91 -12.60 -4.58 -4.61
N LEU A 92 -11.28 -4.73 -4.76
CA LEU A 92 -10.66 -5.95 -5.32
C LEU A 92 -10.57 -7.03 -4.22
N LYS A 93 -10.73 -8.29 -4.65
CA LYS A 93 -10.92 -9.45 -3.76
C LYS A 93 -9.65 -9.84 -2.97
N VAL A 94 -8.50 -9.28 -3.38
CA VAL A 94 -7.16 -9.63 -2.84
C VAL A 94 -6.80 -8.79 -1.57
N THR A 95 -7.84 -8.47 -0.78
CA THR A 95 -7.73 -7.69 0.46
C THR A 95 -6.74 -8.33 1.48
N GLY A 1 2.08 9.09 -9.64
CA GLY A 1 2.48 9.12 -8.22
C GLY A 1 3.83 8.49 -7.98
N ASN A 2 4.30 8.57 -6.73
CA ASN A 2 5.61 8.05 -6.29
C ASN A 2 5.48 7.57 -4.84
N LEU A 3 6.13 6.43 -4.53
CA LEU A 3 6.11 5.82 -3.19
C LEU A 3 7.57 5.59 -2.75
N ALA A 4 8.07 6.47 -1.87
CA ALA A 4 9.40 6.32 -1.22
C ALA A 4 10.56 6.24 -2.25
N GLY A 5 10.46 7.06 -3.32
CA GLY A 5 11.49 7.13 -4.37
C GLY A 5 11.22 6.19 -5.55
N ALA A 6 10.26 5.27 -5.37
CA ALA A 6 9.91 4.26 -6.37
C ALA A 6 8.58 4.62 -7.06
N VAL A 7 8.65 4.93 -8.36
CA VAL A 7 7.46 5.24 -9.19
C VAL A 7 6.94 3.95 -9.87
N GLU A 8 7.89 3.25 -10.52
CA GLU A 8 7.59 2.10 -11.40
C GLU A 8 7.18 0.84 -10.60
N PHE A 9 6.37 -0.03 -11.23
CA PHE A 9 5.61 -1.12 -10.57
C PHE A 9 6.48 -2.03 -9.66
N ASN A 10 7.47 -2.72 -10.27
CA ASN A 10 8.34 -3.69 -9.58
C ASN A 10 9.29 -3.01 -8.60
N ASP A 11 9.69 -1.75 -8.92
CA ASP A 11 10.53 -0.93 -8.04
C ASP A 11 9.79 -0.62 -6.73
N VAL A 12 8.47 -0.34 -6.83
CA VAL A 12 7.62 -0.10 -5.64
C VAL A 12 7.56 -1.36 -4.77
N LYS A 13 7.28 -2.51 -5.42
CA LYS A 13 7.16 -3.80 -4.70
C LYS A 13 8.45 -4.14 -3.93
N THR A 14 9.59 -4.04 -4.62
CA THR A 14 10.91 -4.42 -4.06
C THR A 14 11.38 -3.42 -2.99
N LEU A 15 11.47 -2.13 -3.34
CA LEU A 15 12.05 -1.09 -2.47
C LEU A 15 11.19 -0.87 -1.21
N LEU A 16 9.86 -1.02 -1.33
CA LEU A 16 8.95 -0.94 -0.17
C LEU A 16 8.92 -2.28 0.59
N ARG A 17 9.26 -3.42 -0.05
CA ARG A 17 9.50 -4.68 0.67
C ARG A 17 10.69 -4.51 1.62
N GLU A 18 11.80 -4.01 1.05
CA GLU A 18 13.05 -3.77 1.79
C GLU A 18 12.78 -2.78 2.94
N TRP A 19 12.03 -1.70 2.63
CA TRP A 19 11.65 -0.67 3.61
C TRP A 19 10.87 -1.30 4.80
N ILE A 20 9.72 -1.92 4.49
CA ILE A 20 8.78 -2.48 5.49
C ILE A 20 9.47 -3.54 6.41
N THR A 21 10.37 -4.36 5.82
CA THR A 21 11.01 -5.48 6.54
C THR A 21 12.20 -5.01 7.43
N THR A 22 13.04 -4.07 6.91
CA THR A 22 14.25 -3.60 7.62
C THR A 22 13.88 -2.54 8.68
N ILE A 23 13.10 -1.54 8.24
CA ILE A 23 12.64 -0.44 9.09
C ILE A 23 11.61 -0.95 10.12
N SER A 24 11.86 -0.61 11.39
CA SER A 24 11.03 -1.00 12.53
C SER A 24 10.08 0.17 12.93
N ASP A 25 10.44 1.39 12.51
CA ASP A 25 9.72 2.62 12.88
C ASP A 25 9.15 3.32 11.62
N PRO A 26 7.82 3.13 11.30
CA PRO A 26 7.21 3.81 10.14
C PRO A 26 6.85 5.29 10.47
N MET A 27 7.33 6.21 9.63
CA MET A 27 7.07 7.65 9.78
C MET A 27 5.75 8.00 9.06
N GLU A 28 4.97 8.93 9.66
CA GLU A 28 3.60 9.27 9.20
C GLU A 28 3.54 9.60 7.70
N GLU A 29 4.54 10.38 7.24
CA GLU A 29 4.62 10.85 5.84
C GLU A 29 4.65 9.67 4.87
N ASP A 30 5.48 8.66 5.19
CA ASP A 30 5.66 7.45 4.36
C ASP A 30 4.39 6.61 4.36
N ILE A 31 3.77 6.47 5.55
CA ILE A 31 2.48 5.77 5.74
C ILE A 31 1.39 6.39 4.83
N LEU A 32 1.38 7.74 4.77
CA LEU A 32 0.47 8.52 3.93
C LEU A 32 0.83 8.35 2.44
N GLN A 33 2.14 8.27 2.12
CA GLN A 33 2.63 8.11 0.72
C GLN A 33 2.25 6.74 0.14
N VAL A 34 2.09 5.72 1.02
CA VAL A 34 1.63 4.38 0.60
C VAL A 34 0.15 4.50 0.15
N VAL A 35 -0.63 5.25 0.94
CA VAL A 35 -2.03 5.58 0.61
C VAL A 35 -2.10 6.37 -0.71
N LYS A 36 -1.19 7.36 -0.85
CA LYS A 36 -1.16 8.29 -2.01
C LYS A 36 -0.95 7.55 -3.33
N TYR A 37 0.06 6.66 -3.36
CA TYR A 37 0.39 5.89 -4.58
C TYR A 37 -0.70 4.87 -4.89
N CYS A 38 -1.21 4.19 -3.84
CA CYS A 38 -2.27 3.17 -3.99
C CYS A 38 -3.65 3.81 -4.34
N THR A 39 -3.79 5.13 -4.09
CA THR A 39 -4.94 5.93 -4.56
C THR A 39 -4.68 6.45 -6.00
N ASP A 40 -3.40 6.79 -6.28
CA ASP A 40 -2.95 7.36 -7.58
C ASP A 40 -3.25 6.38 -8.74
N LEU A 41 -2.91 5.11 -8.53
CA LEU A 41 -3.15 4.05 -9.53
C LEU A 41 -4.67 3.76 -9.70
N ILE A 42 -5.49 4.03 -8.65
CA ILE A 42 -6.97 3.97 -8.77
C ILE A 42 -7.46 5.12 -9.68
N GLU A 43 -6.78 6.28 -9.57
CA GLU A 43 -7.04 7.46 -10.40
C GLU A 43 -6.52 7.25 -11.85
N GLU A 44 -5.50 6.39 -12.00
CA GLU A 44 -5.01 5.95 -13.32
C GLU A 44 -5.85 4.77 -13.85
N LYS A 45 -6.84 4.34 -13.04
CA LYS A 45 -7.77 3.21 -13.34
C LYS A 45 -7.04 1.85 -13.39
N ASP A 46 -5.80 1.83 -12.91
CA ASP A 46 -4.94 0.65 -12.87
C ASP A 46 -5.24 -0.15 -11.59
N LEU A 47 -6.22 -1.06 -11.68
CA LEU A 47 -6.60 -1.95 -10.56
C LEU A 47 -5.72 -3.21 -10.52
N GLU A 48 -4.88 -3.41 -11.55
CA GLU A 48 -3.93 -4.53 -11.62
C GLU A 48 -2.86 -4.38 -10.52
N LYS A 49 -2.14 -3.25 -10.58
CA LYS A 49 -1.11 -2.88 -9.61
C LYS A 49 -1.73 -2.69 -8.21
N LEU A 50 -3.02 -2.28 -8.14
CA LEU A 50 -3.78 -2.21 -6.87
C LEU A 50 -3.79 -3.59 -6.22
N ASP A 51 -4.37 -4.55 -6.95
CA ASP A 51 -4.62 -5.93 -6.50
C ASP A 51 -3.31 -6.58 -5.97
N LEU A 52 -2.26 -6.39 -6.79
CA LEU A 52 -0.90 -6.89 -6.53
C LEU A 52 -0.25 -6.20 -5.30
N VAL A 53 -0.27 -4.85 -5.27
CA VAL A 53 0.43 -4.08 -4.22
C VAL A 53 -0.24 -4.28 -2.85
N ILE A 54 -1.58 -4.42 -2.85
CA ILE A 54 -2.36 -4.62 -1.62
C ILE A 54 -2.04 -5.98 -0.97
N LYS A 55 -2.16 -7.08 -1.76
CA LYS A 55 -1.90 -8.45 -1.23
C LYS A 55 -0.42 -8.58 -0.77
N TYR A 56 0.49 -7.92 -1.51
CA TYR A 56 1.94 -7.97 -1.25
C TYR A 56 2.26 -7.22 0.06
N MET A 57 1.78 -5.96 0.16
CA MET A 57 1.94 -5.11 1.36
C MET A 57 1.25 -5.71 2.59
N LYS A 58 0.21 -6.52 2.37
CA LYS A 58 -0.43 -7.28 3.45
C LYS A 58 0.57 -8.28 4.03
N ARG A 59 1.19 -9.07 3.14
CA ARG A 59 2.22 -10.05 3.53
C ARG A 59 3.39 -9.36 4.28
N LEU A 60 3.83 -8.19 3.77
CA LEU A 60 5.02 -7.47 4.26
C LEU A 60 4.75 -6.79 5.62
N MET A 61 3.66 -6.03 5.71
CA MET A 61 3.29 -5.26 6.94
C MET A 61 2.89 -6.17 8.10
N GLN A 62 2.42 -7.40 7.77
CA GLN A 62 2.17 -8.44 8.78
C GLN A 62 3.46 -9.26 9.05
N GLN A 63 4.39 -9.26 8.06
CA GLN A 63 5.74 -9.88 8.23
C GLN A 63 6.61 -9.04 9.19
N SER A 64 6.29 -7.74 9.30
CA SER A 64 6.91 -6.82 10.28
C SER A 64 6.54 -7.20 11.72
N VAL A 65 5.45 -8.00 11.87
CA VAL A 65 4.94 -8.59 13.17
C VAL A 65 4.87 -7.60 14.36
N GLU A 66 4.81 -6.30 14.05
CA GLU A 66 4.78 -5.21 15.06
C GLU A 66 3.45 -4.46 14.91
N SER A 67 2.81 -4.15 16.06
CA SER A 67 1.42 -3.61 16.11
C SER A 67 1.27 -2.31 15.32
N VAL A 68 2.32 -1.47 15.31
CA VAL A 68 2.30 -0.18 14.60
C VAL A 68 2.24 -0.37 13.06
N TRP A 69 2.84 -1.46 12.56
CA TRP A 69 2.81 -1.81 11.12
C TRP A 69 1.48 -2.50 10.76
N ASN A 70 0.84 -3.12 11.75
CA ASN A 70 -0.48 -3.74 11.58
C ASN A 70 -1.58 -2.67 11.65
N MET A 71 -1.31 -1.60 12.42
CA MET A 71 -2.20 -0.41 12.51
C MET A 71 -1.98 0.52 11.32
N ALA A 72 -0.73 0.57 10.84
CA ALA A 72 -0.38 1.30 9.61
C ALA A 72 -1.02 0.60 8.42
N PHE A 73 -0.97 -0.74 8.42
CA PHE A 73 -1.62 -1.57 7.39
C PHE A 73 -3.14 -1.34 7.42
N ASP A 74 -3.73 -1.40 8.63
CA ASP A 74 -5.18 -1.21 8.82
C ASP A 74 -5.64 0.17 8.29
N PHE A 75 -4.83 1.19 8.58
CA PHE A 75 -5.07 2.58 8.15
C PHE A 75 -5.00 2.71 6.61
N ILE A 76 -3.81 2.39 6.06
CA ILE A 76 -3.50 2.50 4.63
C ILE A 76 -4.53 1.73 3.79
N LEU A 77 -4.75 0.48 4.19
CA LEU A 77 -5.70 -0.42 3.52
C LEU A 77 -7.09 0.22 3.51
N ASP A 78 -7.56 0.61 4.71
CA ASP A 78 -8.93 1.14 4.92
C ASP A 78 -9.22 2.33 4.01
N ASN A 79 -8.26 3.27 3.97
CA ASN A 79 -8.37 4.51 3.17
C ASN A 79 -8.47 4.18 1.66
N VAL A 80 -7.56 3.31 1.21
CA VAL A 80 -7.51 2.86 -0.21
C VAL A 80 -8.80 2.09 -0.59
N GLN A 81 -9.32 1.29 0.36
CA GLN A 81 -10.52 0.45 0.14
C GLN A 81 -11.77 1.34 0.00
N VAL A 82 -11.87 2.38 0.85
CA VAL A 82 -13.00 3.35 0.80
C VAL A 82 -12.99 4.09 -0.55
N VAL A 83 -11.80 4.56 -0.97
CA VAL A 83 -11.61 5.25 -2.28
C VAL A 83 -12.02 4.33 -3.45
N LEU A 84 -11.67 3.05 -3.33
CA LEU A 84 -11.99 2.02 -4.33
C LEU A 84 -13.52 1.80 -4.40
N GLN A 85 -14.20 1.94 -3.25
CA GLN A 85 -15.67 1.86 -3.16
C GLN A 85 -16.34 3.14 -3.71
N GLN A 86 -15.66 4.30 -3.52
CA GLN A 86 -16.15 5.60 -4.04
C GLN A 86 -16.01 5.67 -5.56
N THR A 87 -15.02 4.95 -6.11
CA THR A 87 -14.73 4.96 -7.54
C THR A 87 -15.51 3.84 -8.27
N TYR A 88 -15.25 2.59 -7.89
CA TYR A 88 -15.75 1.39 -8.62
C TYR A 88 -16.91 0.67 -7.90
N GLY A 89 -17.41 1.25 -6.80
CA GLY A 89 -18.54 0.65 -6.06
C GLY A 89 -18.09 -0.36 -5.00
N SER A 90 -17.27 -1.33 -5.42
CA SER A 90 -16.71 -2.35 -4.54
C SER A 90 -15.20 -2.50 -4.80
N THR A 91 -14.50 -3.19 -3.89
CA THR A 91 -13.05 -3.37 -3.94
C THR A 91 -12.67 -4.64 -4.72
N LEU A 92 -11.37 -4.80 -4.98
CA LEU A 92 -10.75 -6.06 -5.47
C LEU A 92 -10.86 -7.15 -4.39
N LYS A 93 -10.79 -8.43 -4.79
CA LYS A 93 -10.87 -9.60 -3.87
C LYS A 93 -9.55 -9.82 -3.06
N VAL A 94 -8.97 -8.70 -2.60
CA VAL A 94 -7.66 -8.63 -1.93
C VAL A 94 -7.73 -8.92 -0.42
N THR A 95 -8.96 -9.11 0.10
CA THR A 95 -9.22 -9.45 1.51
C THR A 95 -8.54 -10.81 1.90
#